data_7KVA
#
_entry.id   7KVA
#
_cell.length_a   1.00
_cell.length_b   1.00
_cell.length_c   1.00
_cell.angle_alpha   90.00
_cell.angle_beta   90.00
_cell.angle_gamma   90.00
#
_symmetry.space_group_name_H-M   'P 1'
#
loop_
_entity.id
_entity.type
_entity.pdbx_description
1 polymer 'Envelope protein E'
2 polymer 'Matrix protein M'
3 non-polymer 2-acetamido-2-deoxy-beta-D-glucopyranose
#
loop_
_entity_poly.entity_id
_entity_poly.type
_entity_poly.pdbx_seq_one_letter_code
_entity_poly.pdbx_strand_id
1 'polypeptide(L)'
;FNCLGMSNRDFLEGVSGATWVDLVLEGDSCVTIMSKDKPTIDVRMMNMEAANLAEVRSYCYLATVSELSTKAACPTMGEA
HNDKRADPSFVCKQGVVDRGWGNGCGLFGKGSIDTCAKFACSTKATGRTILKENIKYEVAIFVHGPTTVESHGNYSTQTG
AAQAGRFSITPAAPSYTLKLGEYGEVTVDCEPRSGIDTSAYYVMTVGTKTFLVHREWFMDLNLPWSSAESNVWRNRETLM
EFEEPHATKQSVIALGSQEGALHQALAGAIPVEFSSNTVKLTSGHLKCRVKMEKLQLKGTTYGVCSKAFRFLGTPADTGH
GTVVLELQYTGTDGPCKIPISSVASLNDLTPVGRLVTVNPFVSVSTANAKVLIELEPPFGDSYIVVGRGEQQINHHWHKS
GSSIGKAFTATLKGAQRLAALGDTAWDFGSVGGVFTSVGKAVHQVFGGAFRSLFGGMSWITQGLLGALLLWMGINARDRS
IAFTFLAVGGVLLFLSVNVHA
;
A,B,C
2 'polypeptide(L)' SLTVQTHGESTLSNKKGAWMDSTKATRYLVKTESWILRNPGYALVAAVIGWMLGSNTMQRVVFTVLLLLVAPAYS a,b,c
#
# COMPACT_ATOMS: atom_id res chain seq x y z
N PHE A 1 5.84 -47.66 30.27
CA PHE A 1 6.58 -48.91 30.26
C PHE A 1 7.76 -48.77 31.21
N ASN A 2 8.77 -49.61 31.05
CA ASN A 2 9.97 -49.52 31.86
C ASN A 2 10.72 -48.24 31.51
N CYS A 3 11.44 -47.70 32.49
CA CYS A 3 12.24 -46.51 32.28
C CYS A 3 13.61 -46.67 32.94
N LEU A 4 14.25 -47.81 32.66
CA LEU A 4 15.64 -48.04 33.07
C LEU A 4 16.54 -47.43 31.99
N GLY A 5 17.12 -46.28 32.29
CA GLY A 5 18.00 -45.62 31.35
C GLY A 5 17.32 -44.50 30.58
N MET A 6 16.59 -43.65 31.29
CA MET A 6 15.94 -42.49 30.71
C MET A 6 16.39 -41.24 31.45
N SER A 7 16.63 -40.17 30.70
CA SER A 7 17.10 -38.93 31.31
C SER A 7 16.06 -38.34 32.25
N ASN A 8 14.78 -38.50 31.94
CA ASN A 8 13.69 -37.99 32.75
C ASN A 8 13.06 -39.13 33.52
N ARG A 9 13.09 -39.06 34.85
CA ARG A 9 12.51 -40.09 35.69
C ARG A 9 12.17 -39.48 37.04
N ASP A 10 10.93 -39.65 37.47
CA ASP A 10 10.45 -39.09 38.73
C ASP A 10 10.16 -40.21 39.72
N PHE A 11 10.48 -39.96 40.98
CA PHE A 11 10.26 -40.93 42.05
C PHE A 11 9.23 -40.37 43.03
N LEU A 12 8.04 -40.95 43.01
CA LEU A 12 6.99 -40.59 43.96
C LEU A 12 6.96 -41.57 45.12
N GLU A 13 6.52 -41.09 46.26
CA GLU A 13 6.41 -41.90 47.47
C GLU A 13 4.95 -42.03 47.86
N GLY A 14 4.54 -43.25 48.20
CA GLY A 14 3.16 -43.51 48.57
C GLY A 14 2.86 -43.14 50.00
N VAL A 15 1.95 -42.18 50.20
CA VAL A 15 1.56 -41.79 51.54
C VAL A 15 0.90 -42.96 52.25
N SER A 16 1.18 -43.08 53.55
CA SER A 16 0.62 -44.20 54.32
C SER A 16 -0.90 -44.16 54.37
N GLY A 17 -1.49 -42.96 54.33
CA GLY A 17 -2.92 -42.80 54.39
C GLY A 17 -3.63 -42.51 53.09
N ALA A 18 -2.95 -42.61 51.96
CA ALA A 18 -3.54 -42.30 50.66
C ALA A 18 -3.60 -43.57 49.81
N THR A 19 -4.74 -43.80 49.18
CA THR A 19 -4.92 -44.96 48.31
C THR A 19 -4.69 -44.65 46.85
N TRP A 20 -4.57 -43.39 46.47
CA TRP A 20 -4.34 -42.99 45.09
C TRP A 20 -3.35 -41.84 45.05
N VAL A 21 -2.69 -41.69 43.91
CA VAL A 21 -1.75 -40.60 43.68
C VAL A 21 -2.10 -39.93 42.35
N ASP A 22 -2.13 -38.60 42.36
CA ASP A 22 -2.43 -37.82 41.18
C ASP A 22 -1.11 -37.36 40.56
N LEU A 23 -0.86 -37.78 39.32
CA LEU A 23 0.41 -37.53 38.66
C LEU A 23 0.16 -37.09 37.22
N VAL A 24 1.14 -36.37 36.67
CA VAL A 24 1.07 -35.88 35.30
C VAL A 24 2.09 -36.66 34.48
N LEU A 25 1.61 -37.37 33.47
CA LEU A 25 2.46 -38.18 32.61
C LEU A 25 2.89 -37.33 31.42
N GLU A 26 4.19 -37.05 31.34
CA GLU A 26 4.74 -36.24 30.26
C GLU A 26 5.40 -37.11 29.21
N GLY A 27 5.55 -36.55 28.01
CA GLY A 27 6.14 -37.29 26.92
C GLY A 27 7.62 -37.50 27.15
N ASP A 28 8.09 -38.73 26.92
CA ASP A 28 9.49 -39.11 27.12
C ASP A 28 9.93 -38.82 28.55
N SER A 29 9.05 -39.09 29.51
CA SER A 29 9.35 -38.89 30.92
C SER A 29 8.66 -40.00 31.71
N CYS A 30 9.30 -40.41 32.80
CA CYS A 30 8.82 -41.52 33.61
C CYS A 30 8.51 -41.06 35.03
N VAL A 31 7.55 -41.72 35.65
CA VAL A 31 7.20 -41.50 37.05
C VAL A 31 7.21 -42.85 37.74
N THR A 32 8.10 -43.00 38.73
CA THR A 32 8.21 -44.22 39.51
C THR A 32 7.56 -44.00 40.87
N ILE A 33 6.63 -44.88 41.24
CA ILE A 33 5.88 -44.76 42.48
C ILE A 33 6.31 -45.89 43.40
N MET A 34 6.77 -45.52 44.59
CA MET A 34 7.20 -46.48 45.61
C MET A 34 6.36 -46.30 46.85
N SER A 35 5.76 -47.39 47.33
CA SER A 35 4.92 -47.38 48.51
C SER A 35 5.43 -48.42 49.50
N LYS A 36 4.82 -48.46 50.68
CA LYS A 36 5.17 -49.43 51.70
C LYS A 36 4.34 -50.69 51.52
N ASP A 37 5.03 -51.84 51.49
CA ASP A 37 4.38 -53.15 51.33
C ASP A 37 3.63 -53.26 50.01
N LYS A 38 4.05 -52.50 49.01
CA LYS A 38 3.48 -52.57 47.67
C LYS A 38 4.59 -52.62 46.64
N PRO A 39 4.35 -53.30 45.52
CA PRO A 39 5.37 -53.36 44.47
C PRO A 39 5.56 -51.99 43.83
N THR A 40 6.78 -51.77 43.33
CA THR A 40 7.10 -50.52 42.67
C THR A 40 6.58 -50.53 41.23
N ILE A 41 5.90 -49.46 40.84
CA ILE A 41 5.38 -49.31 39.49
C ILE A 41 5.93 -48.02 38.91
N ASP A 42 6.06 -48.00 37.59
CA ASP A 42 6.40 -46.79 36.86
C ASP A 42 5.39 -46.60 35.74
N VAL A 43 4.81 -45.40 35.67
CA VAL A 43 3.76 -45.07 34.71
C VAL A 43 4.35 -44.12 33.68
N ARG A 44 4.11 -44.41 32.41
CA ARG A 44 4.66 -43.60 31.33
C ARG A 44 3.70 -43.63 30.15
N MET A 45 3.46 -42.48 29.55
CA MET A 45 2.65 -42.40 28.34
C MET A 45 3.56 -42.44 27.12
N MET A 46 3.18 -43.28 26.15
CA MET A 46 4.01 -43.45 24.96
C MET A 46 3.81 -42.31 23.97
N ASN A 47 2.56 -42.04 23.60
CA ASN A 47 2.26 -41.04 22.57
C ASN A 47 0.77 -40.70 22.63
N MET A 48 0.32 -39.93 21.65
CA MET A 48 -1.09 -39.64 21.46
C MET A 48 -1.43 -39.84 19.99
N GLU A 49 -2.29 -40.82 19.70
CA GLU A 49 -2.67 -41.15 18.32
C GLU A 49 -4.07 -40.60 18.06
N ALA A 50 -4.12 -39.41 17.46
CA ALA A 50 -5.37 -38.84 17.02
C ALA A 50 -5.58 -39.12 15.54
N ALA A 51 -6.75 -39.66 15.20
CA ALA A 51 -7.07 -40.08 13.85
C ALA A 51 -8.23 -39.25 13.31
N ASN A 52 -8.55 -39.48 12.04
CA ASN A 52 -9.65 -38.80 11.34
C ASN A 52 -9.49 -37.28 11.42
N LEU A 53 -8.28 -36.81 11.12
CA LEU A 53 -8.01 -35.38 11.12
C LEU A 53 -8.79 -34.68 10.01
N ALA A 54 -9.30 -33.50 10.32
CA ALA A 54 -10.10 -32.70 9.39
C ALA A 54 -9.25 -31.57 8.84
N GLU A 55 -9.15 -31.48 7.52
CA GLU A 55 -8.38 -30.42 6.90
C GLU A 55 -9.08 -29.07 7.08
N VAL A 56 -8.29 -28.03 7.35
CA VAL A 56 -8.84 -26.70 7.58
C VAL A 56 -8.43 -25.75 6.46
N ARG A 57 -7.12 -25.60 6.24
CA ARG A 57 -6.59 -24.68 5.26
C ARG A 57 -5.32 -25.26 4.66
N SER A 58 -5.11 -25.01 3.38
CA SER A 58 -3.95 -25.53 2.64
C SER A 58 -3.24 -24.36 1.96
N TYR A 59 -2.11 -23.93 2.53
CA TYR A 59 -1.30 -22.91 1.90
C TYR A 59 -0.53 -23.47 0.72
N CYS A 60 -0.16 -22.59 -0.21
CA CYS A 60 0.65 -22.95 -1.37
C CYS A 60 2.01 -22.28 -1.24
N TYR A 61 3.07 -23.09 -1.33
CA TYR A 61 4.43 -22.57 -1.26
C TYR A 61 5.19 -22.74 -2.57
N LEU A 62 4.52 -23.12 -3.65
CA LEU A 62 5.15 -23.22 -4.97
C LEU A 62 4.08 -23.03 -6.02
N ALA A 63 4.13 -21.90 -6.73
CA ALA A 63 3.14 -21.55 -7.72
C ALA A 63 3.75 -21.53 -9.12
N THR A 64 2.87 -21.55 -10.11
CA THR A 64 3.28 -21.50 -11.51
C THR A 64 2.48 -20.43 -12.23
N VAL A 65 3.16 -19.61 -13.03
CA VAL A 65 2.55 -18.50 -13.75
C VAL A 65 2.71 -18.76 -15.25
N SER A 66 1.60 -18.70 -15.98
CA SER A 66 1.61 -18.93 -17.42
C SER A 66 0.44 -18.19 -18.03
N GLU A 67 0.30 -18.32 -19.36
CA GLU A 67 -0.78 -17.69 -20.12
C GLU A 67 -0.82 -16.18 -19.85
N LEU A 68 0.32 -15.54 -20.09
CA LEU A 68 0.47 -14.13 -19.79
C LEU A 68 -0.30 -13.28 -20.79
N SER A 69 -1.03 -12.29 -20.26
CA SER A 69 -1.82 -11.39 -21.08
C SER A 69 -1.88 -10.03 -20.41
N THR A 70 -2.01 -8.98 -21.22
CA THR A 70 -2.05 -7.61 -20.71
C THR A 70 -2.85 -6.73 -21.65
N LYS A 71 -3.30 -5.60 -21.12
CA LYS A 71 -4.05 -4.63 -21.91
C LYS A 71 -3.79 -3.24 -21.34
N ALA A 72 -3.58 -2.26 -22.21
CA ALA A 72 -3.22 -0.91 -21.82
C ALA A 72 -4.33 0.06 -22.20
N ALA A 73 -4.38 1.18 -21.48
CA ALA A 73 -5.39 2.21 -21.69
C ALA A 73 -4.74 3.57 -21.85
N CYS A 74 -5.38 4.43 -22.63
CA CYS A 74 -4.90 5.78 -22.84
C CYS A 74 -4.99 6.59 -21.55
N PRO A 75 -4.05 7.50 -21.32
CA PRO A 75 -4.13 8.37 -20.12
C PRO A 75 -5.38 9.24 -20.09
N THR A 76 -5.75 9.70 -18.91
CA THR A 76 -6.95 10.51 -18.69
C THR A 76 -8.18 9.79 -19.25
N MET A 77 -8.26 8.49 -19.04
CA MET A 77 -9.41 7.69 -19.46
C MET A 77 -9.66 6.61 -18.42
N GLY A 78 -10.59 5.72 -18.74
CA GLY A 78 -10.86 4.61 -17.84
C GLY A 78 -9.65 3.70 -17.72
N GLU A 79 -9.40 3.24 -16.50
CA GLU A 79 -8.28 2.34 -16.26
C GLU A 79 -8.53 1.01 -16.96
N ALA A 80 -7.46 0.41 -17.47
CA ALA A 80 -7.58 -0.79 -18.29
C ALA A 80 -8.08 -1.96 -17.47
N HIS A 81 -8.81 -2.86 -18.14
CA HIS A 81 -9.30 -4.09 -17.53
C HIS A 81 -9.15 -5.20 -18.57
N ASN A 82 -8.28 -6.16 -18.28
CA ASN A 82 -8.06 -7.28 -19.20
C ASN A 82 -9.30 -8.15 -19.30
N ASP A 83 -9.51 -8.73 -20.49
CA ASP A 83 -10.67 -9.61 -20.67
C ASP A 83 -10.55 -10.90 -19.88
N LYS A 84 -9.33 -11.28 -19.50
CA LYS A 84 -9.12 -12.48 -18.68
C LYS A 84 -9.41 -12.23 -17.20
N ARG A 85 -9.64 -10.98 -16.80
CA ARG A 85 -9.96 -10.70 -15.41
C ARG A 85 -11.26 -11.34 -14.98
N ALA A 86 -12.22 -11.47 -15.90
CA ALA A 86 -13.46 -12.18 -15.58
C ALA A 86 -13.21 -13.68 -15.47
N ASP A 87 -12.26 -14.20 -16.23
CA ASP A 87 -11.96 -15.62 -16.19
C ASP A 87 -11.41 -16.01 -14.82
N PRO A 88 -11.94 -17.04 -14.18
CA PRO A 88 -11.42 -17.45 -12.87
C PRO A 88 -10.02 -18.01 -12.97
N SER A 89 -9.37 -18.12 -11.80
CA SER A 89 -7.99 -18.58 -11.70
C SER A 89 -7.04 -17.68 -12.49
N PHE A 90 -7.28 -16.38 -12.40
CA PHE A 90 -6.42 -15.38 -13.03
C PHE A 90 -6.19 -14.25 -12.04
N VAL A 91 -4.93 -13.85 -11.88
CA VAL A 91 -4.56 -12.79 -10.95
C VAL A 91 -4.14 -11.58 -11.76
N CYS A 92 -4.73 -10.42 -11.46
CA CYS A 92 -4.51 -9.19 -12.19
C CYS A 92 -4.02 -8.11 -11.25
N LYS A 93 -3.14 -7.24 -11.76
CA LYS A 93 -2.62 -6.12 -10.98
C LYS A 93 -2.59 -4.88 -11.87
N GLN A 94 -3.01 -3.75 -11.32
CA GLN A 94 -2.98 -2.50 -12.06
C GLN A 94 -1.61 -1.84 -11.95
N GLY A 95 -1.38 -0.86 -12.83
CA GLY A 95 -0.11 -0.15 -12.84
C GLY A 95 -0.18 0.98 -13.83
N VAL A 96 0.87 1.80 -13.81
CA VAL A 96 0.98 2.96 -14.69
C VAL A 96 2.19 2.78 -15.60
N VAL A 97 2.03 3.24 -16.85
CA VAL A 97 3.09 3.14 -17.84
C VAL A 97 3.10 4.44 -18.63
N ASP A 98 4.27 4.80 -19.16
CA ASP A 98 4.39 6.01 -19.97
C ASP A 98 3.76 5.78 -21.34
N ARG A 99 2.77 6.60 -21.68
CA ARG A 99 2.07 6.50 -22.95
C ARG A 99 2.23 7.81 -23.70
N GLY A 100 2.55 7.74 -24.98
CA GLY A 100 2.69 8.91 -25.81
C GLY A 100 2.31 8.65 -27.25
N TRP A 101 2.65 9.58 -28.14
CA TRP A 101 2.38 9.39 -29.56
C TRP A 101 3.19 8.26 -30.16
N GLY A 102 4.33 7.92 -29.56
CA GLY A 102 5.15 6.82 -30.04
C GLY A 102 4.48 5.47 -29.86
N ASN A 103 3.77 5.30 -28.75
CA ASN A 103 3.13 4.02 -28.43
C ASN A 103 1.78 3.85 -29.11
N GLY A 104 1.36 4.80 -29.94
CA GLY A 104 0.06 4.74 -30.57
C GLY A 104 -1.06 5.42 -29.83
N CYS A 105 -0.75 6.08 -28.71
CA CYS A 105 -1.76 6.78 -27.92
C CYS A 105 -2.02 8.16 -28.52
N GLY A 106 -2.81 8.97 -27.82
CA GLY A 106 -3.13 10.30 -28.29
C GLY A 106 -2.73 11.40 -27.33
N LEU A 107 -2.59 11.05 -26.05
CA LEU A 107 -2.22 12.00 -25.01
C LEU A 107 -0.98 11.51 -24.28
N PHE A 108 -0.09 12.44 -23.95
CA PHE A 108 1.11 12.11 -23.20
C PHE A 108 0.80 12.08 -21.71
N GLY A 109 1.04 10.95 -21.08
CA GLY A 109 0.77 10.84 -19.66
C GLY A 109 1.09 9.44 -19.16
N LYS A 110 0.56 9.14 -17.98
CA LYS A 110 0.77 7.84 -17.33
C LYS A 110 -0.46 6.99 -17.58
N GLY A 111 -0.43 6.22 -18.67
CA GLY A 111 -1.52 5.31 -18.96
C GLY A 111 -1.62 4.20 -17.95
N SER A 112 -2.79 3.58 -17.89
CA SER A 112 -3.07 2.52 -16.93
C SER A 112 -2.92 1.17 -17.61
N ILE A 113 -2.07 0.32 -17.05
CA ILE A 113 -1.83 -1.02 -17.58
C ILE A 113 -2.49 -2.03 -16.65
N ASP A 114 -3.03 -3.10 -17.23
CA ASP A 114 -3.69 -4.16 -16.47
C ASP A 114 -3.27 -5.50 -17.07
N THR A 115 -2.45 -6.24 -16.34
CA THR A 115 -1.95 -7.53 -16.79
C THR A 115 -2.48 -8.65 -15.89
N CYS A 116 -2.84 -9.76 -16.50
CA CYS A 116 -3.34 -10.93 -15.77
C CYS A 116 -2.54 -12.16 -16.17
N ALA A 117 -2.43 -13.10 -15.23
CA ALA A 117 -1.68 -14.32 -15.46
C ALA A 117 -2.40 -15.50 -14.83
N LYS A 118 -2.15 -16.69 -15.37
CA LYS A 118 -2.76 -17.91 -14.86
C LYS A 118 -2.00 -18.39 -13.63
N PHE A 119 -2.74 -18.67 -12.56
CA PHE A 119 -2.15 -19.13 -11.31
C PHE A 119 -2.42 -20.62 -11.16
N ALA A 120 -1.36 -21.40 -10.97
CA ALA A 120 -1.47 -22.84 -10.75
C ALA A 120 -0.49 -23.24 -9.66
N CYS A 121 -0.99 -23.85 -8.60
CA CYS A 121 -0.15 -24.27 -7.48
C CYS A 121 0.42 -25.65 -7.75
N SER A 122 1.72 -25.82 -7.47
CA SER A 122 2.39 -27.10 -7.67
C SER A 122 2.34 -28.02 -6.44
N THR A 123 2.88 -27.56 -5.32
CA THR A 123 2.83 -28.29 -4.06
C THR A 123 2.27 -27.35 -3.01
N LYS A 124 1.44 -27.88 -2.12
CA LYS A 124 0.75 -27.07 -1.12
C LYS A 124 1.02 -27.68 0.25
N ALA A 125 1.07 -26.82 1.26
CA ALA A 125 1.27 -27.23 2.65
C ALA A 125 -0.08 -27.33 3.33
N THR A 126 -0.52 -28.55 3.61
CA THR A 126 -1.86 -28.80 4.13
C THR A 126 -1.88 -28.72 5.64
N GLY A 127 -2.90 -28.05 6.18
CA GLY A 127 -3.11 -27.96 7.61
C GLY A 127 -4.39 -28.66 8.00
N ARG A 128 -4.36 -29.33 9.16
CA ARG A 128 -5.47 -30.15 9.61
C ARG A 128 -5.75 -29.88 11.08
N THR A 129 -6.99 -30.13 11.48
CA THR A 129 -7.44 -29.98 12.86
C THR A 129 -7.51 -31.35 13.53
N ILE A 130 -7.40 -31.35 14.85
CA ILE A 130 -7.49 -32.56 15.65
C ILE A 130 -8.84 -32.53 16.37
N LEU A 131 -9.70 -33.48 16.02
CA LEU A 131 -11.00 -33.59 16.69
C LEU A 131 -10.81 -34.21 18.07
N LYS A 132 -11.32 -33.55 19.10
CA LYS A 132 -11.12 -34.00 20.46
C LYS A 132 -11.78 -35.34 20.75
N GLU A 133 -12.72 -35.78 19.90
CA GLU A 133 -13.33 -37.08 20.06
C GLU A 133 -12.48 -38.22 19.51
N ASN A 134 -11.35 -37.91 18.86
CA ASN A 134 -10.48 -38.92 18.30
C ASN A 134 -9.11 -38.99 18.96
N ILE A 135 -8.84 -38.17 19.97
CA ILE A 135 -7.56 -38.22 20.67
C ILE A 135 -7.49 -39.52 21.46
N LYS A 136 -6.31 -40.14 21.48
CA LYS A 136 -6.11 -41.44 22.09
C LYS A 136 -4.68 -41.53 22.60
N TYR A 137 -4.53 -41.63 23.91
CA TYR A 137 -3.22 -41.73 24.54
C TYR A 137 -2.86 -43.19 24.76
N GLU A 138 -1.58 -43.48 24.66
CA GLU A 138 -1.06 -44.82 24.92
C GLU A 138 -0.24 -44.76 26.20
N VAL A 139 -0.81 -45.25 27.30
CA VAL A 139 -0.18 -45.27 28.61
C VAL A 139 0.22 -46.70 28.93
N ALA A 140 1.45 -46.87 29.43
CA ALA A 140 1.95 -48.19 29.79
C ALA A 140 2.37 -48.19 31.25
N ILE A 141 2.03 -49.26 31.96
CA ILE A 141 2.36 -49.44 33.36
C ILE A 141 3.19 -50.70 33.51
N PHE A 142 4.28 -50.60 34.26
CA PHE A 142 5.20 -51.71 34.49
C PHE A 142 5.42 -51.88 35.98
N VAL A 143 5.46 -53.13 36.44
CA VAL A 143 5.75 -53.44 37.84
C VAL A 143 7.15 -54.05 37.92
N HIS A 144 7.92 -53.59 38.89
CA HIS A 144 9.29 -54.06 39.06
C HIS A 144 9.26 -55.44 39.70
N GLY A 145 9.38 -56.47 38.88
CA GLY A 145 9.39 -57.83 39.34
C GLY A 145 10.63 -58.58 38.87
N PRO A 146 10.51 -59.89 38.70
CA PRO A 146 11.65 -60.69 38.24
C PRO A 146 11.94 -60.45 36.75
N THR A 147 13.01 -59.72 36.47
CA THR A 147 13.38 -59.40 35.10
C THR A 147 14.88 -59.58 34.94
N THR A 148 15.30 -59.86 33.70
CA THR A 148 16.71 -59.90 33.37
C THR A 148 17.10 -58.59 32.67
N VAL A 149 18.38 -58.46 32.31
CA VAL A 149 18.82 -57.27 31.61
C VAL A 149 18.26 -57.23 30.20
N GLU A 150 18.27 -58.37 29.50
CA GLU A 150 17.80 -58.39 28.12
C GLU A 150 16.27 -58.34 28.05
N SER A 151 15.58 -58.90 29.04
CA SER A 151 14.13 -59.00 29.02
C SER A 151 13.45 -57.84 29.74
N HIS A 152 14.20 -56.87 30.25
CA HIS A 152 13.63 -55.74 30.95
C HIS A 152 12.96 -54.74 30.01
N GLY A 153 13.21 -54.84 28.70
CA GLY A 153 12.67 -53.89 27.76
C GLY A 153 11.78 -54.51 26.71
N ASN A 154 11.73 -55.83 26.65
CA ASN A 154 10.88 -56.51 25.68
C ASN A 154 9.44 -56.50 26.19
N TYR A 155 8.55 -55.86 25.44
CA TYR A 155 7.15 -55.81 25.84
C TYR A 155 6.46 -57.17 25.73
N SER A 156 6.96 -58.06 24.88
CA SER A 156 6.36 -59.38 24.75
C SER A 156 6.55 -60.20 26.01
N THR A 157 7.78 -60.25 26.54
CA THR A 157 8.05 -61.06 27.72
C THR A 157 7.41 -60.46 28.97
N GLN A 158 7.34 -59.13 29.05
CA GLN A 158 6.70 -58.50 30.21
C GLN A 158 5.21 -58.75 30.23
N THR A 159 4.56 -58.81 29.07
CA THR A 159 3.14 -59.19 29.02
C THR A 159 2.93 -60.68 29.25
N GLY A 160 3.87 -61.51 28.77
CA GLY A 160 3.78 -62.93 29.06
C GLY A 160 3.84 -63.22 30.55
N ALA A 161 4.65 -62.47 31.28
CA ALA A 161 4.72 -62.58 32.72
C ALA A 161 3.65 -61.74 33.43
N ALA A 162 2.81 -61.03 32.68
CA ALA A 162 1.76 -60.18 33.23
C ALA A 162 2.33 -59.14 34.20
N GLN A 163 3.46 -58.54 33.82
CA GLN A 163 4.10 -57.51 34.61
C GLN A 163 4.02 -56.13 33.99
N ALA A 164 3.53 -56.02 32.76
CA ALA A 164 3.43 -54.74 32.09
C ALA A 164 2.33 -54.81 31.05
N GLY A 165 1.89 -53.64 30.61
CA GLY A 165 0.87 -53.57 29.59
C GLY A 165 0.66 -52.18 29.02
N ARG A 166 0.62 -52.08 27.70
CA ARG A 166 0.28 -50.84 27.02
C ARG A 166 -1.20 -50.82 26.73
N PHE A 167 -1.87 -49.74 27.12
CA PHE A 167 -3.31 -49.61 26.92
C PHE A 167 -3.61 -48.21 26.40
N SER A 168 -4.75 -48.09 25.73
CA SER A 168 -5.17 -46.84 25.12
C SER A 168 -6.11 -46.10 26.07
N ILE A 169 -5.82 -44.82 26.29
CA ILE A 169 -6.65 -43.95 27.11
C ILE A 169 -7.35 -42.97 26.18
N THR A 170 -8.66 -43.09 26.08
CA THR A 170 -9.49 -42.25 25.23
C THR A 170 -10.54 -41.53 26.06
N PRO A 171 -11.10 -40.42 25.58
CA PRO A 171 -12.16 -39.74 26.34
C PRO A 171 -13.35 -40.64 26.66
N ALA A 172 -13.71 -41.54 25.75
CA ALA A 172 -14.83 -42.46 25.99
C ALA A 172 -14.46 -43.60 26.94
N ALA A 173 -13.17 -43.87 27.13
CA ALA A 173 -12.70 -44.88 28.07
C ALA A 173 -11.54 -44.29 28.87
N PRO A 174 -11.81 -43.32 29.75
CA PRO A 174 -10.73 -42.66 30.48
C PRO A 174 -10.11 -43.50 31.58
N SER A 175 -10.67 -44.66 31.89
CA SER A 175 -10.17 -45.51 32.95
C SER A 175 -9.88 -46.90 32.42
N TYR A 176 -8.79 -47.48 32.91
CA TYR A 176 -8.38 -48.82 32.50
C TYR A 176 -7.80 -49.53 33.72
N THR A 177 -8.34 -50.69 34.05
CA THR A 177 -7.84 -51.51 35.16
C THR A 177 -6.92 -52.57 34.57
N LEU A 178 -5.62 -52.40 34.80
CA LEU A 178 -4.61 -53.33 34.30
C LEU A 178 -4.45 -54.49 35.27
N LYS A 179 -4.86 -55.68 34.84
CA LYS A 179 -4.73 -56.87 35.65
C LYS A 179 -3.32 -57.43 35.57
N LEU A 180 -2.74 -57.74 36.72
CA LEU A 180 -1.38 -58.23 36.82
C LEU A 180 -1.38 -59.56 37.55
N GLY A 181 -0.79 -60.58 36.95
CA GLY A 181 -0.74 -61.90 37.56
C GLY A 181 0.05 -61.91 38.86
N GLU A 182 -0.66 -62.16 39.97
CA GLU A 182 -0.13 -62.25 41.33
C GLU A 182 0.35 -60.90 41.88
N TYR A 183 0.33 -59.85 41.08
CA TYR A 183 0.66 -58.51 41.57
C TYR A 183 -0.57 -57.66 41.84
N GLY A 184 -1.76 -58.21 41.68
CA GLY A 184 -2.97 -57.45 41.87
C GLY A 184 -3.43 -56.77 40.61
N GLU A 185 -4.01 -55.59 40.74
CA GLU A 185 -4.44 -54.80 39.59
C GLU A 185 -4.27 -53.32 39.91
N VAL A 186 -3.83 -52.56 38.91
CA VAL A 186 -3.69 -51.11 39.03
C VAL A 186 -4.59 -50.46 38.00
N THR A 187 -5.43 -49.54 38.44
CA THR A 187 -6.36 -48.83 37.57
C THR A 187 -6.00 -47.35 37.55
N VAL A 188 -6.07 -46.75 36.37
CA VAL A 188 -5.70 -45.36 36.16
C VAL A 188 -6.91 -44.62 35.62
N ASP A 189 -7.20 -43.46 36.21
CA ASP A 189 -8.28 -42.60 35.77
C ASP A 189 -7.66 -41.32 35.23
N CYS A 190 -7.45 -41.26 33.93
CA CYS A 190 -6.79 -40.15 33.28
C CYS A 190 -7.80 -39.11 32.82
N GLU A 191 -7.29 -38.00 32.29
CA GLU A 191 -8.10 -36.93 31.73
C GLU A 191 -7.68 -36.66 30.29
N PRO A 192 -8.21 -37.40 29.32
CA PRO A 192 -7.76 -37.25 27.94
C PRO A 192 -8.18 -35.93 27.30
N ARG A 193 -9.40 -35.49 27.59
CA ARG A 193 -9.94 -34.30 26.93
C ARG A 193 -9.19 -33.04 27.33
N SER A 194 -8.81 -32.92 28.61
CA SER A 194 -8.08 -31.75 29.08
C SER A 194 -6.57 -31.96 29.11
N GLY A 195 -6.08 -33.11 28.66
CA GLY A 195 -4.66 -33.39 28.68
C GLY A 195 -3.87 -32.45 27.79
N ILE A 196 -4.06 -32.55 26.50
CA ILE A 196 -3.41 -31.67 25.54
C ILE A 196 -4.39 -30.57 25.13
N ASP A 197 -3.88 -29.36 24.98
CA ASP A 197 -4.69 -28.23 24.49
C ASP A 197 -4.76 -28.32 22.98
N THR A 198 -5.41 -29.38 22.50
CA THR A 198 -5.43 -29.70 21.08
C THR A 198 -6.27 -28.73 20.26
N SER A 199 -7.01 -27.84 20.91
CA SER A 199 -7.75 -26.80 20.22
C SER A 199 -6.89 -25.57 19.95
N ALA A 200 -5.61 -25.61 20.30
CA ALA A 200 -4.68 -24.52 20.05
C ALA A 200 -3.57 -24.93 19.09
N TYR A 201 -3.73 -26.06 18.40
CA TYR A 201 -2.70 -26.56 17.50
C TYR A 201 -3.30 -27.02 16.19
N TYR A 202 -2.51 -26.92 15.13
CA TYR A 202 -2.81 -27.50 13.83
C TYR A 202 -1.74 -28.52 13.47
N VAL A 203 -2.11 -29.45 12.60
CA VAL A 203 -1.20 -30.47 12.11
C VAL A 203 -0.81 -30.07 10.69
N MET A 204 0.34 -29.41 10.55
CA MET A 204 0.78 -28.87 9.27
C MET A 204 1.74 -29.85 8.61
N THR A 205 1.45 -30.21 7.35
CA THR A 205 2.26 -31.17 6.59
C THR A 205 2.86 -30.43 5.40
N VAL A 206 4.10 -29.98 5.56
CA VAL A 206 4.84 -29.29 4.50
C VAL A 206 5.86 -30.26 3.93
N GLY A 207 5.80 -30.47 2.61
CA GLY A 207 6.63 -31.45 1.96
C GLY A 207 6.27 -32.87 2.39
N THR A 208 7.24 -33.59 2.93
CA THR A 208 7.00 -34.93 3.45
C THR A 208 7.04 -35.03 4.96
N LYS A 209 7.46 -33.97 5.65
CA LYS A 209 7.51 -33.96 7.10
C LYS A 209 6.34 -33.17 7.66
N THR A 210 5.86 -33.60 8.83
CA THR A 210 4.67 -33.04 9.46
C THR A 210 5.04 -32.39 10.79
N PHE A 211 4.36 -31.30 11.11
CA PHE A 211 4.63 -30.54 12.32
C PHE A 211 3.34 -30.30 13.07
N LEU A 212 3.48 -29.88 14.33
CA LEU A 212 2.35 -29.47 15.17
C LEU A 212 2.52 -27.97 15.44
N VAL A 213 1.75 -27.16 14.74
CA VAL A 213 1.93 -25.72 14.76
C VAL A 213 0.79 -25.07 15.52
N HIS A 214 1.02 -23.84 15.99
CA HIS A 214 -0.02 -23.08 16.65
C HIS A 214 -1.09 -22.67 15.65
N ARG A 215 -2.30 -22.44 16.18
CA ARG A 215 -3.39 -21.93 15.34
C ARG A 215 -3.23 -20.44 15.07
N GLU A 216 -2.77 -19.67 16.06
CA GLU A 216 -2.55 -18.25 15.85
C GLU A 216 -1.40 -17.97 14.89
N TRP A 217 -0.46 -18.90 14.76
CA TRP A 217 0.64 -18.74 13.81
C TRP A 217 0.31 -19.27 12.43
N PHE A 218 -0.50 -20.32 12.33
CA PHE A 218 -0.83 -20.90 11.03
C PHE A 218 -1.68 -19.96 10.18
N MET A 219 -2.58 -19.20 10.81
CA MET A 219 -3.46 -18.31 10.07
C MET A 219 -2.79 -16.99 9.68
N ASP A 220 -1.59 -16.72 10.17
CA ASP A 220 -0.86 -15.51 9.83
C ASP A 220 0.08 -15.67 8.65
N LEU A 221 0.17 -16.86 8.07
CA LEU A 221 1.05 -17.07 6.92
C LEU A 221 0.50 -16.32 5.72
N ASN A 222 1.38 -15.56 5.06
CA ASN A 222 0.98 -14.75 3.90
C ASN A 222 1.34 -15.54 2.64
N LEU A 223 0.54 -16.56 2.34
CA LEU A 223 0.75 -17.41 1.20
C LEU A 223 -0.60 -17.69 0.56
N PRO A 224 -0.62 -18.07 -0.72
CA PRO A 224 -1.89 -18.46 -1.35
C PRO A 224 -2.48 -19.67 -0.67
N TRP A 225 -3.71 -19.52 -0.16
CA TRP A 225 -4.36 -20.57 0.60
C TRP A 225 -5.74 -20.85 0.03
N SER A 226 -6.20 -22.09 0.24
CA SER A 226 -7.54 -22.51 -0.14
C SER A 226 -8.15 -23.29 1.00
N SER A 227 -9.48 -23.36 1.01
CA SER A 227 -10.20 -24.09 2.04
C SER A 227 -10.19 -25.58 1.70
N ALA A 228 -10.89 -26.37 2.51
CA ALA A 228 -10.92 -27.81 2.30
C ALA A 228 -11.71 -28.14 1.05
N GLU A 229 -11.12 -28.97 0.17
CA GLU A 229 -11.73 -29.37 -1.10
C GLU A 229 -12.11 -28.14 -1.93
N SER A 230 -11.23 -27.14 -1.93
CA SER A 230 -11.43 -25.89 -2.65
C SER A 230 -10.31 -25.71 -3.66
N ASN A 231 -10.64 -25.81 -4.94
CA ASN A 231 -9.63 -25.61 -5.98
C ASN A 231 -9.27 -24.15 -6.15
N VAL A 232 -10.20 -23.24 -5.83
CA VAL A 232 -9.96 -21.81 -5.99
C VAL A 232 -9.04 -21.33 -4.88
N TRP A 233 -8.02 -20.56 -5.25
CA TRP A 233 -7.04 -20.04 -4.31
C TRP A 233 -7.32 -18.57 -4.01
N ARG A 234 -6.81 -18.12 -2.87
CA ARG A 234 -6.94 -16.74 -2.44
C ARG A 234 -5.58 -16.24 -1.98
N ASN A 235 -5.42 -14.92 -2.01
CA ASN A 235 -4.16 -14.25 -1.67
C ASN A 235 -3.01 -14.73 -2.55
N ARG A 236 -3.26 -14.81 -3.86
CA ARG A 236 -2.26 -15.32 -4.79
C ARG A 236 -1.21 -14.29 -5.16
N GLU A 237 -1.35 -13.03 -4.73
CA GLU A 237 -0.40 -12.01 -5.13
C GLU A 237 0.96 -12.21 -4.49
N THR A 238 1.03 -13.01 -3.42
CA THR A 238 2.29 -13.15 -2.68
C THR A 238 3.32 -13.95 -3.47
N LEU A 239 2.86 -14.90 -4.28
CA LEU A 239 3.76 -15.74 -5.07
C LEU A 239 3.90 -15.27 -6.51
N MET A 240 3.57 -14.03 -6.80
CA MET A 240 3.67 -13.48 -8.14
C MET A 240 4.35 -12.12 -8.08
N GLU A 241 5.30 -11.90 -8.98
CA GLU A 241 6.03 -10.64 -9.05
C GLU A 241 5.82 -10.01 -10.42
N PHE A 242 5.38 -8.76 -10.42
CA PHE A 242 5.17 -8.00 -11.65
C PHE A 242 6.39 -7.15 -11.91
N GLU A 243 7.22 -7.55 -12.88
CA GLU A 243 8.56 -7.02 -13.03
C GLU A 243 8.60 -5.52 -13.33
N GLU A 244 8.12 -5.11 -14.51
CA GLU A 244 8.19 -3.72 -14.93
C GLU A 244 6.95 -3.40 -15.74
N PRO A 245 6.26 -2.30 -15.43
CA PRO A 245 5.07 -1.93 -16.21
C PRO A 245 5.43 -1.61 -17.65
N HIS A 246 4.98 -2.45 -18.57
CA HIS A 246 5.26 -2.29 -19.99
C HIS A 246 3.94 -2.28 -20.75
N ALA A 247 3.80 -1.31 -21.66
CA ALA A 247 2.55 -1.17 -22.39
C ALA A 247 2.27 -2.38 -23.27
N THR A 248 3.31 -2.90 -23.95
CA THR A 248 3.11 -4.01 -24.86
C THR A 248 2.88 -5.31 -24.09
N LYS A 249 3.78 -5.65 -23.18
CA LYS A 249 3.66 -6.89 -22.42
C LYS A 249 4.45 -6.77 -21.13
N GLN A 250 3.74 -6.76 -19.99
CA GLN A 250 4.38 -6.75 -18.69
C GLN A 250 4.63 -8.18 -18.24
N SER A 251 5.88 -8.50 -17.91
CA SER A 251 6.25 -9.85 -17.54
C SER A 251 5.93 -10.13 -16.08
N VAL A 252 5.32 -11.28 -15.83
CA VAL A 252 5.01 -11.75 -14.48
C VAL A 252 5.68 -13.09 -14.28
N ILE A 253 6.46 -13.21 -13.21
CA ILE A 253 7.19 -14.44 -12.89
C ILE A 253 6.82 -14.88 -11.47
N ALA A 254 6.55 -16.17 -11.32
CA ALA A 254 6.28 -16.73 -10.01
C ALA A 254 7.56 -16.82 -9.20
N LEU A 255 7.45 -16.56 -7.90
CA LEU A 255 8.61 -16.67 -7.02
C LEU A 255 9.02 -18.12 -6.86
N GLY A 256 10.21 -18.31 -6.29
CA GLY A 256 10.73 -19.64 -6.07
C GLY A 256 9.94 -20.39 -5.01
N SER A 257 10.33 -21.65 -4.82
CA SER A 257 9.67 -22.49 -3.84
C SER A 257 9.86 -21.92 -2.44
N GLN A 258 8.76 -21.85 -1.68
CA GLN A 258 8.77 -21.34 -0.32
C GLN A 258 8.89 -22.44 0.72
N GLU A 259 9.27 -23.65 0.29
CA GLU A 259 9.41 -24.76 1.24
C GLU A 259 10.53 -24.47 2.24
N GLY A 260 11.65 -23.93 1.77
CA GLY A 260 12.73 -23.56 2.67
C GLY A 260 12.34 -22.44 3.61
N ALA A 261 11.59 -21.45 3.13
CA ALA A 261 11.12 -20.38 4.00
C ALA A 261 10.15 -20.92 5.04
N LEU A 262 9.30 -21.87 4.66
CA LEU A 262 8.40 -22.51 5.63
C LEU A 262 9.19 -23.25 6.70
N HIS A 263 10.19 -24.03 6.29
CA HIS A 263 11.01 -24.74 7.26
C HIS A 263 11.75 -23.79 8.17
N GLN A 264 12.23 -22.67 7.64
CA GLN A 264 12.88 -21.65 8.46
C GLN A 264 11.91 -20.97 9.41
N ALA A 265 10.64 -20.83 9.03
CA ALA A 265 9.63 -20.23 9.89
C ALA A 265 9.07 -21.20 10.92
N LEU A 266 9.14 -22.50 10.66
CA LEU A 266 8.71 -23.51 11.62
C LEU A 266 9.82 -23.79 12.64
N ALA A 267 10.35 -22.74 13.24
CA ALA A 267 11.55 -22.89 14.07
C ALA A 267 11.26 -23.65 15.36
N GLY A 268 10.18 -23.29 16.06
CA GLY A 268 9.88 -23.91 17.33
C GLY A 268 8.78 -24.96 17.25
N ALA A 269 8.35 -25.28 16.03
CA ALA A 269 7.31 -26.27 15.85
C ALA A 269 7.80 -27.64 16.29
N ILE A 270 6.84 -28.49 16.68
CA ILE A 270 7.14 -29.83 17.18
C ILE A 270 6.86 -30.82 16.04
N PRO A 271 7.88 -31.48 15.50
CA PRO A 271 7.63 -32.45 14.42
C PRO A 271 6.88 -33.68 14.94
N VAL A 272 5.90 -34.12 14.16
CA VAL A 272 5.07 -35.27 14.51
C VAL A 272 5.08 -36.25 13.34
N GLU A 273 4.46 -37.41 13.55
CA GLU A 273 4.34 -38.42 12.52
C GLU A 273 2.90 -38.45 12.02
N PHE A 274 2.73 -38.30 10.71
CA PHE A 274 1.42 -38.27 10.07
C PHE A 274 1.37 -39.34 9.00
N SER A 275 0.40 -40.25 9.11
CA SER A 275 0.27 -41.33 8.14
C SER A 275 -1.16 -41.85 8.19
N SER A 276 -1.77 -42.03 7.03
CA SER A 276 -3.14 -42.54 6.90
C SER A 276 -4.12 -41.69 7.71
N ASN A 277 -3.98 -40.37 7.56
CA ASN A 277 -4.84 -39.37 8.21
C ASN A 277 -4.80 -39.47 9.72
N THR A 278 -3.70 -39.97 10.30
CA THR A 278 -3.55 -40.11 11.74
C THR A 278 -2.26 -39.43 12.17
N VAL A 279 -2.34 -38.63 13.22
CA VAL A 279 -1.17 -37.95 13.78
C VAL A 279 -0.75 -38.66 15.05
N LYS A 280 0.55 -38.87 15.21
CA LYS A 280 1.11 -39.54 16.38
C LYS A 280 2.24 -38.70 16.93
N LEU A 281 2.03 -38.08 18.08
CA LEU A 281 3.05 -37.26 18.73
C LEU A 281 3.42 -37.87 20.07
N THR A 282 4.73 -37.99 20.30
CA THR A 282 5.24 -38.58 21.53
C THR A 282 5.50 -37.55 22.62
N SER A 283 5.28 -36.26 22.34
CA SER A 283 5.41 -35.22 23.34
C SER A 283 4.05 -34.89 23.94
N GLY A 284 4.02 -33.88 24.81
CA GLY A 284 2.79 -33.48 25.46
C GLY A 284 2.70 -34.00 26.88
N HIS A 285 1.51 -33.93 27.48
CA HIS A 285 1.33 -34.41 28.84
C HIS A 285 -0.08 -34.97 28.98
N LEU A 286 -0.27 -35.76 30.04
CA LEU A 286 -1.57 -36.33 30.35
C LEU A 286 -1.68 -36.47 31.86
N LYS A 287 -2.66 -35.77 32.45
CA LYS A 287 -2.90 -35.87 33.88
C LYS A 287 -3.74 -37.10 34.17
N CYS A 288 -3.24 -37.95 35.06
CA CYS A 288 -3.90 -39.21 35.38
C CYS A 288 -3.84 -39.44 36.88
N ARG A 289 -4.72 -40.33 37.35
CA ARG A 289 -4.81 -40.67 38.76
C ARG A 289 -4.66 -42.18 38.90
N VAL A 290 -3.57 -42.62 39.53
CA VAL A 290 -3.29 -44.04 39.69
C VAL A 290 -3.90 -44.54 40.99
N LYS A 291 -4.62 -45.65 40.90
CA LYS A 291 -5.24 -46.30 42.06
C LYS A 291 -4.42 -47.54 42.39
N MET A 292 -3.76 -47.52 43.55
CA MET A 292 -2.92 -48.63 43.99
C MET A 292 -3.51 -49.35 45.20
N GLU A 293 -4.82 -49.22 45.41
CA GLU A 293 -5.46 -49.86 46.54
C GLU A 293 -5.39 -51.38 46.45
N LYS A 294 -5.61 -51.92 45.24
CA LYS A 294 -5.61 -53.36 45.03
C LYS A 294 -4.28 -53.88 44.49
N LEU A 295 -3.24 -53.06 44.52
CA LEU A 295 -1.91 -53.44 44.05
C LEU A 295 -1.19 -54.16 45.20
N GLN A 296 -1.09 -55.47 45.09
CA GLN A 296 -0.48 -56.31 46.12
C GLN A 296 0.92 -56.73 45.72
N LEU A 297 1.68 -57.19 46.72
CA LEU A 297 3.07 -57.55 46.52
C LEU A 297 3.19 -59.06 46.28
N LYS A 298 3.92 -59.43 45.24
CA LYS A 298 4.12 -60.82 44.87
C LYS A 298 5.41 -61.34 45.48
N GLY A 299 5.42 -62.63 45.80
CA GLY A 299 6.59 -63.27 46.36
C GLY A 299 6.74 -63.15 47.86
N THR A 300 5.75 -62.60 48.56
CA THR A 300 5.79 -62.54 50.01
C THR A 300 5.61 -63.89 50.67
N THR A 301 5.20 -64.91 49.91
CA THR A 301 5.04 -66.26 50.44
C THR A 301 6.25 -67.16 50.16
N TYR A 302 7.16 -66.72 49.29
CA TYR A 302 8.32 -67.53 48.95
C TYR A 302 9.33 -67.53 50.09
N GLY A 303 10.21 -68.54 50.08
CA GLY A 303 11.29 -68.60 51.04
C GLY A 303 12.54 -67.91 50.53
N VAL A 304 13.47 -67.65 51.45
CA VAL A 304 14.72 -67.00 51.09
C VAL A 304 15.63 -68.00 50.39
N CYS A 305 16.32 -67.54 49.36
CA CYS A 305 17.23 -68.40 48.61
C CYS A 305 18.39 -68.84 49.51
N SER A 306 18.69 -70.14 49.47
CA SER A 306 19.70 -70.71 50.36
C SER A 306 21.08 -70.80 49.72
N LYS A 307 21.16 -70.91 48.40
CA LYS A 307 22.45 -71.06 47.73
C LYS A 307 23.10 -69.69 47.54
N ALA A 308 24.18 -69.65 46.76
CA ALA A 308 25.00 -68.45 46.63
C ALA A 308 24.70 -67.71 45.34
N PHE A 309 24.77 -66.39 45.41
CA PHE A 309 24.57 -65.51 44.27
C PHE A 309 25.92 -65.06 43.71
N ARG A 310 25.84 -64.31 42.61
CA ARG A 310 27.00 -63.68 42.01
C ARG A 310 26.56 -62.44 41.25
N PHE A 311 27.42 -61.42 41.27
CA PHE A 311 27.18 -60.23 40.47
C PHE A 311 27.63 -60.51 39.04
N LEU A 312 26.72 -60.34 38.08
CA LEU A 312 27.07 -60.60 36.68
C LEU A 312 27.94 -59.50 36.10
N GLY A 313 27.98 -58.35 36.74
CA GLY A 313 28.85 -57.27 36.30
C GLY A 313 28.95 -56.22 37.39
N THR A 314 29.71 -55.19 37.10
CA THR A 314 29.79 -54.06 38.01
C THR A 314 28.46 -53.34 38.04
N PRO A 315 27.87 -53.08 39.21
CA PRO A 315 26.63 -52.31 39.26
C PRO A 315 26.82 -50.93 38.65
N ALA A 316 25.78 -50.45 37.97
CA ALA A 316 25.84 -49.20 37.23
C ALA A 316 24.92 -48.17 37.87
N ASP A 317 25.43 -46.95 38.00
CA ASP A 317 24.60 -45.83 38.44
C ASP A 317 23.67 -45.41 37.31
N THR A 318 22.39 -45.25 37.63
CA THR A 318 21.38 -44.85 36.66
C THR A 318 21.33 -43.36 36.43
N GLY A 319 22.01 -42.56 37.25
CA GLY A 319 22.00 -41.13 37.14
C GLY A 319 20.93 -40.45 37.96
N HIS A 320 19.97 -41.20 38.47
CA HIS A 320 18.89 -40.66 39.29
C HIS A 320 19.08 -40.97 40.77
N GLY A 321 20.27 -41.38 41.18
CA GLY A 321 20.53 -41.76 42.55
C GLY A 321 20.31 -43.22 42.85
N THR A 322 19.79 -43.99 41.90
CA THR A 322 19.58 -45.42 42.10
C THR A 322 20.69 -46.23 41.45
N VAL A 323 20.78 -47.49 41.85
CA VAL A 323 21.80 -48.40 41.36
C VAL A 323 21.11 -49.65 40.82
N VAL A 324 21.44 -50.03 39.60
CA VAL A 324 20.88 -51.22 38.97
C VAL A 324 21.98 -52.26 38.85
N LEU A 325 21.67 -53.49 39.26
CA LEU A 325 22.61 -54.59 39.16
C LEU A 325 21.86 -55.86 38.84
N GLU A 326 22.55 -56.81 38.23
CA GLU A 326 21.99 -58.12 37.91
C GLU A 326 22.72 -59.20 38.69
N LEU A 327 21.96 -60.09 39.31
CA LEU A 327 22.49 -61.22 40.06
C LEU A 327 22.22 -62.51 39.29
N GLN A 328 22.98 -63.54 39.62
CA GLN A 328 22.76 -64.87 39.09
C GLN A 328 22.74 -65.86 40.24
N TYR A 329 21.67 -66.64 40.33
CA TYR A 329 21.47 -67.59 41.42
C TYR A 329 21.81 -68.99 40.94
N THR A 330 22.82 -69.60 41.55
CA THR A 330 23.29 -70.91 41.13
C THR A 330 22.45 -72.04 41.68
N GLY A 331 21.53 -71.77 42.61
CA GLY A 331 20.73 -72.81 43.21
C GLY A 331 19.53 -73.21 42.38
N THR A 332 18.85 -74.24 42.84
CA THR A 332 17.65 -74.77 42.20
C THR A 332 16.52 -74.89 43.21
N ASP A 333 16.33 -73.83 44.00
CA ASP A 333 15.33 -73.81 45.06
C ASP A 333 13.96 -73.36 44.57
N GLY A 334 13.77 -73.19 43.27
CA GLY A 334 12.52 -72.70 42.73
C GLY A 334 12.35 -71.23 43.04
N PRO A 335 11.10 -70.76 43.03
CA PRO A 335 10.84 -69.36 43.38
C PRO A 335 11.28 -69.04 44.80
N CYS A 336 12.29 -68.18 44.93
CA CYS A 336 12.83 -67.81 46.23
C CYS A 336 13.20 -66.33 46.21
N LYS A 337 13.03 -65.68 47.36
CA LYS A 337 13.32 -64.25 47.45
C LYS A 337 14.80 -64.01 47.70
N ILE A 338 15.34 -62.97 47.06
CA ILE A 338 16.76 -62.66 47.12
C ILE A 338 17.04 -61.82 48.37
N PRO A 339 17.97 -62.24 49.23
CA PRO A 339 18.32 -61.47 50.43
C PRO A 339 19.36 -60.38 50.14
N ILE A 340 18.98 -59.41 49.32
CA ILE A 340 19.86 -58.30 48.94
C ILE A 340 19.46 -57.06 49.72
N SER A 341 20.46 -56.29 50.16
CA SER A 341 20.22 -55.08 50.92
C SER A 341 21.41 -54.15 50.71
N SER A 342 21.26 -52.91 51.20
CA SER A 342 22.31 -51.89 51.11
C SER A 342 22.68 -51.49 52.54
N VAL A 343 23.90 -51.79 52.93
CA VAL A 343 24.38 -51.52 54.29
C VAL A 343 25.46 -50.46 54.24
N ALA A 344 25.56 -49.70 55.33
CA ALA A 344 26.56 -48.63 55.39
C ALA A 344 27.96 -49.17 55.59
N SER A 345 28.10 -50.27 56.33
CA SER A 345 29.41 -50.88 56.56
C SER A 345 29.23 -52.38 56.67
N LEU A 346 30.31 -53.13 56.43
CA LEU A 346 30.23 -54.58 56.45
C LEU A 346 30.14 -55.15 57.87
N ASN A 347 30.40 -54.35 58.90
CA ASN A 347 30.26 -54.79 60.27
C ASN A 347 28.94 -54.37 60.92
N ASP A 348 28.06 -53.72 60.16
CA ASP A 348 26.76 -53.28 60.66
C ASP A 348 25.61 -54.17 60.21
N LEU A 349 25.53 -54.44 58.90
CA LEU A 349 24.51 -55.30 58.30
C LEU A 349 23.09 -54.81 58.51
N THR A 350 22.90 -53.62 59.08
CA THR A 350 21.55 -53.08 59.18
C THR A 350 21.21 -52.29 57.93
N PRO A 351 20.13 -52.64 57.22
CA PRO A 351 19.83 -52.00 55.93
C PRO A 351 19.62 -50.50 56.11
N VAL A 352 20.34 -49.72 55.30
CA VAL A 352 20.25 -48.26 55.33
C VAL A 352 19.73 -47.68 54.03
N GLY A 353 19.84 -48.41 52.91
CA GLY A 353 19.32 -47.93 51.65
C GLY A 353 18.00 -48.62 51.29
N ARG A 354 17.22 -47.99 50.41
CA ARG A 354 15.93 -48.51 50.02
C ARG A 354 16.02 -49.23 48.68
N LEU A 355 15.29 -50.33 48.56
CA LEU A 355 15.24 -51.11 47.33
C LEU A 355 14.11 -50.62 46.45
N VAL A 356 14.44 -50.27 45.21
CA VAL A 356 13.41 -49.94 44.23
C VAL A 356 12.64 -51.20 43.82
N THR A 357 13.35 -52.28 43.53
CA THR A 357 12.71 -53.57 43.26
C THR A 357 12.29 -54.16 44.59
N VAL A 358 11.07 -53.84 45.02
CA VAL A 358 10.60 -54.28 46.32
C VAL A 358 10.37 -55.79 46.31
N ASN A 359 10.92 -56.47 47.32
CA ASN A 359 10.83 -57.91 47.48
C ASN A 359 11.31 -58.63 46.21
N PRO A 360 12.59 -58.55 45.87
CA PRO A 360 13.09 -59.26 44.69
C PRO A 360 13.10 -60.76 44.93
N PHE A 361 12.91 -61.52 43.85
CA PHE A 361 12.88 -62.96 43.94
C PHE A 361 13.25 -63.57 42.60
N VAL A 362 13.56 -64.86 42.62
CA VAL A 362 13.90 -65.62 41.43
C VAL A 362 12.64 -66.25 40.87
N SER A 363 12.35 -66.00 39.60
CA SER A 363 11.11 -66.47 39.00
C SER A 363 11.20 -67.95 38.63
N VAL A 364 12.11 -68.30 37.74
CA VAL A 364 12.21 -69.65 37.21
C VAL A 364 12.77 -70.58 38.29
N SER A 365 12.42 -71.86 38.18
CA SER A 365 12.88 -72.87 39.12
C SER A 365 14.17 -73.54 38.70
N THR A 366 14.79 -73.10 37.60
CA THR A 366 16.03 -73.68 37.13
C THR A 366 17.24 -72.97 37.74
N ALA A 367 18.41 -73.54 37.50
CA ALA A 367 19.65 -72.98 38.02
C ALA A 367 20.17 -71.90 37.09
N ASN A 368 21.11 -71.11 37.62
CA ASN A 368 21.76 -70.02 36.86
C ASN A 368 20.73 -69.03 36.33
N ALA A 369 19.84 -68.59 37.22
CA ALA A 369 18.78 -67.65 36.86
C ALA A 369 19.27 -66.22 37.10
N LYS A 370 19.01 -65.35 36.13
CA LYS A 370 19.44 -63.96 36.19
C LYS A 370 18.29 -63.07 36.62
N VAL A 371 18.57 -62.19 37.58
CA VAL A 371 17.57 -61.28 38.13
C VAL A 371 18.16 -59.87 38.16
N LEU A 372 17.42 -58.90 37.62
CA LEU A 372 17.81 -57.50 37.66
C LEU A 372 17.18 -56.84 38.87
N ILE A 373 18.00 -56.14 39.65
CA ILE A 373 17.57 -55.52 40.90
C ILE A 373 18.05 -54.08 40.92
N GLU A 374 17.17 -53.16 41.30
CA GLU A 374 17.49 -51.74 41.42
C GLU A 374 17.38 -51.32 42.89
N LEU A 375 18.39 -50.60 43.37
CA LEU A 375 18.46 -50.15 44.75
C LEU A 375 18.70 -48.64 44.78
N GLU A 376 18.47 -48.06 45.96
CA GLU A 376 18.70 -46.63 46.19
C GLU A 376 19.60 -46.50 47.41
N PRO A 377 20.91 -46.62 47.24
CA PRO A 377 21.83 -46.55 48.38
C PRO A 377 21.87 -45.14 48.94
N PRO A 378 22.33 -44.97 50.18
CA PRO A 378 22.49 -43.63 50.74
C PRO A 378 23.74 -42.96 50.20
N PHE A 379 23.85 -41.67 50.47
CA PHE A 379 25.01 -40.90 50.03
C PHE A 379 26.23 -41.29 50.85
N GLY A 380 27.38 -41.36 50.19
CA GLY A 380 28.62 -41.77 50.81
C GLY A 380 28.98 -43.20 50.47
N ASP A 381 29.91 -43.74 51.25
CA ASP A 381 30.36 -45.11 51.05
C ASP A 381 29.31 -46.09 51.55
N SER A 382 29.02 -47.10 50.73
CA SER A 382 28.00 -48.09 51.06
C SER A 382 28.39 -49.41 50.40
N TYR A 383 27.80 -50.50 50.89
CA TYR A 383 28.07 -51.83 50.39
C TYR A 383 26.76 -52.50 50.00
N ILE A 384 26.75 -53.17 48.86
CA ILE A 384 25.59 -53.92 48.40
C ILE A 384 25.84 -55.39 48.74
N VAL A 385 25.21 -55.87 49.80
CA VAL A 385 25.43 -57.22 50.30
C VAL A 385 24.27 -58.10 49.85
N VAL A 386 24.59 -59.30 49.36
CA VAL A 386 23.60 -60.28 48.95
C VAL A 386 23.89 -61.56 49.70
N GLY A 387 22.87 -62.13 50.34
CA GLY A 387 23.04 -63.34 51.11
C GLY A 387 23.55 -63.05 52.51
N ARG A 388 23.77 -64.13 53.25
CA ARG A 388 24.28 -64.03 54.61
C ARG A 388 25.12 -65.26 54.92
N GLY A 389 26.12 -65.07 55.77
CA GLY A 389 26.96 -66.17 56.20
C GLY A 389 28.18 -66.38 55.34
N GLU A 390 28.49 -67.64 55.03
CA GLU A 390 29.67 -67.96 54.24
C GLU A 390 29.48 -67.65 52.76
N GLN A 391 28.23 -67.57 52.29
CA GLN A 391 27.94 -67.32 50.89
C GLN A 391 27.61 -65.85 50.62
N GLN A 392 27.82 -64.97 51.58
CA GLN A 392 27.52 -63.56 51.41
C GLN A 392 28.49 -62.93 50.43
N ILE A 393 27.97 -62.12 49.51
CA ILE A 393 28.78 -61.37 48.56
C ILE A 393 28.47 -59.89 48.75
N ASN A 394 29.52 -59.07 48.75
CA ASN A 394 29.38 -57.64 48.95
C ASN A 394 30.09 -56.89 47.82
N HIS A 395 29.57 -55.70 47.53
CA HIS A 395 30.16 -54.83 46.51
C HIS A 395 30.11 -53.41 47.01
N HIS A 396 31.28 -52.79 47.19
CA HIS A 396 31.34 -51.42 47.65
C HIS A 396 30.77 -50.48 46.61
N TRP A 397 29.94 -49.54 47.06
CA TRP A 397 29.35 -48.55 46.17
C TRP A 397 29.50 -47.16 46.80
N HIS A 398 29.86 -46.19 45.97
CA HIS A 398 29.93 -44.79 46.40
C HIS A 398 28.92 -43.98 45.61
N LYS A 399 28.03 -43.29 46.32
CA LYS A 399 27.02 -42.45 45.71
C LYS A 399 27.42 -40.99 45.91
N SER A 400 27.81 -40.34 44.83
CA SER A 400 28.22 -38.95 44.89
C SER A 400 27.01 -38.05 45.13
N GLY A 401 27.26 -36.89 45.72
CA GLY A 401 26.23 -35.92 46.04
C GLY A 401 25.96 -35.86 47.53
N SER A 402 24.92 -35.10 47.87
CA SER A 402 24.52 -34.91 49.26
C SER A 402 23.02 -34.65 49.29
N SER A 403 22.46 -34.66 50.50
CA SER A 403 21.03 -34.44 50.66
C SER A 403 20.63 -33.03 50.22
N ILE A 404 21.46 -32.03 50.53
CA ILE A 404 21.16 -30.66 50.13
C ILE A 404 21.24 -30.51 48.61
N GLY A 405 22.20 -31.19 47.98
CA GLY A 405 22.28 -31.17 46.54
C GLY A 405 21.06 -31.79 45.89
N LYS A 406 20.59 -32.92 46.45
CA LYS A 406 19.35 -33.51 45.95
C LYS A 406 18.17 -32.57 46.14
N ALA A 407 18.13 -31.87 47.27
CA ALA A 407 17.04 -30.92 47.51
C ALA A 407 17.06 -29.78 46.49
N PHE A 408 18.24 -29.24 46.20
CA PHE A 408 18.33 -28.18 45.20
C PHE A 408 17.96 -28.69 43.80
N THR A 409 18.42 -29.89 43.45
CA THR A 409 18.07 -30.47 42.16
C THR A 409 16.56 -30.69 42.06
N ALA A 410 15.94 -31.18 43.13
CA ALA A 410 14.49 -31.39 43.13
C ALA A 410 13.74 -30.06 43.00
N THR A 411 14.21 -29.02 43.69
CA THR A 411 13.58 -27.71 43.57
C THR A 411 13.70 -27.17 42.14
N LEU A 412 14.88 -27.32 41.53
CA LEU A 412 15.05 -26.87 40.15
C LEU A 412 14.17 -27.65 39.20
N LYS A 413 14.07 -28.96 39.38
CA LYS A 413 13.23 -29.78 38.50
C LYS A 413 11.76 -29.44 38.70
N GLY A 414 11.34 -29.16 39.93
CA GLY A 414 9.98 -28.74 40.16
C GLY A 414 9.67 -27.40 39.53
N ALA A 415 10.62 -26.46 39.60
CA ALA A 415 10.42 -25.18 38.93
C ALA A 415 10.33 -25.35 37.41
N GLN A 416 11.17 -26.22 36.85
CA GLN A 416 11.10 -26.49 35.41
C GLN A 416 9.76 -27.12 35.04
N ARG A 417 9.28 -28.06 35.85
CA ARG A 417 7.97 -28.67 35.62
C ARG A 417 6.85 -27.63 35.70
N LEU A 418 6.94 -26.72 36.68
CA LEU A 418 5.93 -25.67 36.80
C LEU A 418 5.95 -24.76 35.58
N ALA A 419 7.14 -24.44 35.07
CA ALA A 419 7.24 -23.60 33.87
C ALA A 419 6.72 -24.33 32.63
N ALA A 420 6.99 -25.62 32.51
CA ALA A 420 6.59 -26.39 31.34
C ALA A 420 5.11 -26.76 31.33
N LEU A 421 4.53 -27.04 32.49
CA LEU A 421 3.14 -27.48 32.57
C LEU A 421 2.19 -26.39 33.02
N GLY A 422 2.64 -25.49 33.88
CA GLY A 422 1.76 -24.43 34.39
C GLY A 422 1.02 -24.90 35.64
N ASP A 423 -0.30 -24.71 35.65
CA ASP A 423 -1.12 -25.11 36.78
C ASP A 423 -1.25 -26.62 36.91
N THR A 424 -0.96 -27.38 35.85
CA THR A 424 -1.03 -28.83 35.92
C THR A 424 0.06 -29.43 36.80
N ALA A 425 1.16 -28.72 36.99
CA ALA A 425 2.27 -29.25 37.80
C ALA A 425 1.89 -29.42 39.26
N TRP A 426 0.95 -28.62 39.76
CA TRP A 426 0.51 -28.77 41.16
C TRP A 426 -0.20 -30.09 41.39
N ASP A 427 -0.73 -30.71 40.34
CA ASP A 427 -1.42 -32.00 40.45
C ASP A 427 -0.51 -33.18 40.18
N PHE A 428 0.79 -33.01 40.39
CA PHE A 428 1.77 -34.06 40.17
C PHE A 428 2.22 -34.59 41.53
N GLY A 429 1.93 -35.85 41.80
CA GLY A 429 2.33 -36.46 43.06
C GLY A 429 1.60 -35.94 44.27
N SER A 430 0.46 -35.30 44.09
CA SER A 430 -0.32 -34.73 45.18
C SER A 430 -1.55 -35.59 45.41
N VAL A 431 -1.68 -36.11 46.63
CA VAL A 431 -2.85 -36.93 46.98
C VAL A 431 -4.03 -36.09 47.44
N GLY A 432 -3.89 -34.78 47.50
CA GLY A 432 -4.96 -33.90 47.92
C GLY A 432 -4.47 -32.72 48.70
N GLY A 433 -5.07 -32.48 49.87
CA GLY A 433 -4.63 -31.43 50.76
C GLY A 433 -5.05 -30.05 50.30
N VAL A 434 -5.26 -29.18 51.28
CA VAL A 434 -5.69 -27.81 50.98
C VAL A 434 -4.58 -27.02 50.30
N PHE A 435 -3.31 -27.31 50.60
CA PHE A 435 -2.21 -26.54 50.02
C PHE A 435 -2.16 -26.70 48.51
N THR A 436 -2.35 -27.92 48.00
CA THR A 436 -2.31 -28.12 46.56
C THR A 436 -3.42 -27.36 45.85
N SER A 437 -4.63 -27.40 46.40
CA SER A 437 -5.76 -26.74 45.74
C SER A 437 -5.57 -25.22 45.72
N VAL A 438 -5.21 -24.63 46.86
CA VAL A 438 -5.04 -23.18 46.90
C VAL A 438 -3.84 -22.76 46.05
N GLY A 439 -2.78 -23.56 46.04
CA GLY A 439 -1.64 -23.25 45.19
C GLY A 439 -2.01 -23.28 43.72
N LYS A 440 -2.77 -24.29 43.31
CA LYS A 440 -3.20 -24.37 41.92
C LYS A 440 -4.12 -23.23 41.54
N ALA A 441 -5.02 -22.84 42.44
CA ALA A 441 -5.91 -21.71 42.16
C ALA A 441 -5.12 -20.42 42.01
N VAL A 442 -4.19 -20.16 42.93
CA VAL A 442 -3.36 -18.96 42.85
C VAL A 442 -2.52 -18.97 41.58
N HIS A 443 -1.98 -20.14 41.22
CA HIS A 443 -1.18 -20.24 40.01
C HIS A 443 -2.02 -19.98 38.77
N GLN A 444 -3.26 -20.48 38.73
CA GLN A 444 -4.13 -20.20 37.60
C GLN A 444 -4.41 -18.70 37.50
N VAL A 445 -4.73 -18.06 38.64
CA VAL A 445 -5.04 -16.64 38.63
C VAL A 445 -3.86 -15.83 38.14
N PHE A 446 -2.65 -16.14 38.63
CA PHE A 446 -1.48 -15.39 38.21
C PHE A 446 -1.08 -15.70 36.77
N GLY A 447 -1.17 -16.97 36.36
CA GLY A 447 -0.73 -17.35 35.04
C GLY A 447 -1.63 -16.87 33.93
N GLY A 448 -2.93 -16.72 34.21
CA GLY A 448 -3.80 -16.14 33.21
C GLY A 448 -3.36 -14.74 32.83
N ALA A 449 -3.12 -13.91 33.85
CA ALA A 449 -2.62 -12.56 33.60
C ALA A 449 -1.23 -12.57 32.99
N PHE A 450 -0.37 -13.48 33.44
CA PHE A 450 1.00 -13.55 32.92
C PHE A 450 1.00 -13.89 31.43
N ARG A 451 0.17 -14.86 31.03
CA ARG A 451 0.08 -15.23 29.62
C ARG A 451 -0.65 -14.18 28.81
N SER A 452 -1.57 -13.43 29.42
CA SER A 452 -2.18 -12.32 28.70
C SER A 452 -1.16 -11.22 28.42
N LEU A 453 -0.31 -10.91 29.40
CA LEU A 453 0.65 -9.83 29.26
C LEU A 453 1.89 -10.29 28.50
N PHE A 454 2.61 -11.26 29.05
CA PHE A 454 3.83 -11.77 28.44
C PHE A 454 3.54 -13.10 27.75
N GLY A 455 2.80 -13.01 26.65
CA GLY A 455 2.31 -14.20 25.98
C GLY A 455 3.16 -14.76 24.86
N GLY A 456 3.46 -13.92 23.87
CA GLY A 456 4.13 -14.40 22.66
C GLY A 456 5.55 -13.91 22.49
N MET A 457 6.24 -13.70 23.60
CA MET A 457 7.62 -13.21 23.56
C MET A 457 8.59 -14.38 23.48
N SER A 458 9.72 -14.14 22.82
CA SER A 458 10.80 -15.11 22.74
C SER A 458 11.65 -15.02 24.00
N TRP A 459 12.72 -15.81 24.06
CA TRP A 459 13.55 -15.82 25.26
C TRP A 459 14.38 -14.55 25.40
N ILE A 460 14.83 -13.96 24.29
CA ILE A 460 15.69 -12.79 24.37
C ILE A 460 14.92 -11.59 24.89
N THR A 461 13.73 -11.35 24.35
CA THR A 461 12.92 -10.23 24.82
C THR A 461 12.41 -10.47 26.24
N GLN A 462 12.08 -11.71 26.58
CA GLN A 462 11.71 -12.02 27.96
C GLN A 462 12.86 -11.73 28.92
N GLY A 463 14.08 -12.12 28.54
CA GLY A 463 15.22 -11.82 29.40
C GLY A 463 15.48 -10.34 29.53
N LEU A 464 15.36 -9.60 28.43
CA LEU A 464 15.55 -8.14 28.49
C LEU A 464 14.49 -7.49 29.37
N LEU A 465 13.23 -7.91 29.23
CA LEU A 465 12.17 -7.36 30.06
C LEU A 465 12.38 -7.71 31.53
N GLY A 466 12.83 -8.94 31.82
CA GLY A 466 13.11 -9.31 33.19
C GLY A 466 14.22 -8.47 33.79
N ALA A 467 15.29 -8.24 33.02
CA ALA A 467 16.39 -7.41 33.51
C ALA A 467 15.92 -5.97 33.76
N LEU A 468 15.13 -5.43 32.83
CA LEU A 468 14.63 -4.06 33.00
C LEU A 468 13.71 -3.95 34.21
N LEU A 469 12.84 -4.94 34.41
CA LEU A 469 11.95 -4.92 35.56
C LEU A 469 12.71 -5.05 36.87
N LEU A 470 13.74 -5.90 36.90
CA LEU A 470 14.57 -5.99 38.10
C LEU A 470 15.27 -4.67 38.39
N TRP A 471 15.79 -4.02 37.34
CA TRP A 471 16.48 -2.75 37.53
C TRP A 471 15.51 -1.69 38.04
N MET A 472 14.30 -1.65 37.50
CA MET A 472 13.31 -0.68 37.97
C MET A 472 12.86 -0.98 39.40
N GLY A 473 12.71 -2.25 39.75
CA GLY A 473 12.33 -2.60 41.11
C GLY A 473 13.40 -2.30 42.13
N ILE A 474 14.68 -2.43 41.74
CA ILE A 474 15.77 -2.08 42.65
C ILE A 474 15.74 -0.60 42.98
N ASN A 475 15.52 0.25 41.96
CA ASN A 475 15.46 1.69 42.13
C ASN A 475 14.04 2.19 42.38
N ALA A 476 13.16 1.32 42.87
CA ALA A 476 11.78 1.70 43.14
C ALA A 476 11.65 2.29 44.54
N ARG A 477 10.56 3.02 44.75
CA ARG A 477 10.28 3.66 46.03
C ARG A 477 9.33 2.83 46.89
N ASP A 478 8.14 2.52 46.37
CA ASP A 478 7.18 1.73 47.12
C ASP A 478 7.66 0.29 47.25
N ARG A 479 7.46 -0.28 48.43
CA ARG A 479 7.86 -1.67 48.68
C ARG A 479 7.04 -2.66 47.87
N SER A 480 5.73 -2.44 47.78
CA SER A 480 4.88 -3.36 47.02
C SER A 480 5.21 -3.32 45.54
N ILE A 481 5.43 -2.11 44.99
CA ILE A 481 5.79 -2.00 43.58
C ILE A 481 7.13 -2.66 43.31
N ALA A 482 8.10 -2.41 44.19
CA ALA A 482 9.40 -3.07 44.07
C ALA A 482 9.26 -4.58 44.18
N PHE A 483 8.41 -5.05 45.09
CA PHE A 483 8.21 -6.49 45.26
C PHE A 483 7.65 -7.12 44.00
N THR A 484 6.60 -6.53 43.43
CA THR A 484 5.99 -7.12 42.24
C THR A 484 6.92 -7.01 41.03
N PHE A 485 7.65 -5.91 40.90
CA PHE A 485 8.61 -5.81 39.80
C PHE A 485 9.70 -6.86 39.92
N LEU A 486 10.22 -7.06 41.14
CA LEU A 486 11.23 -8.09 41.36
C LEU A 486 10.68 -9.48 41.02
N ALA A 487 9.45 -9.76 41.45
CA ALA A 487 8.87 -11.08 41.18
C ALA A 487 8.70 -11.32 39.69
N VAL A 488 8.14 -10.34 38.98
CA VAL A 488 7.92 -10.51 37.54
C VAL A 488 9.24 -10.60 36.79
N GLY A 489 10.22 -9.78 37.17
CA GLY A 489 11.52 -9.86 36.52
C GLY A 489 12.20 -11.20 36.76
N GLY A 490 12.11 -11.72 37.98
CA GLY A 490 12.69 -13.03 38.26
C GLY A 490 12.00 -14.13 37.48
N VAL A 491 10.68 -14.08 37.38
CA VAL A 491 9.96 -15.09 36.61
C VAL A 491 10.37 -15.01 35.14
N LEU A 492 10.45 -13.81 34.59
CA LEU A 492 10.84 -13.65 33.19
C LEU A 492 12.27 -14.16 32.95
N LEU A 493 13.19 -13.83 33.85
CA LEU A 493 14.57 -14.31 33.70
C LEU A 493 14.64 -15.83 33.78
N PHE A 494 13.90 -16.43 34.72
CA PHE A 494 13.90 -17.88 34.82
C PHE A 494 13.32 -18.52 33.56
N LEU A 495 12.25 -17.94 33.02
CA LEU A 495 11.66 -18.47 31.80
C LEU A 495 12.62 -18.35 30.62
N SER A 496 13.34 -17.22 30.52
CA SER A 496 14.32 -17.07 29.44
C SER A 496 15.46 -18.06 29.59
N VAL A 497 15.95 -18.27 30.81
CA VAL A 497 17.03 -19.22 31.04
C VAL A 497 16.54 -20.66 30.84
N ASN A 498 15.30 -20.97 31.24
CA ASN A 498 14.80 -22.33 31.14
C ASN A 498 14.77 -22.83 29.70
N VAL A 499 14.68 -21.93 28.72
CA VAL A 499 14.79 -22.35 27.32
C VAL A 499 16.21 -22.80 27.01
N HIS A 500 17.19 -22.46 27.85
CA HIS A 500 18.60 -22.79 27.63
C HIS A 500 19.09 -22.24 26.29
N ALA A 501 18.69 -21.01 25.98
CA ALA A 501 19.11 -20.35 24.75
C ALA A 501 19.86 -19.06 25.07
N PHE B 1 15.78 6.66 -27.87
CA PHE B 1 16.80 7.64 -28.20
C PHE B 1 16.24 9.05 -28.15
N ASN B 2 14.96 9.18 -28.47
CA ASN B 2 14.31 10.47 -28.45
C ASN B 2 13.85 10.82 -27.03
N CYS B 3 13.44 12.07 -26.86
CA CYS B 3 13.01 12.59 -25.57
C CYS B 3 11.50 12.67 -25.44
N LEU B 4 10.75 12.21 -26.44
CA LEU B 4 9.31 12.34 -26.44
C LEU B 4 8.67 11.11 -25.80
N GLY B 5 7.70 11.36 -24.91
CA GLY B 5 7.03 10.30 -24.20
C GLY B 5 7.69 9.88 -22.90
N MET B 6 8.78 10.53 -22.51
CA MET B 6 9.48 10.17 -21.28
C MET B 6 8.79 10.80 -20.07
N SER B 7 8.56 10.00 -19.04
CA SER B 7 8.03 10.54 -17.79
C SER B 7 9.04 11.47 -17.12
N ASN B 8 10.32 11.10 -17.16
CA ASN B 8 11.38 11.91 -16.59
C ASN B 8 12.07 12.66 -17.73
N ARG B 9 12.11 13.99 -17.62
CA ARG B 9 12.71 14.82 -18.65
C ARG B 9 13.15 16.14 -18.03
N ASP B 10 14.40 16.52 -18.27
CA ASP B 10 14.95 17.75 -17.74
C ASP B 10 15.34 18.68 -18.88
N PHE B 11 15.12 19.97 -18.66
CA PHE B 11 15.46 21.01 -19.62
C PHE B 11 16.56 21.88 -19.05
N LEU B 12 17.56 22.18 -19.88
CA LEU B 12 18.70 23.00 -19.47
C LEU B 12 18.89 24.13 -20.47
N GLU B 13 18.99 25.35 -19.96
CA GLU B 13 19.20 26.53 -20.80
C GLU B 13 20.68 26.90 -20.80
N GLY B 14 21.27 26.96 -21.99
CA GLY B 14 22.66 27.32 -22.15
C GLY B 14 22.80 28.83 -22.32
N VAL B 15 23.71 29.41 -21.54
CA VAL B 15 23.91 30.85 -21.61
C VAL B 15 24.58 31.23 -22.92
N SER B 16 24.58 32.53 -23.21
CA SER B 16 25.21 33.04 -24.42
C SER B 16 26.69 32.71 -24.42
N GLY B 17 27.15 32.04 -25.47
CA GLY B 17 28.54 31.64 -25.58
C GLY B 17 28.92 30.40 -24.81
N ALA B 18 27.95 29.65 -24.31
CA ALA B 18 28.24 28.43 -23.55
C ALA B 18 28.70 27.35 -24.51
N THR B 19 29.98 27.01 -24.46
CA THR B 19 30.52 26.00 -25.36
C THR B 19 30.14 24.59 -24.93
N TRP B 20 30.07 24.32 -23.63
CA TRP B 20 29.81 22.97 -23.13
C TRP B 20 28.92 23.06 -21.89
N VAL B 21 28.41 21.91 -21.46
CA VAL B 21 27.61 21.79 -20.25
C VAL B 21 27.79 20.40 -19.66
N ASP B 22 27.98 20.33 -18.35
CA ASP B 22 28.13 19.05 -17.66
C ASP B 22 26.76 18.46 -17.39
N LEU B 23 26.58 17.19 -17.76
CA LEU B 23 25.33 16.48 -17.57
C LEU B 23 25.56 15.24 -16.73
N VAL B 24 24.48 14.76 -16.11
CA VAL B 24 24.50 13.46 -15.46
C VAL B 24 23.39 12.62 -16.08
N LEU B 25 23.74 11.83 -17.09
CA LEU B 25 22.75 11.04 -17.80
C LEU B 25 22.25 9.91 -16.92
N GLU B 26 21.03 10.04 -16.43
CA GLU B 26 20.39 9.04 -15.60
C GLU B 26 19.71 7.99 -16.47
N GLY B 27 19.59 6.79 -15.94
CA GLY B 27 18.94 5.71 -16.68
C GLY B 27 17.46 6.00 -16.86
N ASP B 28 16.97 5.84 -18.09
CA ASP B 28 15.57 6.07 -18.43
C ASP B 28 15.13 7.48 -18.05
N SER B 29 15.97 8.47 -18.32
CA SER B 29 15.68 9.87 -18.01
C SER B 29 16.42 10.74 -19.01
N CYS B 30 15.69 11.26 -19.99
CA CYS B 30 16.29 12.15 -20.99
C CYS B 30 16.54 13.54 -20.41
N VAL B 31 17.49 14.23 -21.02
CA VAL B 31 17.74 15.64 -20.73
C VAL B 31 17.85 16.38 -22.06
N THR B 32 17.14 17.50 -22.19
CA THR B 32 17.12 18.30 -23.40
C THR B 32 17.86 19.61 -23.15
N ILE B 33 18.85 19.89 -23.99
CA ILE B 33 19.65 21.11 -23.88
C ILE B 33 19.10 22.12 -24.88
N MET B 34 18.74 23.30 -24.39
CA MET B 34 18.24 24.38 -25.22
C MET B 34 19.23 25.53 -25.15
N SER B 35 19.71 25.99 -26.30
CA SER B 35 20.66 27.09 -26.39
C SER B 35 20.25 28.01 -27.53
N LYS B 36 20.75 29.25 -27.47
CA LYS B 36 20.42 30.26 -28.46
C LYS B 36 21.29 30.07 -29.70
N ASP B 37 20.67 30.19 -30.87
CA ASP B 37 21.30 30.04 -32.17
C ASP B 37 21.89 28.65 -32.40
N LYS B 38 21.49 27.67 -31.59
CA LYS B 38 21.92 26.30 -31.77
C LYS B 38 20.72 25.35 -31.70
N PRO B 39 20.74 24.26 -32.46
CA PRO B 39 19.62 23.31 -32.38
C PRO B 39 19.56 22.63 -31.02
N THR B 40 18.34 22.38 -30.56
CA THR B 40 18.16 21.72 -29.28
C THR B 40 18.45 20.23 -29.40
N ILE B 41 19.26 19.71 -28.49
CA ILE B 41 19.64 18.30 -28.51
C ILE B 41 19.14 17.68 -27.22
N ASP B 42 18.77 16.41 -27.31
CA ASP B 42 18.38 15.61 -26.15
C ASP B 42 19.26 14.37 -26.15
N VAL B 43 19.99 14.17 -25.06
CA VAL B 43 20.95 13.07 -24.94
C VAL B 43 20.58 12.27 -23.70
N ARG B 44 20.56 10.94 -23.84
CA ARG B 44 20.21 10.06 -22.73
C ARG B 44 21.00 8.77 -22.87
N MET B 45 21.39 8.20 -21.73
CA MET B 45 22.00 6.88 -21.73
C MET B 45 20.90 5.83 -21.72
N MET B 46 20.98 4.88 -22.65
CA MET B 46 19.93 3.88 -22.78
C MET B 46 20.16 2.68 -21.88
N ASN B 47 21.40 2.20 -21.78
CA ASN B 47 21.69 1.05 -20.96
C ASN B 47 23.19 0.98 -20.68
N MET B 48 23.54 0.45 -19.51
CA MET B 48 24.92 0.14 -19.18
C MET B 48 25.12 -1.36 -19.30
N GLU B 49 26.09 -1.77 -20.11
CA GLU B 49 26.31 -3.18 -20.41
C GLU B 49 27.74 -3.54 -20.07
N ALA B 50 27.92 -4.64 -19.33
CA ALA B 50 29.23 -5.15 -18.96
C ALA B 50 29.31 -6.63 -19.35
N ALA B 51 30.45 -7.02 -19.93
CA ALA B 51 30.67 -8.38 -20.37
C ALA B 51 31.83 -8.99 -19.61
N ASN B 52 32.00 -10.30 -19.78
CA ASN B 52 33.07 -11.06 -19.16
C ASN B 52 33.07 -10.87 -17.64
N LEU B 53 31.93 -11.17 -17.03
CA LEU B 53 31.79 -11.05 -15.59
C LEU B 53 32.62 -12.12 -14.90
N ALA B 54 33.21 -11.77 -13.75
CA ALA B 54 34.02 -12.71 -13.00
C ALA B 54 33.24 -13.22 -11.79
N GLU B 55 33.14 -14.54 -11.68
CA GLU B 55 32.44 -15.15 -10.55
C GLU B 55 33.28 -15.01 -9.29
N VAL B 56 32.62 -14.72 -8.16
CA VAL B 56 33.31 -14.55 -6.90
C VAL B 56 32.85 -15.61 -5.90
N ARG B 57 31.57 -15.64 -5.59
CA ARG B 57 31.01 -16.61 -4.65
C ARG B 57 29.68 -17.11 -5.20
N SER B 58 29.34 -18.35 -4.85
CA SER B 58 28.11 -18.98 -5.32
C SER B 58 27.46 -19.70 -4.14
N TYR B 59 26.46 -19.06 -3.52
CA TYR B 59 25.64 -19.73 -2.54
C TYR B 59 24.74 -20.74 -3.24
N CYS B 60 24.30 -21.75 -2.48
CA CYS B 60 23.34 -22.70 -2.98
C CYS B 60 22.15 -22.78 -2.03
N TYR B 61 20.95 -22.88 -2.61
CA TYR B 61 19.72 -22.80 -1.85
C TYR B 61 18.93 -24.10 -1.85
N LEU B 62 19.27 -25.07 -2.69
CA LEU B 62 18.60 -26.37 -2.72
C LEU B 62 19.66 -27.44 -2.53
N ALA B 63 19.62 -28.12 -1.39
CA ALA B 63 20.63 -29.09 -1.01
C ALA B 63 20.07 -30.50 -1.02
N THR B 64 20.98 -31.47 -1.13
CA THR B 64 20.64 -32.88 -1.08
C THR B 64 21.51 -33.56 -0.02
N VAL B 65 20.87 -34.35 0.84
CA VAL B 65 21.53 -35.05 1.94
C VAL B 65 21.32 -36.54 1.73
N SER B 66 22.42 -37.30 1.74
CA SER B 66 22.36 -38.73 1.52
C SER B 66 23.50 -39.40 2.28
N GLU B 67 23.55 -40.73 2.22
CA GLU B 67 24.58 -41.53 2.87
C GLU B 67 24.66 -41.24 4.36
N LEU B 68 23.52 -41.40 5.05
CA LEU B 68 23.46 -41.17 6.48
C LEU B 68 24.30 -42.21 7.22
N SER B 69 25.07 -41.76 8.21
CA SER B 69 25.89 -42.63 9.01
C SER B 69 26.15 -41.98 10.35
N THR B 70 26.14 -42.78 11.41
CA THR B 70 26.38 -42.28 12.76
C THR B 70 27.23 -43.27 13.52
N LYS B 71 28.04 -42.75 14.44
CA LYS B 71 28.89 -43.56 15.30
C LYS B 71 28.52 -43.27 16.75
N ALA B 72 28.19 -44.31 17.51
CA ALA B 72 27.75 -44.17 18.88
C ALA B 72 28.87 -44.56 19.83
N ALA B 73 28.92 -43.87 20.98
CA ALA B 73 29.90 -44.15 22.01
C ALA B 73 29.22 -44.26 23.37
N CYS B 74 29.80 -45.07 24.24
CA CYS B 74 29.28 -45.24 25.59
C CYS B 74 29.53 -43.99 26.41
N PRO B 75 28.78 -43.80 27.50
CA PRO B 75 28.96 -42.59 28.32
C PRO B 75 30.35 -42.44 28.91
N THR B 76 31.10 -43.53 29.10
CA THR B 76 32.45 -43.43 29.64
C THR B 76 33.52 -43.29 28.58
N MET B 77 33.26 -43.77 27.36
CA MET B 77 34.26 -43.81 26.30
C MET B 77 34.48 -42.47 25.61
N GLY B 78 34.01 -41.37 26.20
CA GLY B 78 34.25 -40.06 25.62
C GLY B 78 33.44 -39.81 24.37
N GLU B 79 33.87 -38.81 23.60
CA GLU B 79 33.16 -38.42 22.40
C GLU B 79 33.37 -39.45 21.29
N ALA B 80 32.42 -39.49 20.37
CA ALA B 80 32.45 -40.43 19.24
C ALA B 80 32.93 -39.69 18.00
N HIS B 81 33.85 -40.32 17.26
CA HIS B 81 34.41 -39.75 16.05
C HIS B 81 34.08 -40.68 14.89
N ASN B 82 33.22 -40.22 13.99
CA ASN B 82 32.87 -41.00 12.81
C ASN B 82 34.02 -40.99 11.81
N ASP B 83 34.15 -42.09 11.08
CA ASP B 83 35.23 -42.24 10.11
C ASP B 83 35.06 -41.33 8.89
N LYS B 84 34.02 -40.50 8.84
CA LYS B 84 33.78 -39.61 7.71
C LYS B 84 34.24 -38.19 7.98
N ARG B 85 34.96 -37.96 9.08
CA ARG B 85 35.55 -36.64 9.31
C ARG B 85 36.66 -36.35 8.30
N ALA B 86 37.41 -37.38 7.90
CA ALA B 86 38.45 -37.21 6.91
C ALA B 86 37.92 -37.04 5.50
N ASP B 87 36.65 -37.36 5.27
CA ASP B 87 36.06 -37.25 3.95
C ASP B 87 35.39 -35.89 3.80
N PRO B 88 35.82 -35.05 2.85
CA PRO B 88 35.10 -33.80 2.60
C PRO B 88 33.71 -34.07 2.04
N SER B 89 32.91 -33.01 1.86
CA SER B 89 31.53 -33.10 1.38
C SER B 89 30.64 -33.88 2.34
N PHE B 90 31.15 -34.21 3.53
CA PHE B 90 30.38 -34.86 4.58
C PHE B 90 30.29 -33.92 5.76
N VAL B 91 29.07 -33.64 6.21
CA VAL B 91 28.85 -32.74 7.34
C VAL B 91 28.51 -33.59 8.56
N CYS B 92 29.28 -33.41 9.62
CA CYS B 92 29.13 -34.21 10.83
C CYS B 92 28.84 -33.31 12.02
N LYS B 93 27.96 -33.78 12.89
CA LYS B 93 27.56 -33.03 14.08
C LYS B 93 27.59 -33.95 15.28
N GLN B 94 28.25 -33.51 16.35
CA GLN B 94 28.33 -34.31 17.57
C GLN B 94 27.09 -34.11 18.41
N GLY B 95 26.46 -35.22 18.81
CA GLY B 95 25.23 -35.16 19.59
C GLY B 95 25.36 -35.99 20.85
N VAL B 96 24.37 -35.83 21.73
CA VAL B 96 24.31 -36.52 23.01
C VAL B 96 23.00 -37.30 23.07
N VAL B 97 23.10 -38.59 23.39
CA VAL B 97 21.93 -39.46 23.44
C VAL B 97 21.98 -40.26 24.74
N ASP B 98 20.79 -40.66 25.20
CA ASP B 98 20.69 -41.50 26.39
C ASP B 98 21.15 -42.91 26.07
N ARG B 99 22.03 -43.46 26.91
CA ARG B 99 22.56 -44.80 26.72
C ARG B 99 22.37 -45.60 27.99
N GLY B 100 22.00 -46.87 27.84
CA GLY B 100 21.81 -47.74 28.97
C GLY B 100 21.87 -49.18 28.56
N TRP B 101 21.48 -50.05 29.49
CA TRP B 101 21.48 -51.49 29.21
C TRP B 101 20.42 -51.87 28.18
N GLY B 102 19.39 -51.05 27.98
CA GLY B 102 18.39 -51.33 26.98
C GLY B 102 18.89 -51.02 25.57
N ASN B 103 19.79 -50.06 25.46
CA ASN B 103 20.37 -49.69 24.18
C ASN B 103 21.56 -50.54 23.79
N GLY B 104 21.98 -51.46 24.66
CA GLY B 104 23.14 -52.29 24.39
C GLY B 104 24.43 -51.78 24.99
N CYS B 105 24.40 -50.72 25.78
CA CYS B 105 25.60 -50.15 26.37
C CYS B 105 25.99 -50.96 27.60
N GLY B 106 27.02 -50.49 28.31
CA GLY B 106 27.48 -51.17 29.50
C GLY B 106 27.09 -50.45 30.78
N LEU B 107 27.10 -49.12 30.73
CA LEU B 107 26.72 -48.30 31.86
C LEU B 107 25.54 -47.40 31.47
N PHE B 108 25.16 -46.51 32.38
CA PHE B 108 24.04 -45.61 32.18
C PHE B 108 24.54 -44.17 32.20
N GLY B 109 24.10 -43.38 31.23
CA GLY B 109 24.50 -42.00 31.17
C GLY B 109 24.17 -41.40 29.82
N LYS B 110 24.83 -40.29 29.51
CA LYS B 110 24.64 -39.57 28.25
C LYS B 110 25.77 -39.99 27.32
N GLY B 111 25.43 -40.79 26.31
CA GLY B 111 26.40 -41.18 25.32
C GLY B 111 26.67 -40.09 24.31
N SER B 112 27.66 -40.35 23.46
CA SER B 112 28.07 -39.41 22.43
C SER B 112 27.90 -40.04 21.06
N ILE B 113 27.29 -39.31 20.14
CA ILE B 113 27.10 -39.76 18.76
C ILE B 113 27.65 -38.71 17.82
N ASP B 114 28.08 -39.15 16.65
CA ASP B 114 28.61 -38.28 15.61
C ASP B 114 27.98 -38.71 14.28
N THR B 115 26.93 -38.00 13.87
CA THR B 115 26.19 -38.32 12.67
C THR B 115 26.73 -37.51 11.49
N CYS B 116 27.05 -38.20 10.40
CA CYS B 116 27.57 -37.57 9.20
C CYS B 116 26.60 -37.77 8.05
N ALA B 117 26.59 -36.81 7.13
CA ALA B 117 25.72 -36.88 5.96
C ALA B 117 26.42 -36.22 4.79
N LYS B 118 26.24 -36.80 3.61
CA LYS B 118 26.87 -36.28 2.40
C LYS B 118 26.09 -35.08 1.89
N PHE B 119 26.75 -33.94 1.80
CA PHE B 119 26.14 -32.70 1.35
C PHE B 119 26.53 -32.44 -0.10
N ALA B 120 25.54 -32.28 -0.97
CA ALA B 120 25.79 -31.96 -2.36
C ALA B 120 24.58 -31.17 -2.87
N CYS B 121 24.69 -29.85 -2.89
CA CYS B 121 23.59 -28.99 -3.33
C CYS B 121 23.72 -28.71 -4.81
N SER B 122 22.64 -28.96 -5.56
CA SER B 122 22.65 -28.88 -7.01
C SER B 122 22.38 -27.51 -7.63
N THR B 123 21.42 -26.76 -7.11
CA THR B 123 21.05 -25.45 -7.65
C THR B 123 21.75 -24.42 -6.77
N LYS B 124 22.53 -23.54 -7.38
CA LYS B 124 23.32 -22.56 -6.66
C LYS B 124 22.98 -21.18 -7.22
N ALA B 125 23.10 -20.16 -6.36
CA ALA B 125 22.86 -18.77 -6.75
C ALA B 125 24.21 -18.08 -6.85
N THR B 126 24.80 -18.16 -8.04
CA THR B 126 26.15 -17.63 -8.25
C THR B 126 26.13 -16.11 -8.35
N GLY B 127 27.06 -15.47 -7.66
CA GLY B 127 27.25 -14.03 -7.71
C GLY B 127 28.54 -13.70 -8.43
N ARG B 128 28.51 -12.64 -9.23
CA ARG B 128 29.65 -12.26 -10.06
C ARG B 128 29.96 -10.78 -9.89
N THR B 129 31.24 -10.44 -10.03
CA THR B 129 31.70 -9.07 -9.93
C THR B 129 31.85 -8.46 -11.31
N ILE B 130 31.77 -7.13 -11.37
CA ILE B 130 31.84 -6.39 -12.62
C ILE B 130 33.23 -5.81 -12.77
N LEU B 131 33.87 -6.09 -13.90
CA LEU B 131 35.19 -5.56 -14.20
C LEU B 131 35.05 -4.16 -14.79
N LYS B 132 35.75 -3.20 -14.20
CA LYS B 132 35.61 -1.80 -14.59
C LYS B 132 36.06 -1.53 -16.02
N GLU B 133 36.83 -2.44 -16.62
CA GLU B 133 37.34 -2.26 -17.96
C GLU B 133 36.48 -2.95 -19.02
N ASN B 134 35.33 -3.52 -18.64
CA ASN B 134 34.45 -4.17 -19.58
C ASN B 134 33.10 -3.49 -19.73
N ILE B 135 32.81 -2.47 -18.93
CA ILE B 135 31.53 -1.78 -19.03
C ILE B 135 31.52 -0.92 -20.29
N LYS B 136 30.32 -0.69 -20.82
CA LYS B 136 30.16 0.17 -21.98
C LYS B 136 28.75 0.79 -21.94
N TYR B 137 28.68 2.05 -21.54
CA TYR B 137 27.41 2.76 -21.57
C TYR B 137 26.97 3.02 -23.01
N GLU B 138 25.69 2.84 -23.27
CA GLU B 138 25.09 3.18 -24.55
C GLU B 138 24.41 4.53 -24.39
N VAL B 139 24.82 5.51 -25.18
CA VAL B 139 24.31 6.87 -25.11
C VAL B 139 23.75 7.23 -26.48
N ALA B 140 22.58 7.86 -26.49
CA ALA B 140 21.92 8.28 -27.71
C ALA B 140 21.75 9.79 -27.71
N ILE B 141 22.07 10.42 -28.84
CA ILE B 141 21.96 11.86 -29.01
C ILE B 141 21.05 12.13 -30.20
N PHE B 142 20.10 13.04 -30.02
CA PHE B 142 19.12 13.38 -31.04
C PHE B 142 19.05 14.88 -31.18
N VAL B 143 18.69 15.35 -32.38
CA VAL B 143 18.52 16.76 -32.66
C VAL B 143 17.10 16.98 -33.18
N HIS B 144 16.44 18.02 -32.65
CA HIS B 144 15.06 18.32 -33.03
C HIS B 144 15.07 19.00 -34.39
N GLY B 145 14.87 18.22 -35.45
CA GLY B 145 14.81 18.75 -36.79
C GLY B 145 13.49 18.43 -37.45
N PRO B 146 13.48 18.36 -38.78
CA PRO B 146 12.24 18.01 -39.48
C PRO B 146 11.88 16.55 -39.28
N THR B 147 10.87 16.29 -38.47
CA THR B 147 10.45 14.93 -38.16
C THR B 147 8.93 14.86 -38.20
N THR B 148 8.42 13.66 -38.46
CA THR B 148 7.00 13.37 -38.44
C THR B 148 6.66 12.63 -37.15
N VAL B 149 5.37 12.58 -36.82
CA VAL B 149 4.94 11.82 -35.66
C VAL B 149 5.24 10.34 -35.84
N GLU B 150 5.01 9.81 -37.04
CA GLU B 150 5.27 8.41 -37.34
C GLU B 150 6.75 8.08 -37.42
N SER B 151 7.62 9.07 -37.64
CA SER B 151 9.04 8.81 -37.80
C SER B 151 9.89 9.51 -36.73
N HIS B 152 9.28 10.06 -35.69
CA HIS B 152 10.04 10.72 -34.63
C HIS B 152 10.75 9.72 -33.72
N GLY B 153 10.18 8.55 -33.51
CA GLY B 153 10.79 7.55 -32.65
C GLY B 153 11.39 6.39 -33.42
N ASN B 154 11.45 6.51 -34.75
CA ASN B 154 12.05 5.48 -35.59
C ASN B 154 13.54 5.79 -35.71
N TYR B 155 14.36 4.93 -35.12
CA TYR B 155 15.80 5.18 -35.10
C TYR B 155 16.41 5.04 -36.49
N SER B 156 15.87 4.14 -37.31
CA SER B 156 16.40 3.94 -38.65
C SER B 156 16.25 5.20 -39.49
N THR B 157 15.07 5.83 -39.45
CA THR B 157 14.85 7.04 -40.24
C THR B 157 15.66 8.22 -39.73
N GLN B 158 15.85 8.32 -38.41
CA GLN B 158 16.64 9.41 -37.85
C GLN B 158 18.12 9.24 -38.18
N THR B 159 18.61 8.01 -38.20
CA THR B 159 19.98 7.78 -38.66
C THR B 159 20.12 8.05 -40.15
N GLY B 160 19.10 7.68 -40.93
CA GLY B 160 19.11 8.02 -42.34
C GLY B 160 19.16 9.52 -42.57
N ALA B 161 18.47 10.28 -41.71
CA ALA B 161 18.52 11.73 -41.78
C ALA B 161 19.72 12.32 -41.06
N ALA B 162 20.56 11.47 -40.43
CA ALA B 162 21.73 11.92 -39.68
C ALA B 162 21.33 12.88 -38.55
N GLN B 163 20.20 12.60 -37.90
CA GLN B 163 19.72 13.40 -36.80
C GLN B 163 19.85 12.71 -35.45
N ALA B 164 20.11 11.41 -35.42
CA ALA B 164 20.25 10.67 -34.18
C ALA B 164 21.34 9.63 -34.33
N GLY B 165 21.85 9.17 -33.19
CA GLY B 165 22.87 8.14 -33.19
C GLY B 165 23.06 7.46 -31.85
N ARG B 166 23.14 6.14 -31.87
CA ARG B 166 23.46 5.34 -30.68
C ARG B 166 24.93 4.99 -30.73
N PHE B 167 25.67 5.36 -29.69
CA PHE B 167 27.08 5.09 -29.60
C PHE B 167 27.41 4.55 -28.21
N SER B 168 28.49 3.78 -28.14
CA SER B 168 28.89 3.11 -26.92
C SER B 168 30.05 3.87 -26.28
N ILE B 169 29.90 4.21 -25.01
CA ILE B 169 30.93 4.91 -24.23
C ILE B 169 31.60 3.90 -23.33
N THR B 170 32.91 3.73 -23.50
CA THR B 170 33.70 2.78 -22.74
C THR B 170 34.80 3.51 -21.97
N PRO B 171 35.31 2.92 -20.90
CA PRO B 171 36.46 3.54 -20.22
C PRO B 171 37.67 3.71 -21.12
N ALA B 172 37.86 2.81 -22.09
CA ALA B 172 38.95 2.95 -23.04
C ALA B 172 38.77 4.19 -23.92
N ALA B 173 37.53 4.45 -24.35
CA ALA B 173 37.21 5.58 -25.22
C ALA B 173 36.07 6.37 -24.60
N PRO B 174 36.35 7.15 -23.55
CA PRO B 174 35.28 7.90 -22.90
C PRO B 174 34.64 8.97 -23.78
N SER B 175 35.36 9.43 -24.80
CA SER B 175 34.89 10.52 -25.64
C SER B 175 34.40 9.98 -26.98
N TYR B 176 33.24 10.46 -27.40
CA TYR B 176 32.68 10.14 -28.70
C TYR B 176 32.23 11.42 -29.39
N THR B 177 32.47 11.51 -30.69
CA THR B 177 32.07 12.65 -31.49
C THR B 177 31.08 12.17 -32.55
N LEU B 178 29.84 12.65 -32.46
CA LEU B 178 28.79 12.26 -33.39
C LEU B 178 28.70 13.28 -34.51
N LYS B 179 28.78 12.81 -35.75
CA LYS B 179 28.79 13.66 -36.93
C LYS B 179 27.37 13.73 -37.49
N LEU B 180 26.73 14.88 -37.32
CA LEU B 180 25.42 15.11 -37.90
C LEU B 180 25.55 15.67 -39.31
N GLY B 181 24.48 15.55 -40.09
CA GLY B 181 24.55 15.94 -41.49
C GLY B 181 24.87 17.41 -41.69
N GLU B 182 23.91 18.28 -41.39
CA GLU B 182 24.12 19.71 -41.49
C GLU B 182 23.96 20.44 -40.18
N TYR B 183 23.72 19.72 -39.08
CA TYR B 183 23.68 20.31 -37.75
C TYR B 183 25.04 20.41 -37.10
N GLY B 184 26.10 19.97 -37.78
CA GLY B 184 27.42 20.06 -37.22
C GLY B 184 27.85 18.78 -36.52
N GLU B 185 28.63 18.93 -35.45
CA GLU B 185 29.13 17.82 -34.66
C GLU B 185 28.88 18.09 -33.18
N VAL B 186 28.50 17.03 -32.46
CA VAL B 186 28.33 17.08 -31.01
C VAL B 186 29.28 16.07 -30.40
N THR B 187 30.06 16.52 -29.42
CA THR B 187 31.06 15.68 -28.76
C THR B 187 30.68 15.51 -27.30
N VAL B 188 30.70 14.27 -26.83
CA VAL B 188 30.41 13.94 -25.44
C VAL B 188 31.67 13.34 -24.81
N ASP B 189 32.14 13.97 -23.75
CA ASP B 189 33.30 13.49 -23.00
C ASP B 189 32.81 13.05 -21.61
N CYS B 190 32.46 11.78 -21.48
CA CYS B 190 31.86 11.26 -20.27
C CYS B 190 32.95 10.74 -19.32
N GLU B 191 32.48 10.18 -18.20
CA GLU B 191 33.34 9.55 -17.21
C GLU B 191 32.83 8.16 -16.90
N PRO B 192 32.94 7.22 -17.84
CA PRO B 192 32.34 5.89 -17.62
C PRO B 192 32.92 5.15 -16.43
N ARG B 193 34.20 5.38 -16.11
CA ARG B 193 34.83 4.64 -15.03
C ARG B 193 34.19 4.94 -13.68
N SER B 194 33.87 6.21 -13.43
CA SER B 194 33.26 6.61 -12.17
C SER B 194 31.75 6.75 -12.24
N GLY B 195 31.13 6.41 -13.37
CA GLY B 195 29.68 6.54 -13.47
C GLY B 195 28.94 5.63 -12.53
N ILE B 196 29.34 4.36 -12.49
CA ILE B 196 28.73 3.37 -11.61
C ILE B 196 29.83 2.65 -10.85
N ASP B 197 29.71 2.59 -9.53
CA ASP B 197 30.70 1.97 -8.66
C ASP B 197 30.50 0.45 -8.74
N THR B 198 31.23 -0.19 -9.65
CA THR B 198 31.09 -1.63 -9.82
C THR B 198 31.58 -2.39 -8.59
N SER B 199 32.48 -1.77 -7.82
CA SER B 199 33.00 -2.43 -6.63
C SER B 199 31.96 -2.48 -5.52
N ALA B 200 30.90 -1.67 -5.63
CA ALA B 200 29.87 -1.63 -4.60
C ALA B 200 28.75 -2.62 -4.85
N TYR B 201 28.73 -3.31 -6.00
CA TYR B 201 27.62 -4.17 -6.35
C TYR B 201 28.13 -5.50 -6.91
N TYR B 202 27.26 -6.50 -6.82
CA TYR B 202 27.50 -7.82 -7.40
C TYR B 202 26.34 -8.15 -8.33
N VAL B 203 26.62 -9.05 -9.28
CA VAL B 203 25.60 -9.56 -10.20
C VAL B 203 25.22 -10.95 -9.72
N MET B 204 24.08 -11.06 -9.04
CA MET B 204 23.63 -12.31 -8.45
C MET B 204 22.52 -12.90 -9.31
N THR B 205 22.66 -14.18 -9.63
CA THR B 205 21.68 -14.90 -10.45
C THR B 205 20.97 -15.93 -9.59
N VAL B 206 19.71 -15.64 -9.26
CA VAL B 206 18.87 -16.55 -8.48
C VAL B 206 17.81 -17.10 -9.40
N GLY B 207 17.89 -18.40 -9.67
CA GLY B 207 16.97 -19.00 -10.62
C GLY B 207 17.17 -18.43 -12.01
N THR B 208 16.06 -18.01 -12.63
CA THR B 208 16.08 -17.44 -13.97
C THR B 208 16.10 -15.91 -13.95
N LYS B 209 16.16 -15.30 -12.78
CA LYS B 209 16.13 -13.86 -12.64
C LYS B 209 17.46 -13.39 -12.07
N THR B 210 18.03 -12.36 -12.68
CA THR B 210 19.33 -11.81 -12.28
C THR B 210 19.12 -10.47 -11.61
N PHE B 211 19.93 -10.21 -10.59
CA PHE B 211 19.80 -9.01 -9.77
C PHE B 211 21.16 -8.35 -9.59
N LEU B 212 21.12 -7.04 -9.33
CA LEU B 212 22.30 -6.29 -8.94
C LEU B 212 22.21 -6.00 -7.45
N VAL B 213 23.07 -6.65 -6.66
CA VAL B 213 22.95 -6.64 -5.21
C VAL B 213 24.17 -5.98 -4.60
N HIS B 214 24.00 -5.45 -3.40
CA HIS B 214 25.11 -4.86 -2.67
C HIS B 214 26.17 -5.92 -2.37
N ARG B 215 27.44 -5.50 -2.43
CA ARG B 215 28.52 -6.41 -2.13
C ARG B 215 28.50 -6.84 -0.66
N GLU B 216 28.22 -5.90 0.24
CA GLU B 216 28.16 -6.23 1.66
C GLU B 216 27.00 -7.17 1.96
N TRP B 217 25.84 -6.93 1.37
CA TRP B 217 24.68 -7.79 1.62
C TRP B 217 24.92 -9.20 1.10
N PHE B 218 25.54 -9.32 -0.08
CA PHE B 218 25.77 -10.64 -0.67
C PHE B 218 26.69 -11.49 0.20
N MET B 219 27.73 -10.87 0.76
CA MET B 219 28.69 -11.63 1.55
C MET B 219 28.15 -11.98 2.93
N ASP B 220 27.04 -11.38 3.35
CA ASP B 220 26.46 -11.65 4.66
C ASP B 220 25.36 -12.70 4.63
N LEU B 221 25.08 -13.31 3.48
CA LEU B 221 24.06 -14.35 3.42
C LEU B 221 24.50 -15.57 4.21
N ASN B 222 23.54 -16.20 4.88
CA ASN B 222 23.79 -17.39 5.68
C ASN B 222 23.33 -18.60 4.89
N LEU B 223 24.18 -19.06 3.97
CA LEU B 223 23.88 -20.20 3.11
C LEU B 223 25.18 -20.92 2.81
N PRO B 224 25.10 -22.20 2.42
CA PRO B 224 26.31 -22.89 1.97
C PRO B 224 26.88 -22.23 0.72
N TRP B 225 28.14 -21.81 0.80
CA TRP B 225 28.78 -21.06 -0.26
C TRP B 225 30.10 -21.71 -0.65
N SER B 226 30.39 -21.67 -1.94
CA SER B 226 31.66 -22.14 -2.49
C SER B 226 32.27 -21.04 -3.33
N SER B 227 33.60 -20.93 -3.30
CA SER B 227 34.30 -19.93 -4.08
C SER B 227 34.23 -20.27 -5.57
N ALA B 228 34.68 -19.33 -6.39
CA ALA B 228 34.62 -19.51 -7.83
C ALA B 228 35.42 -20.72 -8.28
N GLU B 229 34.80 -21.54 -9.12
CA GLU B 229 35.42 -22.73 -9.72
C GLU B 229 35.93 -23.73 -8.67
N SER B 230 35.24 -23.84 -7.54
CA SER B 230 35.60 -24.79 -6.50
C SER B 230 34.34 -25.49 -6.01
N ASN B 231 34.48 -26.76 -5.64
CA ASN B 231 33.37 -27.55 -5.11
C ASN B 231 33.39 -27.63 -3.58
N VAL B 232 34.27 -26.88 -2.94
CA VAL B 232 34.36 -26.88 -1.48
C VAL B 232 33.28 -25.97 -0.93
N TRP B 233 32.30 -26.55 -0.24
CA TRP B 233 31.20 -25.81 0.34
C TRP B 233 31.47 -25.56 1.82
N ARG B 234 31.08 -24.38 2.30
CA ARG B 234 31.25 -24.00 3.69
C ARG B 234 29.89 -23.56 4.24
N ASN B 235 29.75 -23.62 5.56
CA ASN B 235 28.48 -23.36 6.23
C ASN B 235 27.37 -24.28 5.71
N ARG B 236 27.71 -25.55 5.45
CA ARG B 236 26.73 -26.48 4.90
C ARG B 236 25.66 -26.83 5.91
N GLU B 237 25.93 -26.64 7.21
CA GLU B 237 24.98 -26.99 8.25
C GLU B 237 23.75 -26.10 8.28
N THR B 238 23.79 -24.95 7.59
CA THR B 238 22.62 -24.07 7.57
C THR B 238 21.47 -24.68 6.79
N LEU B 239 21.77 -25.43 5.74
CA LEU B 239 20.75 -26.08 4.91
C LEU B 239 20.46 -27.50 5.35
N MET B 240 21.07 -27.96 6.45
CA MET B 240 20.89 -29.33 6.93
C MET B 240 20.27 -29.30 8.31
N GLU B 241 19.30 -30.17 8.53
CA GLU B 241 18.61 -30.28 9.82
C GLU B 241 18.90 -31.64 10.43
N PHE B 242 19.40 -31.63 11.65
CA PHE B 242 19.67 -32.86 12.40
C PHE B 242 18.51 -33.13 13.35
N GLU B 243 17.88 -34.30 13.18
CA GLU B 243 16.69 -34.64 13.96
C GLU B 243 17.07 -35.13 15.35
N GLU B 244 16.11 -35.70 16.06
CA GLU B 244 16.33 -36.12 17.44
C GLU B 244 17.49 -37.12 17.51
N PRO B 245 18.42 -36.96 18.44
CA PRO B 245 19.56 -37.88 18.53
C PRO B 245 19.09 -39.30 18.79
N HIS B 246 19.76 -40.26 18.16
CA HIS B 246 19.46 -41.68 18.32
C HIS B 246 20.76 -42.47 18.22
N ALA B 247 20.90 -43.47 19.08
CA ALA B 247 22.14 -44.25 19.11
C ALA B 247 22.34 -45.02 17.82
N THR B 248 21.29 -45.72 17.37
CA THR B 248 21.43 -46.57 16.19
C THR B 248 21.56 -45.73 14.92
N LYS B 249 20.69 -44.74 14.74
CA LYS B 249 20.72 -43.93 13.53
C LYS B 249 19.95 -42.63 13.76
N GLN B 250 20.62 -41.50 13.53
CA GLN B 250 20.01 -40.19 13.63
C GLN B 250 19.71 -39.69 12.22
N SER B 251 18.46 -39.31 11.98
CA SER B 251 18.07 -38.86 10.65
C SER B 251 18.49 -37.41 10.41
N VAL B 252 19.05 -37.15 9.24
CA VAL B 252 19.42 -35.81 8.80
C VAL B 252 18.69 -35.53 7.50
N ILE B 253 17.95 -34.42 7.44
CA ILE B 253 17.19 -34.04 6.26
C ILE B 253 17.54 -32.61 5.89
N ALA B 254 17.77 -32.40 4.59
CA ALA B 254 18.03 -31.06 4.10
C ALA B 254 16.74 -30.23 4.10
N LEU B 255 16.89 -28.94 4.34
CA LEU B 255 15.75 -28.05 4.32
C LEU B 255 15.24 -27.88 2.89
N GLY B 256 14.05 -27.29 2.77
CA GLY B 256 13.46 -27.04 1.47
C GLY B 256 14.23 -26.00 0.70
N SER B 257 13.84 -25.85 -0.56
CA SER B 257 14.49 -24.88 -1.44
C SER B 257 14.37 -23.48 -0.87
N GLN B 258 15.50 -22.77 -0.82
CA GLN B 258 15.54 -21.39 -0.33
C GLN B 258 15.46 -20.37 -1.46
N GLU B 259 15.04 -20.80 -2.65
CA GLU B 259 14.92 -19.88 -3.78
C GLU B 259 13.88 -18.80 -3.49
N GLY B 260 12.74 -19.20 -2.92
CA GLY B 260 11.74 -18.22 -2.55
C GLY B 260 12.21 -17.31 -1.42
N ALA B 261 12.92 -17.88 -0.46
CA ALA B 261 13.48 -17.06 0.63
C ALA B 261 14.50 -16.07 0.09
N LEU B 262 15.30 -16.48 -0.90
CA LEU B 262 16.22 -15.55 -1.54
C LEU B 262 15.46 -14.45 -2.28
N HIS B 263 14.39 -14.81 -2.99
CA HIS B 263 13.60 -13.81 -3.70
C HIS B 263 13.00 -12.80 -2.75
N GLN B 264 12.51 -13.25 -1.60
CA GLN B 264 12.03 -12.32 -0.59
C GLN B 264 13.16 -11.48 -0.01
N ALA B 265 14.36 -12.06 0.09
CA ALA B 265 15.53 -11.34 0.59
C ALA B 265 16.06 -10.34 -0.42
N LEU B 266 15.68 -10.46 -1.69
CA LEU B 266 16.12 -9.57 -2.77
C LEU B 266 15.14 -8.45 -3.03
N ALA B 267 14.40 -8.02 -2.01
CA ALA B 267 13.30 -7.09 -2.21
C ALA B 267 13.77 -5.77 -2.81
N GLY B 268 14.89 -5.24 -2.31
CA GLY B 268 15.44 -4.01 -2.83
C GLY B 268 16.41 -4.15 -3.98
N ALA B 269 16.66 -5.36 -4.46
CA ALA B 269 17.62 -5.55 -5.54
C ALA B 269 17.07 -5.01 -6.86
N ILE B 270 17.98 -4.67 -7.75
CA ILE B 270 17.63 -4.11 -9.06
C ILE B 270 17.72 -5.24 -10.09
N PRO B 271 16.62 -5.68 -10.67
CA PRO B 271 16.69 -6.75 -11.67
C PRO B 271 17.40 -6.28 -12.93
N VAL B 272 18.26 -7.15 -13.47
CA VAL B 272 19.05 -6.85 -14.65
C VAL B 272 18.97 -8.03 -15.60
N GLU B 273 19.31 -7.80 -16.86
CA GLU B 273 19.32 -8.85 -17.87
C GLU B 273 20.71 -9.44 -17.96
N PHE B 274 20.80 -10.77 -17.81
CA PHE B 274 22.07 -11.49 -17.86
C PHE B 274 21.97 -12.56 -18.92
N SER B 275 22.87 -12.51 -19.90
CA SER B 275 22.89 -13.47 -20.98
C SER B 275 24.30 -13.55 -21.56
N SER B 276 24.76 -14.77 -21.81
CA SER B 276 26.09 -15.02 -22.38
C SER B 276 27.19 -14.33 -21.57
N ASN B 277 27.08 -14.42 -20.25
CA ASN B 277 28.03 -13.81 -19.32
C ASN B 277 28.11 -12.29 -19.51
N THR B 278 27.01 -11.69 -19.95
CA THR B 278 26.94 -10.25 -20.17
C THR B 278 25.72 -9.71 -19.44
N VAL B 279 25.93 -8.66 -18.65
CA VAL B 279 24.87 -8.05 -17.85
C VAL B 279 24.54 -6.69 -18.46
N LYS B 280 23.24 -6.41 -18.60
CA LYS B 280 22.77 -5.14 -19.13
C LYS B 280 21.91 -4.44 -18.08
N LEU B 281 22.23 -3.18 -17.80
CA LEU B 281 21.52 -2.38 -16.82
C LEU B 281 20.90 -1.18 -17.50
N THR B 282 19.59 -1.02 -17.35
CA THR B 282 18.92 0.17 -17.86
C THR B 282 18.90 1.31 -16.86
N SER B 283 19.32 1.07 -15.62
CA SER B 283 19.38 2.09 -14.60
C SER B 283 20.81 2.62 -14.45
N GLY B 284 21.01 3.42 -13.42
CA GLY B 284 22.30 4.03 -13.15
C GLY B 284 22.39 5.43 -13.72
N HIS B 285 23.55 6.04 -13.50
CA HIS B 285 23.84 7.38 -13.99
C HIS B 285 25.21 7.40 -14.65
N LEU B 286 25.38 8.34 -15.57
CA LEU B 286 26.63 8.53 -16.29
C LEU B 286 26.92 10.03 -16.37
N LYS B 287 27.92 10.49 -15.63
CA LYS B 287 28.32 11.88 -15.73
C LYS B 287 29.02 12.10 -17.08
N CYS B 288 28.60 13.15 -17.78
CA CYS B 288 29.16 13.42 -19.10
C CYS B 288 29.13 14.92 -19.37
N ARG B 289 30.00 15.34 -20.28
CA ARG B 289 30.06 16.72 -20.73
C ARG B 289 29.78 16.78 -22.23
N VAL B 290 28.79 17.58 -22.60
CA VAL B 290 28.36 17.72 -23.99
C VAL B 290 28.96 19.01 -24.54
N LYS B 291 29.69 18.90 -25.64
CA LYS B 291 30.35 20.04 -26.27
C LYS B 291 29.61 20.37 -27.57
N MET B 292 29.20 21.63 -27.71
CA MET B 292 28.38 22.07 -28.83
C MET B 292 29.01 23.20 -29.62
N GLU B 293 30.34 23.31 -29.61
CA GLU B 293 31.01 24.34 -30.39
C GLU B 293 30.76 24.15 -31.88
N LYS B 294 30.86 22.91 -32.35
CA LYS B 294 30.63 22.58 -33.75
C LYS B 294 29.16 22.40 -34.09
N LEU B 295 28.27 22.46 -33.09
CA LEU B 295 26.85 22.30 -33.33
C LEU B 295 26.28 23.56 -33.97
N GLN B 296 25.86 23.46 -35.22
CA GLN B 296 25.39 24.60 -35.99
C GLN B 296 23.92 24.42 -36.35
N LEU B 297 23.18 25.53 -36.34
CA LEU B 297 21.76 25.48 -36.66
C LEU B 297 21.56 25.30 -38.16
N LYS B 298 20.69 24.37 -38.53
CA LYS B 298 20.39 24.07 -39.92
C LYS B 298 19.13 24.81 -40.36
N GLY B 299 19.14 25.28 -41.61
CA GLY B 299 18.00 25.95 -42.17
C GLY B 299 17.91 27.44 -41.87
N THR B 300 18.99 28.04 -41.36
CA THR B 300 18.95 29.47 -41.06
C THR B 300 18.85 30.31 -42.34
N THR B 301 19.43 29.82 -43.43
CA THR B 301 19.44 30.55 -44.69
C THR B 301 18.26 30.20 -45.59
N TYR B 302 17.34 29.35 -45.15
CA TYR B 302 16.18 29.02 -45.94
C TYR B 302 15.17 30.17 -45.92
N GLY B 303 14.36 30.24 -46.98
CA GLY B 303 13.30 31.22 -47.03
C GLY B 303 12.11 30.83 -46.20
N VAL B 304 11.20 31.79 -46.01
CA VAL B 304 9.98 31.50 -45.24
C VAL B 304 8.96 30.84 -46.16
N CYS B 305 8.03 30.10 -45.55
CA CYS B 305 7.01 29.39 -46.29
C CYS B 305 5.91 30.37 -46.70
N SER B 306 5.70 30.53 -48.00
CA SER B 306 4.69 31.46 -48.48
C SER B 306 3.30 30.88 -48.35
N LYS B 307 3.14 29.58 -48.58
CA LYS B 307 1.84 28.94 -48.60
C LYS B 307 1.34 28.69 -47.18
N ALA B 308 0.11 28.18 -47.10
CA ALA B 308 -0.55 28.01 -45.81
C ALA B 308 -0.27 26.62 -45.22
N PHE B 309 -0.40 26.54 -43.90
CA PHE B 309 -0.28 25.30 -43.16
C PHE B 309 -1.65 24.86 -42.67
N ARG B 310 -1.68 23.73 -41.99
CA ARG B 310 -2.89 23.23 -41.35
C ARG B 310 -2.52 22.34 -40.17
N PHE B 311 -3.40 22.30 -39.18
CA PHE B 311 -3.21 21.43 -38.01
C PHE B 311 -3.79 20.07 -38.31
N LEU B 312 -2.93 19.05 -38.46
CA LEU B 312 -3.42 17.70 -38.73
C LEU B 312 -4.22 17.16 -37.54
N GLY B 313 -3.74 17.38 -36.33
CA GLY B 313 -4.41 16.90 -35.15
C GLY B 313 -4.22 17.86 -34.00
N THR B 314 -4.88 17.56 -32.89
CA THR B 314 -4.78 18.41 -31.72
C THR B 314 -3.37 18.35 -31.14
N PRO B 315 -2.80 19.49 -30.74
CA PRO B 315 -1.56 19.45 -29.98
C PRO B 315 -1.76 18.73 -28.65
N ALA B 316 -0.68 18.08 -28.19
CA ALA B 316 -0.72 17.30 -26.97
C ALA B 316 0.33 17.82 -26.00
N ASP B 317 -0.09 18.10 -24.77
CA ASP B 317 0.86 18.45 -23.73
C ASP B 317 1.66 17.22 -23.30
N THR B 318 2.98 17.39 -23.21
CA THR B 318 3.86 16.29 -22.84
C THR B 318 3.98 16.11 -21.34
N GLY B 319 3.39 17.00 -20.54
CA GLY B 319 3.48 16.94 -19.10
C GLY B 319 4.67 17.66 -18.51
N HIS B 320 5.63 18.08 -19.33
CA HIS B 320 6.80 18.82 -18.88
C HIS B 320 6.69 20.30 -19.18
N GLY B 321 5.50 20.78 -19.53
CA GLY B 321 5.32 22.16 -19.90
C GLY B 321 5.49 22.48 -21.37
N THR B 322 5.79 21.48 -22.20
CA THR B 322 5.95 21.65 -23.62
C THR B 322 4.78 21.04 -24.37
N VAL B 323 4.48 21.58 -25.54
CA VAL B 323 3.34 21.17 -26.35
C VAL B 323 3.85 20.73 -27.72
N VAL B 324 3.42 19.55 -28.16
CA VAL B 324 3.85 18.97 -29.43
C VAL B 324 2.66 18.95 -30.37
N LEU B 325 2.85 19.50 -31.56
CA LEU B 325 1.82 19.54 -32.59
C LEU B 325 2.42 19.15 -33.94
N GLU B 326 1.56 18.70 -34.83
CA GLU B 326 1.95 18.31 -36.18
C GLU B 326 1.30 19.25 -37.19
N LEU B 327 2.10 19.74 -38.14
CA LEU B 327 1.65 20.68 -39.15
C LEU B 327 1.84 20.05 -40.53
N GLN B 328 0.86 20.25 -41.41
CA GLN B 328 0.95 19.82 -42.79
C GLN B 328 1.04 21.04 -43.68
N TYR B 329 2.09 21.09 -44.51
CA TYR B 329 2.34 22.23 -45.38
C TYR B 329 1.65 21.99 -46.73
N THR B 330 0.74 22.90 -47.09
CA THR B 330 -0.01 22.73 -48.34
C THR B 330 0.85 23.03 -49.56
N GLY B 331 1.82 23.93 -49.43
CA GLY B 331 2.63 24.31 -50.55
C GLY B 331 3.69 23.27 -50.90
N THR B 332 4.31 23.46 -52.07
CA THR B 332 5.35 22.58 -52.55
C THR B 332 6.56 23.36 -53.09
N ASP B 333 6.82 24.56 -52.55
CA ASP B 333 7.91 25.37 -53.05
C ASP B 333 9.26 24.71 -52.79
N GLY B 334 9.41 24.07 -51.64
CA GLY B 334 10.65 23.41 -51.29
C GLY B 334 10.98 23.58 -49.82
N PRO B 335 12.27 23.45 -49.48
CA PRO B 335 12.68 23.67 -48.09
C PRO B 335 12.46 25.11 -47.65
N CYS B 336 11.53 25.32 -46.73
CA CYS B 336 11.18 26.66 -46.28
C CYS B 336 11.05 26.66 -44.76
N LYS B 337 11.23 27.84 -44.18
CA LYS B 337 11.19 27.99 -42.74
C LYS B 337 9.76 28.22 -42.26
N ILE B 338 9.34 27.44 -41.28
CA ILE B 338 7.97 27.51 -40.78
C ILE B 338 7.84 28.70 -39.85
N PRO B 339 6.89 29.61 -40.08
CA PRO B 339 6.70 30.78 -39.18
C PRO B 339 5.71 30.50 -38.07
N ILE B 340 6.10 29.63 -37.14
CA ILE B 340 5.25 29.23 -36.03
C ILE B 340 5.73 29.91 -34.76
N SER B 341 4.80 30.45 -33.98
CA SER B 341 5.12 31.16 -32.75
C SER B 341 3.97 30.99 -31.76
N SER B 342 4.28 31.20 -30.49
CA SER B 342 3.31 31.16 -29.41
C SER B 342 3.09 32.58 -28.91
N VAL B 343 1.84 33.05 -28.98
CA VAL B 343 1.49 34.43 -28.67
C VAL B 343 0.40 34.44 -27.62
N ALA B 344 0.40 35.49 -26.79
CA ALA B 344 -0.64 35.62 -25.77
C ALA B 344 -1.97 36.05 -26.39
N SER B 345 -1.93 36.96 -27.35
CA SER B 345 -3.13 37.49 -27.98
C SER B 345 -2.96 37.47 -29.49
N LEU B 346 -4.08 37.31 -30.20
CA LEU B 346 -4.03 37.28 -31.66
C LEU B 346 -3.78 38.66 -32.25
N ASN B 347 -4.14 39.72 -31.52
CA ASN B 347 -3.84 41.07 -32.01
C ASN B 347 -2.40 41.46 -31.68
N ASP B 348 -1.91 41.05 -30.51
CA ASP B 348 -0.56 41.41 -30.10
C ASP B 348 0.49 40.73 -30.97
N LEU B 349 0.37 39.41 -31.14
CA LEU B 349 1.23 38.62 -32.03
C LEU B 349 2.71 38.81 -31.69
N THR B 350 3.02 38.88 -30.39
CA THR B 350 4.41 38.97 -29.98
C THR B 350 4.86 37.63 -29.42
N PRO B 351 6.10 37.21 -29.65
CA PRO B 351 6.57 35.93 -29.12
C PRO B 351 6.61 35.94 -27.60
N VAL B 352 5.84 35.05 -26.99
CA VAL B 352 5.80 34.92 -25.53
C VAL B 352 6.23 33.54 -25.06
N GLY B 353 6.12 32.52 -25.89
CA GLY B 353 6.60 31.19 -25.53
C GLY B 353 7.67 30.74 -26.49
N ARG B 354 8.68 30.07 -25.95
CA ARG B 354 9.81 29.63 -26.76
C ARG B 354 9.47 28.32 -27.48
N LEU B 355 10.34 27.95 -28.42
CA LEU B 355 10.17 26.75 -29.22
C LEU B 355 11.27 25.76 -28.85
N VAL B 356 10.87 24.52 -28.54
CA VAL B 356 11.85 23.47 -28.34
C VAL B 356 12.51 23.09 -29.65
N THR B 357 11.71 22.97 -30.72
CA THR B 357 12.25 22.75 -32.06
C THR B 357 12.72 24.10 -32.60
N VAL B 358 13.96 24.46 -32.26
CA VAL B 358 14.50 25.76 -32.65
C VAL B 358 14.69 25.79 -34.16
N ASN B 359 14.20 26.86 -34.78
CA ASN B 359 14.25 27.05 -36.22
C ASN B 359 13.60 25.88 -36.97
N PRO B 360 12.30 25.68 -36.83
CA PRO B 360 11.62 24.62 -37.59
C PRO B 360 11.56 24.99 -39.07
N PHE B 361 11.58 23.95 -39.90
CA PHE B 361 11.54 24.17 -41.34
C PHE B 361 11.04 22.91 -42.03
N VAL B 362 10.35 23.09 -43.15
CA VAL B 362 9.97 21.97 -43.99
C VAL B 362 11.21 21.51 -44.76
N SER B 363 11.44 20.20 -44.77
CA SER B 363 12.63 19.66 -45.44
C SER B 363 12.33 19.19 -46.85
N VAL B 364 11.30 18.36 -47.03
CA VAL B 364 10.97 17.81 -48.33
C VAL B 364 10.18 18.84 -49.13
N SER B 365 10.20 18.70 -50.45
CA SER B 365 9.53 19.63 -51.35
C SER B 365 8.22 19.06 -51.91
N THR B 366 7.69 18.00 -51.32
CA THR B 366 6.47 17.40 -51.82
C THR B 366 5.27 18.32 -51.53
N ALA B 367 4.13 17.96 -52.13
CA ALA B 367 2.94 18.80 -52.03
C ALA B 367 2.48 18.96 -50.59
N ASN B 368 2.45 17.86 -49.83
CA ASN B 368 2.04 17.88 -48.44
C ASN B 368 3.15 17.26 -47.59
N ALA B 369 3.65 18.03 -46.62
CA ALA B 369 4.72 17.58 -45.75
C ALA B 369 4.28 17.75 -44.30
N LYS B 370 4.42 16.67 -43.51
CA LYS B 370 4.04 16.68 -42.11
C LYS B 370 5.27 16.99 -41.27
N VAL B 371 5.16 18.01 -40.42
CA VAL B 371 6.26 18.46 -39.58
C VAL B 371 5.80 18.44 -38.13
N LEU B 372 6.60 17.82 -37.27
CA LEU B 372 6.35 17.81 -35.83
C LEU B 372 7.13 18.94 -35.18
N ILE B 373 6.42 19.82 -34.47
CA ILE B 373 7.01 20.99 -33.84
C ILE B 373 6.63 20.98 -32.36
N GLU B 374 7.62 21.20 -31.50
CA GLU B 374 7.42 21.25 -30.06
C GLU B 374 7.63 22.68 -29.57
N LEU B 375 6.69 23.18 -28.78
CA LEU B 375 6.76 24.54 -28.25
C LEU B 375 6.57 24.50 -26.75
N GLU B 376 7.05 25.56 -26.08
CA GLU B 376 6.84 25.70 -24.64
C GLU B 376 5.96 26.91 -24.39
N PRO B 377 4.63 26.76 -24.40
CA PRO B 377 3.76 27.93 -24.25
C PRO B 377 3.84 28.50 -22.85
N PRO B 378 3.47 29.77 -22.68
CA PRO B 378 3.41 30.35 -21.33
C PRO B 378 2.20 29.81 -20.58
N PHE B 379 2.24 29.95 -19.25
CA PHE B 379 1.12 29.55 -18.44
C PHE B 379 -0.08 30.45 -18.71
N GLY B 380 -1.26 29.86 -18.69
CA GLY B 380 -2.47 30.58 -19.04
C GLY B 380 -2.82 30.44 -20.50
N ASP B 381 -3.83 31.21 -20.91
CA ASP B 381 -4.30 31.16 -22.28
C ASP B 381 -3.25 31.73 -23.23
N SER B 382 -3.06 31.05 -24.35
CA SER B 382 -2.13 31.49 -25.38
C SER B 382 -2.55 30.88 -26.70
N TYR B 383 -2.04 31.45 -27.79
CA TYR B 383 -2.37 31.01 -29.14
C TYR B 383 -1.11 30.54 -29.83
N ILE B 384 -1.24 29.48 -30.63
CA ILE B 384 -0.15 28.97 -31.45
C ILE B 384 -0.44 29.39 -32.89
N VAL B 385 0.28 30.39 -33.38
CA VAL B 385 0.02 30.99 -34.68
C VAL B 385 1.06 30.49 -35.67
N VAL B 386 0.61 30.09 -36.86
CA VAL B 386 1.48 29.68 -37.94
C VAL B 386 1.19 30.56 -39.14
N GLY B 387 2.18 31.31 -39.58
CA GLY B 387 2.01 32.21 -40.71
C GLY B 387 1.36 33.51 -40.31
N ARG B 388 1.21 34.39 -41.30
CA ARG B 388 0.57 35.68 -41.11
C ARG B 388 -0.30 35.98 -42.32
N GLY B 389 -1.26 36.88 -42.12
CA GLY B 389 -2.14 37.30 -43.19
C GLY B 389 -3.33 36.40 -43.39
N GLU B 390 -3.71 36.17 -44.65
CA GLU B 390 -4.88 35.34 -44.93
C GLU B 390 -4.57 33.87 -44.69
N GLN B 391 -3.30 33.48 -44.80
CA GLN B 391 -2.89 32.09 -44.62
C GLN B 391 -2.67 31.74 -43.16
N GLN B 392 -2.81 32.69 -42.23
CA GLN B 392 -2.55 32.43 -40.84
C GLN B 392 -3.56 31.46 -40.25
N ILE B 393 -3.05 30.50 -39.47
CA ILE B 393 -3.88 29.56 -38.73
C ILE B 393 -3.56 29.70 -37.26
N ASN B 394 -4.58 29.63 -36.42
CA ASN B 394 -4.43 29.78 -34.98
C ASN B 394 -4.94 28.54 -34.27
N HIS B 395 -4.28 28.19 -33.16
CA HIS B 395 -4.75 27.13 -32.29
C HIS B 395 -4.64 27.62 -30.86
N HIS B 396 -5.79 27.79 -30.21
CA HIS B 396 -5.78 28.21 -28.81
C HIS B 396 -5.25 27.09 -27.93
N TRP B 397 -4.52 27.48 -26.89
CA TRP B 397 -3.99 26.52 -25.94
C TRP B 397 -4.00 27.13 -24.55
N HIS B 398 -4.43 26.35 -23.56
CA HIS B 398 -4.42 26.75 -22.17
C HIS B 398 -3.44 25.85 -21.42
N LYS B 399 -2.51 26.46 -20.71
CA LYS B 399 -1.49 25.73 -19.95
C LYS B 399 -1.77 25.90 -18.46
N SER B 400 -2.26 24.85 -17.83
CA SER B 400 -2.55 24.89 -16.41
C SER B 400 -1.26 24.93 -15.60
N GLY B 401 -1.33 25.59 -14.45
CA GLY B 401 -0.19 25.72 -13.57
C GLY B 401 0.24 27.17 -13.43
N SER B 402 1.28 27.36 -12.62
CA SER B 402 1.83 28.68 -12.35
C SER B 402 3.35 28.60 -12.29
N SER B 403 3.99 29.77 -12.43
CA SER B 403 5.45 29.82 -12.31
C SER B 403 5.89 29.45 -10.91
N ILE B 404 5.13 29.87 -9.89
CA ILE B 404 5.45 29.49 -8.51
C ILE B 404 5.36 27.98 -8.34
N GLY B 405 4.29 27.37 -8.87
CA GLY B 405 4.18 25.92 -8.84
C GLY B 405 5.30 25.25 -9.62
N LYS B 406 5.68 25.83 -10.75
CA LYS B 406 6.83 25.31 -11.50
C LYS B 406 8.11 25.43 -10.69
N ALA B 407 8.28 26.53 -9.95
CA ALA B 407 9.45 26.68 -9.10
C ALA B 407 9.48 25.63 -8.00
N PHE B 408 8.33 25.37 -7.37
CA PHE B 408 8.28 24.33 -6.34
C PHE B 408 8.56 22.96 -6.92
N THR B 409 8.02 22.67 -8.11
CA THR B 409 8.29 21.39 -8.75
C THR B 409 9.77 21.24 -9.08
N ALA B 410 10.39 22.32 -9.57
CA ALA B 410 11.81 22.27 -9.88
C ALA B 410 12.64 22.06 -8.62
N THR B 411 12.27 22.72 -7.52
CA THR B 411 12.98 22.52 -6.26
C THR B 411 12.83 21.08 -5.78
N LEU B 412 11.62 20.51 -5.89
CA LEU B 412 11.41 19.13 -5.48
C LEU B 412 12.23 18.17 -6.35
N LYS B 413 12.26 18.40 -7.66
CA LYS B 413 13.05 17.55 -8.54
C LYS B 413 14.54 17.67 -8.24
N GLY B 414 15.01 18.89 -7.93
CA GLY B 414 16.40 19.05 -7.55
C GLY B 414 16.74 18.34 -6.27
N ALA B 415 15.85 18.40 -5.28
CA ALA B 415 16.07 17.67 -4.02
C ALA B 415 16.08 16.17 -4.27
N GLN B 416 15.17 15.67 -5.09
CA GLN B 416 15.14 14.24 -5.40
C GLN B 416 16.41 13.81 -6.13
N ARG B 417 16.89 14.63 -7.06
CA ARG B 417 18.13 14.31 -7.77
C ARG B 417 19.32 14.33 -6.82
N LEU B 418 19.34 15.29 -5.89
CA LEU B 418 20.41 15.35 -4.90
C LEU B 418 20.40 14.12 -4.00
N ALA B 419 19.22 13.68 -3.59
CA ALA B 419 19.11 12.46 -2.79
C ALA B 419 19.55 11.23 -3.58
N ALA B 420 19.15 11.15 -4.86
CA ALA B 420 19.43 9.97 -5.65
C ALA B 420 20.89 9.91 -6.07
N LEU B 421 21.47 11.04 -6.46
CA LEU B 421 22.82 11.06 -7.01
C LEU B 421 23.88 11.52 -6.02
N GLY B 422 23.49 12.15 -4.92
CA GLY B 422 24.48 12.62 -3.97
C GLY B 422 25.28 13.79 -4.54
N ASP B 423 26.61 13.66 -4.48
CA ASP B 423 27.48 14.73 -4.94
C ASP B 423 27.45 14.89 -6.45
N THR B 424 27.09 13.84 -7.18
CA THR B 424 27.06 13.91 -8.63
C THR B 424 25.97 14.86 -9.12
N ALA B 425 24.98 15.13 -8.27
CA ALA B 425 23.87 15.98 -8.68
C ALA B 425 24.33 17.40 -8.99
N TRP B 426 25.39 17.86 -8.32
CA TRP B 426 25.88 19.21 -8.57
C TRP B 426 26.48 19.34 -9.97
N ASP B 427 26.91 18.23 -10.56
CA ASP B 427 27.48 18.29 -11.91
C ASP B 427 26.40 18.47 -12.95
N PHE B 428 25.15 18.17 -12.60
CA PHE B 428 24.06 18.24 -13.58
C PHE B 428 23.78 19.68 -13.97
N GLY B 429 23.89 19.96 -15.26
CA GLY B 429 23.59 21.29 -15.78
C GLY B 429 24.47 22.40 -15.21
N SER B 430 25.76 22.12 -15.03
CA SER B 430 26.69 23.09 -14.46
C SER B 430 27.73 23.45 -15.51
N VAL B 431 27.89 24.74 -15.76
CA VAL B 431 28.93 25.26 -16.65
C VAL B 431 29.98 25.90 -15.78
N GLY B 432 31.01 25.13 -15.42
CA GLY B 432 32.00 25.64 -14.49
C GLY B 432 31.36 25.97 -13.15
N GLY B 433 31.59 27.19 -12.67
CA GLY B 433 30.93 27.65 -11.47
C GLY B 433 31.74 27.45 -10.21
N VAL B 434 32.11 28.56 -9.55
CA VAL B 434 32.78 28.45 -8.25
C VAL B 434 31.83 27.92 -7.20
N PHE B 435 30.56 28.33 -7.26
CA PHE B 435 29.57 27.84 -6.31
C PHE B 435 29.37 26.34 -6.45
N THR B 436 29.38 25.83 -7.69
CA THR B 436 29.17 24.41 -7.91
C THR B 436 30.26 23.57 -7.24
N SER B 437 31.52 24.00 -7.38
CA SER B 437 32.62 23.20 -6.85
C SER B 437 32.60 23.15 -5.33
N VAL B 438 32.45 24.31 -4.68
CA VAL B 438 32.43 24.33 -3.22
C VAL B 438 31.19 23.61 -2.70
N GLY B 439 30.06 23.76 -3.38
CA GLY B 439 28.87 23.01 -2.99
C GLY B 439 29.08 21.52 -3.10
N LYS B 440 29.74 21.06 -4.17
CA LYS B 440 30.00 19.64 -4.34
C LYS B 440 30.94 19.13 -3.26
N ALA B 441 31.96 19.91 -2.90
CA ALA B 441 32.88 19.48 -1.85
C ALA B 441 32.18 19.39 -0.50
N VAL B 442 31.40 20.42 -0.15
CA VAL B 442 30.67 20.41 1.12
C VAL B 442 29.68 19.25 1.15
N HIS B 443 28.99 19.01 0.03
CA HIS B 443 28.07 17.89 -0.03
C HIS B 443 28.78 16.55 0.03
N GLN B 444 29.99 16.45 -0.52
CA GLN B 444 30.76 15.23 -0.36
C GLN B 444 31.07 14.95 1.10
N VAL B 445 31.53 15.98 1.83
CA VAL B 445 31.85 15.78 3.24
C VAL B 445 30.59 15.41 4.02
N PHE B 446 29.50 16.16 3.81
CA PHE B 446 28.28 15.91 4.55
C PHE B 446 27.68 14.55 4.19
N GLY B 447 27.73 14.17 2.93
CA GLY B 447 27.22 12.86 2.53
C GLY B 447 28.04 11.73 3.08
N GLY B 448 29.37 11.89 3.13
CA GLY B 448 30.19 10.88 3.77
C GLY B 448 29.84 10.70 5.23
N ALA B 449 29.72 11.81 5.97
CA ALA B 449 29.33 11.71 7.38
C ALA B 449 27.94 11.11 7.54
N PHE B 450 26.99 11.54 6.70
CA PHE B 450 25.62 11.08 6.81
C PHE B 450 25.50 9.60 6.49
N ARG B 451 26.21 9.13 5.47
CA ARG B 451 26.22 7.71 5.16
C ARG B 451 26.86 6.90 6.29
N SER B 452 27.99 7.39 6.82
CA SER B 452 28.64 6.68 7.92
C SER B 452 27.74 6.61 9.14
N LEU B 453 26.87 7.60 9.32
CA LEU B 453 26.02 7.62 10.51
C LEU B 453 24.74 6.81 10.31
N PHE B 454 24.02 7.03 9.20
CA PHE B 454 22.72 6.40 8.98
C PHE B 454 22.64 5.70 7.62
N GLY B 455 23.65 4.92 7.24
CA GLY B 455 23.64 4.31 5.92
C GLY B 455 22.63 3.19 5.77
N GLY B 456 22.56 2.29 6.75
CA GLY B 456 21.81 1.06 6.60
C GLY B 456 20.35 1.09 6.99
N MET B 457 19.81 2.25 7.34
CA MET B 457 18.43 2.31 7.80
C MET B 457 17.45 2.22 6.64
N SER B 458 16.29 1.64 6.92
CA SER B 458 15.18 1.64 5.98
C SER B 458 14.40 2.95 6.11
N TRP B 459 13.29 3.05 5.39
CA TRP B 459 12.49 4.26 5.43
C TRP B 459 11.76 4.41 6.76
N ILE B 460 11.38 3.28 7.38
CA ILE B 460 10.71 3.34 8.67
C ILE B 460 11.67 3.85 9.74
N THR B 461 12.87 3.26 9.80
CA THR B 461 13.85 3.68 10.79
C THR B 461 14.28 5.13 10.55
N GLN B 462 14.50 5.50 9.30
CA GLN B 462 14.87 6.89 8.99
C GLN B 462 13.76 7.85 9.39
N GLY B 463 12.51 7.51 9.09
CA GLY B 463 11.42 8.39 9.46
C GLY B 463 11.26 8.54 10.96
N LEU B 464 11.31 7.44 11.70
CA LEU B 464 11.19 7.51 13.15
C LEU B 464 12.33 8.30 13.77
N LEU B 465 13.56 8.04 13.31
CA LEU B 465 14.71 8.75 13.86
C LEU B 465 14.67 10.24 13.49
N GLY B 466 14.20 10.56 12.28
CA GLY B 466 14.05 11.96 11.92
C GLY B 466 13.02 12.67 12.76
N ALA B 467 11.89 12.02 13.04
CA ALA B 467 10.89 12.62 13.92
C ALA B 467 11.46 12.82 15.32
N LEU B 468 12.19 11.83 15.84
CA LEU B 468 12.78 11.96 17.17
C LEU B 468 13.80 13.10 17.20
N LEU B 469 14.63 13.21 16.16
CA LEU B 469 15.63 14.27 16.12
C LEU B 469 14.98 15.64 16.00
N LEU B 470 13.90 15.74 15.22
CA LEU B 470 13.18 17.01 15.14
C LEU B 470 12.60 17.40 16.49
N TRP B 471 12.02 16.43 17.19
CA TRP B 471 11.46 16.72 18.52
C TRP B 471 12.56 17.15 19.48
N MET B 472 13.71 16.49 19.43
CA MET B 472 14.83 16.88 20.29
C MET B 472 15.33 18.27 19.95
N GLY B 473 15.42 18.60 18.66
CA GLY B 473 15.87 19.92 18.27
C GLY B 473 14.92 21.02 18.67
N ILE B 474 13.61 20.72 18.64
CA ILE B 474 12.63 21.71 19.07
C ILE B 474 12.82 22.05 20.55
N ASN B 475 13.06 21.04 21.38
CA ASN B 475 13.23 21.27 22.82
C ASN B 475 14.66 21.59 23.21
N ALA B 476 15.60 21.59 22.27
CA ALA B 476 17.00 21.85 22.60
C ALA B 476 17.19 23.32 22.93
N ARG B 477 17.87 23.59 24.06
CA ARG B 477 18.08 24.97 24.50
C ARG B 477 19.10 25.69 23.62
N ASP B 478 20.23 25.04 23.33
CA ASP B 478 21.28 25.67 22.55
C ASP B 478 20.87 25.75 21.09
N ARG B 479 21.06 26.93 20.48
CA ARG B 479 20.61 27.15 19.11
C ARG B 479 21.35 26.27 18.13
N SER B 480 22.67 26.14 18.29
CA SER B 480 23.46 25.40 17.31
C SER B 480 23.10 23.92 17.30
N ILE B 481 23.03 23.31 18.49
CA ILE B 481 22.69 21.89 18.55
C ILE B 481 21.24 21.68 18.11
N ALA B 482 20.36 22.63 18.42
CA ALA B 482 19.00 22.56 17.91
C ALA B 482 18.98 22.65 16.39
N PHE B 483 19.81 23.53 15.83
CA PHE B 483 19.86 23.67 14.37
C PHE B 483 20.34 22.38 13.70
N THR B 484 21.40 21.78 14.23
CA THR B 484 21.91 20.56 13.61
C THR B 484 20.94 19.39 13.79
N PHE B 485 20.29 19.31 14.95
CA PHE B 485 19.27 18.28 15.15
C PHE B 485 18.12 18.45 14.17
N LEU B 486 17.65 19.69 13.98
CA LEU B 486 16.56 19.93 13.05
C LEU B 486 16.97 19.60 11.63
N ALA B 487 18.20 19.97 11.23
CA ALA B 487 18.66 19.67 9.88
C ALA B 487 18.74 18.17 9.63
N VAL B 488 19.34 17.43 10.57
CA VAL B 488 19.48 15.98 10.39
C VAL B 488 18.11 15.32 10.38
N GLY B 489 17.22 15.73 11.29
CA GLY B 489 15.88 15.17 11.31
C GLY B 489 15.11 15.44 10.05
N GLY B 490 15.22 16.66 9.51
CA GLY B 490 14.56 16.98 8.27
C GLY B 490 15.08 16.17 7.10
N VAL B 491 16.41 16.00 7.03
CA VAL B 491 16.99 15.20 5.95
C VAL B 491 16.52 13.75 6.06
N LEU B 492 16.52 13.20 7.27
CA LEU B 492 16.07 11.82 7.46
C LEU B 492 14.61 11.66 7.09
N LEU B 493 13.76 12.61 7.50
CA LEU B 493 12.34 12.54 7.20
C LEU B 493 12.09 12.66 5.70
N PHE B 494 12.83 13.56 5.02
CA PHE B 494 12.68 13.67 3.58
C PHE B 494 13.10 12.38 2.89
N LEU B 495 14.22 11.78 3.32
CA LEU B 495 14.66 10.53 2.72
C LEU B 495 13.63 9.42 2.94
N SER B 496 13.04 9.37 4.12
CA SER B 496 12.00 8.38 4.38
C SER B 496 10.78 8.60 3.49
N VAL B 497 10.37 9.86 3.32
CA VAL B 497 9.23 10.15 2.47
C VAL B 497 9.59 9.99 1.00
N ASN B 498 10.85 10.29 0.64
CA ASN B 498 11.24 10.31 -0.77
C ASN B 498 11.07 8.96 -1.43
N VAL B 499 11.12 7.87 -0.67
CA VAL B 499 10.90 6.54 -1.23
C VAL B 499 9.44 6.30 -1.59
N HIS B 500 8.56 7.26 -1.31
CA HIS B 500 7.14 7.16 -1.61
C HIS B 500 6.53 5.93 -0.94
N ALA B 501 6.92 5.69 0.30
CA ALA B 501 6.41 4.56 1.07
C ALA B 501 6.39 4.88 2.56
N PHE C 1 -29.72 34.89 -31.60
CA PHE C 1 -28.52 35.60 -32.09
C PHE C 1 -28.59 37.07 -31.65
N ASN C 2 -29.79 37.53 -31.28
CA ASN C 2 -29.98 38.93 -30.81
C ASN C 2 -30.44 38.94 -29.34
N CYS C 3 -30.15 40.03 -28.62
CA CYS C 3 -30.60 40.13 -27.24
C CYS C 3 -32.06 40.48 -27.03
N LEU C 4 -32.81 40.80 -28.09
CA LEU C 4 -34.18 41.25 -27.94
C LEU C 4 -35.07 40.16 -27.37
N GLY C 5 -35.67 40.41 -26.22
CA GLY C 5 -36.52 39.44 -25.55
C GLY C 5 -35.82 38.52 -24.58
N MET C 6 -34.60 38.85 -24.14
CA MET C 6 -33.84 38.02 -23.22
C MET C 6 -33.66 38.75 -21.91
N SER C 7 -33.92 38.05 -20.81
CA SER C 7 -33.78 38.65 -19.48
C SER C 7 -32.33 38.89 -19.10
N ASN C 8 -31.40 38.13 -19.64
CA ASN C 8 -29.98 38.30 -19.37
C ASN C 8 -29.35 39.07 -20.52
N ARG C 9 -29.03 40.34 -20.28
CA ARG C 9 -28.50 41.20 -21.31
C ARG C 9 -27.66 42.29 -20.65
N ASP C 10 -26.45 42.50 -21.17
CA ASP C 10 -25.54 43.50 -20.64
C ASP C 10 -25.05 44.39 -21.78
N PHE C 11 -24.93 45.68 -21.49
CA PHE C 11 -24.49 46.66 -22.48
C PHE C 11 -23.05 47.07 -22.21
N LEU C 12 -22.28 47.24 -23.29
CA LEU C 12 -20.90 47.70 -23.21
C LEU C 12 -20.73 48.91 -24.12
N GLU C 13 -20.44 50.05 -23.51
CA GLU C 13 -20.19 51.28 -24.26
C GLU C 13 -18.69 51.38 -24.52
N GLY C 14 -18.30 51.13 -25.77
CA GLY C 14 -16.89 51.14 -26.10
C GLY C 14 -16.31 52.54 -26.03
N VAL C 15 -15.15 52.67 -25.38
CA VAL C 15 -14.48 53.96 -25.28
C VAL C 15 -13.86 54.31 -26.63
N SER C 16 -13.70 55.61 -26.87
CA SER C 16 -13.09 56.06 -28.13
C SER C 16 -11.64 55.60 -28.20
N GLY C 17 -11.22 55.23 -29.41
CA GLY C 17 -9.87 54.77 -29.66
C GLY C 17 -9.68 53.27 -29.52
N ALA C 18 -10.37 52.64 -28.58
CA ALA C 18 -10.27 51.19 -28.41
C ALA C 18 -11.02 50.49 -29.53
N THR C 19 -10.34 49.55 -30.19
CA THR C 19 -10.91 48.82 -31.31
C THR C 19 -11.31 47.39 -30.95
N TRP C 20 -11.19 47.01 -29.68
CA TRP C 20 -11.60 45.67 -29.25
C TRP C 20 -12.00 45.74 -27.78
N VAL C 21 -12.75 44.73 -27.36
CA VAL C 21 -13.22 44.64 -25.98
C VAL C 21 -13.34 43.16 -25.60
N ASP C 22 -12.92 42.82 -24.39
CA ASP C 22 -13.00 41.45 -23.93
C ASP C 22 -14.41 41.11 -23.48
N LEU C 23 -14.84 39.89 -23.79
CA LEU C 23 -16.16 39.40 -23.41
C LEU C 23 -16.01 38.06 -22.70
N VAL C 24 -17.09 37.64 -22.04
CA VAL C 24 -17.14 36.31 -21.45
C VAL C 24 -18.20 35.43 -22.08
N LEU C 25 -19.29 36.00 -22.61
CA LEU C 25 -20.30 35.26 -23.35
C LEU C 25 -20.85 34.09 -22.53
N GLU C 26 -21.53 34.41 -21.44
CA GLU C 26 -22.18 33.39 -20.64
C GLU C 26 -23.32 32.75 -21.43
N GLY C 27 -23.58 31.48 -21.13
CA GLY C 27 -24.64 30.77 -21.82
C GLY C 27 -26.01 31.34 -21.48
N ASP C 28 -26.89 31.33 -22.48
CA ASP C 28 -28.25 31.89 -22.38
C ASP C 28 -28.24 33.35 -22.00
N SER C 29 -27.13 34.05 -22.20
CA SER C 29 -27.02 35.47 -21.97
C SER C 29 -26.76 36.16 -23.31
N CYS C 30 -26.55 37.47 -23.26
CA CYS C 30 -26.38 38.25 -24.48
C CYS C 30 -25.67 39.55 -24.13
N VAL C 31 -24.67 39.91 -24.91
CA VAL C 31 -23.89 41.14 -24.71
C VAL C 31 -24.11 42.06 -25.91
N THR C 32 -24.54 43.28 -25.64
CA THR C 32 -24.77 44.29 -26.66
C THR C 32 -23.68 45.34 -26.58
N ILE C 33 -22.97 45.55 -27.69
CA ILE C 33 -21.82 46.44 -27.74
C ILE C 33 -22.14 47.58 -28.69
N MET C 34 -22.00 48.82 -28.19
CA MET C 34 -22.22 50.01 -28.99
C MET C 34 -21.04 50.95 -28.81
N SER C 35 -20.54 51.50 -29.92
CA SER C 35 -19.41 52.41 -29.90
C SER C 35 -19.88 53.84 -30.16
N LYS C 36 -18.93 54.77 -30.20
CA LYS C 36 -19.27 56.17 -30.41
C LYS C 36 -19.88 56.39 -31.79
N ASP C 37 -19.33 55.75 -32.81
CA ASP C 37 -19.86 55.89 -34.17
C ASP C 37 -20.23 54.54 -34.79
N LYS C 38 -19.49 53.48 -34.48
CA LYS C 38 -19.71 52.19 -35.11
C LYS C 38 -21.09 51.64 -34.79
N PRO C 39 -21.65 50.82 -35.68
CA PRO C 39 -22.98 50.26 -35.44
C PRO C 39 -22.99 49.33 -34.24
N THR C 40 -24.15 49.24 -33.60
CA THR C 40 -24.32 48.41 -32.42
C THR C 40 -24.41 46.94 -32.82
N ILE C 41 -23.68 46.09 -32.12
CA ILE C 41 -23.69 44.65 -32.36
C ILE C 41 -23.99 43.94 -31.05
N ASP C 42 -24.63 42.78 -31.16
CA ASP C 42 -24.86 41.91 -30.02
C ASP C 42 -24.35 40.52 -30.36
N VAL C 43 -23.56 39.96 -29.45
CA VAL C 43 -22.87 38.69 -29.66
C VAL C 43 -23.13 37.77 -28.47
N ARG C 44 -23.45 36.51 -28.76
CA ARG C 44 -23.72 35.54 -27.71
C ARG C 44 -23.36 34.15 -28.23
N MET C 45 -23.08 33.24 -27.31
CA MET C 45 -22.85 31.85 -27.65
C MET C 45 -24.15 31.07 -27.47
N MET C 46 -24.59 30.41 -28.53
CA MET C 46 -25.86 29.68 -28.47
C MET C 46 -25.72 28.36 -27.73
N ASN C 47 -24.61 27.66 -27.91
CA ASN C 47 -24.41 26.35 -27.30
C ASN C 47 -22.93 26.01 -27.32
N MET C 48 -22.60 24.88 -26.69
CA MET C 48 -21.26 24.29 -26.74
C MET C 48 -21.43 22.82 -27.11
N GLU C 49 -20.96 22.45 -28.29
CA GLU C 49 -21.13 21.10 -28.82
C GLU C 49 -19.82 20.35 -28.76
N ALA C 50 -19.85 19.14 -28.20
CA ALA C 50 -18.67 18.29 -28.15
C ALA C 50 -19.05 16.89 -28.62
N ALA C 51 -18.30 16.35 -29.56
CA ALA C 51 -18.55 15.04 -30.14
C ALA C 51 -17.46 14.07 -29.71
N ASN C 52 -17.65 12.80 -30.09
CA ASN C 52 -16.68 11.73 -29.84
C ASN C 52 -16.39 11.61 -28.34
N LEU C 53 -17.44 11.52 -27.54
CA LEU C 53 -17.28 11.32 -26.11
C LEU C 53 -16.74 9.93 -25.83
N ALA C 54 -15.81 9.84 -24.88
CA ALA C 54 -15.15 8.59 -24.54
C ALA C 54 -15.69 8.06 -23.21
N GLU C 55 -16.14 6.81 -23.22
CA GLU C 55 -16.65 6.19 -22.01
C GLU C 55 -15.53 5.97 -21.00
N VAL C 56 -15.83 6.22 -19.72
CA VAL C 56 -14.86 6.08 -18.64
C VAL C 56 -15.31 5.03 -17.62
N ARG C 57 -16.54 5.15 -17.13
CA ARG C 57 -17.07 4.23 -16.14
C ARG C 57 -18.58 4.18 -16.28
N SER C 58 -19.14 2.97 -16.19
CA SER C 58 -20.57 2.74 -16.34
C SER C 58 -21.10 2.12 -15.05
N TYR C 59 -21.89 2.87 -14.30
CA TYR C 59 -22.55 2.35 -13.12
C TYR C 59 -23.79 1.57 -13.51
N CYS C 60 -24.27 0.75 -12.57
CA CYS C 60 -25.47 -0.05 -12.77
C CYS C 60 -26.44 0.21 -11.63
N TYR C 61 -27.70 0.47 -11.97
CA TYR C 61 -28.72 0.75 -10.99
C TYR C 61 -29.85 -0.27 -10.96
N LEU C 62 -29.86 -1.24 -11.88
CA LEU C 62 -30.86 -2.30 -11.88
C LEU C 62 -30.16 -3.62 -12.19
N ALA C 63 -30.20 -4.56 -11.25
CA ALA C 63 -29.50 -5.82 -11.40
C ALA C 63 -30.44 -6.97 -11.06
N THR C 64 -30.11 -8.16 -11.55
CA THR C 64 -30.88 -9.36 -11.31
C THR C 64 -30.02 -10.37 -10.56
N VAL C 65 -30.69 -11.22 -9.78
CA VAL C 65 -30.04 -12.24 -8.97
C VAL C 65 -30.70 -13.58 -9.24
N SER C 66 -29.89 -14.59 -9.54
CA SER C 66 -30.39 -15.94 -9.81
C SER C 66 -29.30 -16.95 -9.45
N GLU C 67 -29.63 -18.23 -9.64
CA GLU C 67 -28.71 -19.34 -9.39
C GLU C 67 -28.13 -19.28 -7.97
N LEU C 68 -29.02 -19.37 -6.99
CA LEU C 68 -28.61 -19.35 -5.60
C LEU C 68 -27.95 -20.67 -5.19
N SER C 69 -26.95 -20.57 -4.33
CA SER C 69 -26.24 -21.74 -3.83
C SER C 69 -25.60 -21.39 -2.49
N THR C 70 -25.78 -22.27 -1.51
CA THR C 70 -25.22 -22.07 -0.17
C THR C 70 -24.44 -23.30 0.23
N LYS C 71 -23.24 -23.09 0.75
CA LYS C 71 -22.37 -24.16 1.23
C LYS C 71 -22.09 -23.95 2.71
N ALA C 72 -22.52 -24.90 3.52
CA ALA C 72 -22.40 -24.80 4.98
C ALA C 72 -21.18 -25.56 5.48
N ALA C 73 -20.68 -25.14 6.63
CA ALA C 73 -19.55 -25.78 7.27
C ALA C 73 -19.83 -25.93 8.76
N CYS C 74 -19.20 -26.93 9.37
CA CYS C 74 -19.37 -27.17 10.79
C CYS C 74 -18.67 -26.10 11.61
N PRO C 75 -19.10 -25.88 12.85
CA PRO C 75 -18.44 -24.89 13.70
C PRO C 75 -16.99 -25.28 13.98
N THR C 76 -16.17 -24.25 14.19
CA THR C 76 -14.74 -24.37 14.49
C THR C 76 -13.99 -25.10 13.38
N MET C 77 -14.49 -25.05 12.15
CA MET C 77 -13.83 -25.64 11.00
C MET C 77 -13.46 -24.59 9.96
N GLY C 78 -13.45 -23.33 10.33
CA GLY C 78 -13.13 -22.25 9.41
C GLY C 78 -14.32 -21.83 8.58
N GLU C 79 -14.19 -20.66 7.96
CA GLU C 79 -15.24 -20.14 7.11
C GLU C 79 -15.41 -20.99 5.86
N ALA C 80 -16.65 -21.23 5.48
CA ALA C 80 -16.94 -22.05 4.30
C ALA C 80 -16.60 -21.28 3.03
N HIS C 81 -16.38 -22.02 1.95
CA HIS C 81 -16.10 -21.45 0.65
C HIS C 81 -16.92 -22.22 -0.39
N ASN C 82 -17.89 -21.55 -0.99
CA ASN C 82 -18.72 -22.20 -1.99
C ASN C 82 -17.94 -22.45 -3.28
N ASP C 83 -18.36 -23.47 -4.02
CA ASP C 83 -17.68 -23.81 -5.27
C ASP C 83 -17.84 -22.70 -6.31
N LYS C 84 -18.91 -21.91 -6.22
CA LYS C 84 -19.14 -20.80 -7.15
C LYS C 84 -18.43 -19.53 -6.68
N ARG C 85 -17.15 -19.64 -6.37
CA ARG C 85 -16.32 -18.49 -6.03
C ARG C 85 -15.67 -17.87 -7.26
N ALA C 86 -15.99 -18.36 -8.45
CA ALA C 86 -15.44 -17.82 -9.68
C ALA C 86 -15.90 -16.38 -9.90
N ASP C 87 -15.04 -15.60 -10.55
CA ASP C 87 -15.36 -14.20 -10.83
C ASP C 87 -16.60 -14.03 -11.69
N PRO C 88 -16.79 -14.76 -12.82
CA PRO C 88 -17.87 -14.38 -13.75
C PRO C 88 -19.27 -14.56 -13.19
N SER C 89 -19.94 -13.44 -12.96
CA SER C 89 -21.36 -13.41 -12.56
C SER C 89 -21.61 -14.24 -11.31
N PHE C 90 -20.72 -14.14 -10.32
CA PHE C 90 -20.93 -14.80 -9.04
C PHE C 90 -20.23 -14.00 -7.95
N VAL C 91 -21.00 -13.57 -6.96
CA VAL C 91 -20.49 -12.81 -5.82
C VAL C 91 -20.97 -13.50 -4.55
N CYS C 92 -20.06 -13.73 -3.62
CA CYS C 92 -20.35 -14.51 -2.41
C CYS C 92 -20.15 -13.65 -1.17
N LYS C 93 -20.85 -14.03 -0.10
CA LYS C 93 -20.74 -13.36 1.18
C LYS C 93 -20.68 -14.39 2.29
N GLN C 94 -19.82 -14.16 3.27
CA GLN C 94 -19.68 -15.04 4.41
C GLN C 94 -20.72 -14.71 5.48
N GLY C 95 -21.14 -15.73 6.21
CA GLY C 95 -22.12 -15.55 7.26
C GLY C 95 -22.07 -16.69 8.24
N VAL C 96 -22.69 -16.47 9.40
CA VAL C 96 -22.72 -17.43 10.49
C VAL C 96 -24.15 -17.85 10.76
N VAL C 97 -24.36 -19.16 10.91
CA VAL C 97 -25.67 -19.72 11.21
C VAL C 97 -25.51 -20.71 12.36
N ASP C 98 -26.59 -20.89 13.12
CA ASP C 98 -26.60 -21.87 14.19
C ASP C 98 -26.57 -23.28 13.63
N ARG C 99 -25.68 -24.12 14.16
CA ARG C 99 -25.56 -25.50 13.75
C ARG C 99 -25.67 -26.41 14.96
N GLY C 100 -25.94 -27.68 14.69
CA GLY C 100 -26.07 -28.65 15.76
C GLY C 100 -26.46 -30.00 15.23
N TRP C 101 -26.82 -30.90 16.14
CA TRP C 101 -27.25 -32.23 15.73
C TRP C 101 -28.56 -32.21 14.95
N GLY C 102 -29.39 -31.19 15.16
CA GLY C 102 -30.61 -31.09 14.38
C GLY C 102 -30.35 -30.82 12.91
N ASN C 103 -29.32 -30.03 12.62
CA ASN C 103 -28.95 -29.69 11.25
C ASN C 103 -28.09 -30.75 10.59
N GLY C 104 -27.74 -31.82 11.31
CA GLY C 104 -26.87 -32.85 10.77
C GLY C 104 -25.40 -32.63 11.02
N CYS C 105 -25.05 -31.67 11.85
CA CYS C 105 -23.65 -31.38 12.17
C CYS C 105 -23.20 -32.25 13.33
N GLY C 106 -21.95 -32.03 13.77
CA GLY C 106 -21.38 -32.79 14.85
C GLY C 106 -21.10 -31.96 16.09
N LEU C 107 -21.06 -30.64 15.92
CA LEU C 107 -20.81 -29.72 17.02
C LEU C 107 -21.88 -28.64 17.04
N PHE C 108 -22.09 -28.06 18.21
CA PHE C 108 -23.02 -26.95 18.39
C PHE C 108 -22.25 -25.64 18.41
N GLY C 109 -22.71 -24.68 17.63
CA GLY C 109 -22.05 -23.39 17.59
C GLY C 109 -22.55 -22.57 16.41
N LYS C 110 -21.83 -21.49 16.13
CA LYS C 110 -22.17 -20.59 15.02
C LYS C 110 -21.35 -21.03 13.81
N GLY C 111 -21.88 -22.02 13.09
CA GLY C 111 -21.23 -22.49 11.89
C GLY C 111 -21.24 -21.43 10.80
N SER C 112 -20.22 -21.47 9.95
CA SER C 112 -20.05 -20.49 8.90
C SER C 112 -20.57 -21.03 7.58
N ILE C 113 -21.26 -20.18 6.83
CA ILE C 113 -21.82 -20.54 5.52
C ILE C 113 -21.31 -19.54 4.49
N ASP C 114 -21.27 -19.96 3.23
CA ASP C 114 -20.86 -19.11 2.13
C ASP C 114 -21.88 -19.27 1.01
N THR C 115 -22.62 -18.22 0.72
CA THR C 115 -23.66 -18.23 -0.30
C THR C 115 -23.29 -17.28 -1.43
N CYS C 116 -23.52 -17.72 -2.67
CA CYS C 116 -23.19 -16.95 -3.85
C CYS C 116 -24.44 -16.79 -4.73
N ALA C 117 -24.48 -15.68 -5.47
CA ALA C 117 -25.61 -15.40 -6.35
C ALA C 117 -25.07 -14.91 -7.69
N LYS C 118 -25.86 -15.12 -8.74
CA LYS C 118 -25.48 -14.70 -10.08
C LYS C 118 -25.86 -13.23 -10.28
N PHE C 119 -24.87 -12.41 -10.62
CA PHE C 119 -25.07 -10.98 -10.78
C PHE C 119 -25.14 -10.63 -12.27
N ALA C 120 -26.23 -10.00 -12.67
CA ALA C 120 -26.44 -9.61 -14.07
C ALA C 120 -27.27 -8.34 -14.09
N CYS C 121 -26.69 -7.26 -14.63
CA CYS C 121 -27.35 -5.97 -14.66
C CYS C 121 -28.23 -5.85 -15.90
N SER C 122 -29.32 -5.09 -15.74
CA SER C 122 -30.27 -4.84 -16.83
C SER C 122 -30.13 -3.46 -17.46
N THR C 123 -30.00 -2.42 -16.64
CA THR C 123 -29.84 -1.05 -17.12
C THR C 123 -28.64 -0.44 -16.41
N LYS C 124 -27.85 0.32 -17.16
CA LYS C 124 -26.64 0.94 -16.64
C LYS C 124 -26.62 2.41 -17.01
N ALA C 125 -25.90 3.18 -16.20
CA ALA C 125 -25.77 4.64 -16.38
C ALA C 125 -24.33 4.93 -16.82
N THR C 126 -24.14 5.02 -18.14
CA THR C 126 -22.82 5.22 -18.70
C THR C 126 -22.34 6.65 -18.48
N GLY C 127 -21.07 6.78 -18.10
CA GLY C 127 -20.43 8.08 -17.97
C GLY C 127 -19.36 8.24 -19.03
N ARG C 128 -19.33 9.42 -19.64
CA ARG C 128 -18.41 9.72 -20.74
C ARG C 128 -17.63 10.98 -20.43
N THR C 129 -16.37 10.99 -20.85
CA THR C 129 -15.50 12.15 -20.68
C THR C 129 -15.45 12.95 -21.97
N ILE C 130 -15.19 14.25 -21.82
CA ILE C 130 -15.16 15.17 -22.96
C ILE C 130 -13.71 15.39 -23.36
N LEU C 131 -13.41 15.09 -24.62
CA LEU C 131 -12.09 15.36 -25.16
C LEU C 131 -12.03 16.80 -25.66
N LYS C 132 -11.05 17.56 -25.16
CA LYS C 132 -10.97 18.98 -25.47
C LYS C 132 -10.66 19.26 -26.92
N GLU C 133 -10.27 18.25 -27.69
CA GLU C 133 -10.02 18.40 -29.12
C GLU C 133 -11.30 18.48 -29.95
N ASN C 134 -12.44 18.12 -29.36
CA ASN C 134 -13.69 18.01 -30.10
C ASN C 134 -14.73 19.05 -29.70
N ILE C 135 -14.44 19.91 -28.74
CA ILE C 135 -15.39 20.92 -28.30
C ILE C 135 -15.43 22.04 -29.32
N LYS C 136 -16.65 22.51 -29.63
CA LYS C 136 -16.82 23.61 -30.57
C LYS C 136 -18.02 24.45 -30.14
N TYR C 137 -17.75 25.68 -29.73
CA TYR C 137 -18.80 26.62 -29.38
C TYR C 137 -19.48 27.15 -30.63
N GLU C 138 -20.72 27.61 -30.47
CA GLU C 138 -21.46 28.24 -31.55
C GLU C 138 -21.79 29.67 -31.12
N VAL C 139 -21.08 30.63 -31.71
CA VAL C 139 -21.24 32.03 -31.37
C VAL C 139 -21.99 32.73 -32.50
N ALA C 140 -22.92 33.59 -32.15
CA ALA C 140 -23.73 34.33 -33.10
C ALA C 140 -23.52 35.83 -32.90
N ILE C 141 -23.29 36.55 -33.99
CA ILE C 141 -23.12 37.98 -33.97
C ILE C 141 -24.17 38.61 -34.87
N PHE C 142 -24.82 39.65 -34.37
CA PHE C 142 -25.90 40.33 -35.09
C PHE C 142 -25.63 41.83 -35.06
N VAL C 143 -26.00 42.52 -36.14
CA VAL C 143 -25.86 43.97 -36.25
C VAL C 143 -27.25 44.58 -36.33
N HIS C 144 -27.43 45.68 -35.60
CA HIS C 144 -28.75 46.34 -35.52
C HIS C 144 -28.92 47.24 -36.73
N GLY C 145 -29.46 46.67 -37.81
CA GLY C 145 -29.73 47.41 -39.00
C GLY C 145 -31.23 47.51 -39.26
N PRO C 146 -31.60 47.65 -40.53
CA PRO C 146 -33.03 47.72 -40.86
C PRO C 146 -33.72 46.37 -40.73
N THR C 147 -34.51 46.21 -39.67
CA THR C 147 -35.22 44.97 -39.41
C THR C 147 -36.66 45.30 -39.03
N THR C 148 -37.55 44.35 -39.29
CA THR C 148 -38.95 44.46 -38.89
C THR C 148 -39.16 43.73 -37.57
N VAL C 149 -40.40 43.64 -37.12
CA VAL C 149 -40.69 42.92 -35.89
C VAL C 149 -40.68 41.42 -36.12
N GLU C 150 -41.01 40.97 -37.33
CA GLU C 150 -41.02 39.55 -37.65
C GLU C 150 -39.66 39.04 -38.10
N SER C 151 -38.88 39.86 -38.80
CA SER C 151 -37.58 39.45 -39.31
C SER C 151 -36.45 39.65 -38.32
N HIS C 152 -36.72 40.29 -37.17
CA HIS C 152 -35.66 40.51 -36.19
C HIS C 152 -35.19 39.20 -35.57
N GLY C 153 -36.06 38.21 -35.41
CA GLY C 153 -35.68 36.94 -34.84
C GLY C 153 -35.57 35.84 -35.88
N ASN C 154 -35.94 36.13 -37.12
CA ASN C 154 -35.85 35.15 -38.20
C ASN C 154 -34.43 35.11 -38.72
N TYR C 155 -33.70 34.03 -38.40
CA TYR C 155 -32.30 33.95 -38.78
C TYR C 155 -32.10 33.85 -40.28
N SER C 156 -33.05 33.22 -40.98
CA SER C 156 -32.91 33.05 -42.42
C SER C 156 -32.85 34.41 -43.14
N THR C 157 -33.77 35.30 -42.79
CA THR C 157 -33.76 36.63 -43.40
C THR C 157 -32.55 37.45 -42.96
N GLN C 158 -32.16 37.33 -41.69
CA GLN C 158 -31.01 38.08 -41.20
C GLN C 158 -29.72 37.64 -41.87
N THR C 159 -29.53 36.33 -42.04
CA THR C 159 -28.34 35.84 -42.72
C THR C 159 -28.41 36.06 -44.23
N GLY C 160 -29.62 36.14 -44.80
CA GLY C 160 -29.72 36.51 -46.20
C GLY C 160 -29.53 37.99 -46.44
N ALA C 161 -29.70 38.81 -45.41
CA ALA C 161 -29.46 40.24 -45.48
C ALA C 161 -28.05 40.62 -45.03
N ALA C 162 -27.21 39.63 -44.73
CA ALA C 162 -25.84 39.86 -44.27
C ALA C 162 -25.81 40.73 -43.02
N GLN C 163 -26.72 40.47 -42.09
CA GLN C 163 -26.77 41.19 -40.83
C GLN C 163 -26.54 40.30 -39.61
N ALA C 164 -26.36 39.00 -39.82
CA ALA C 164 -26.14 38.07 -38.71
C ALA C 164 -25.39 36.87 -39.23
N GLY C 165 -24.81 36.11 -38.32
CA GLY C 165 -24.09 34.91 -38.69
C GLY C 165 -23.80 33.98 -37.54
N ARG C 166 -24.12 32.69 -37.72
CA ARG C 166 -23.77 31.66 -36.76
C ARG C 166 -22.51 30.94 -37.23
N PHE C 167 -21.49 30.91 -36.38
CA PHE C 167 -20.22 30.29 -36.72
C PHE C 167 -19.75 29.46 -35.54
N SER C 168 -18.90 28.48 -35.84
CA SER C 168 -18.38 27.56 -34.83
C SER C 168 -16.99 28.00 -34.40
N ILE C 169 -16.78 28.07 -33.09
CA ILE C 169 -15.48 28.40 -32.52
C ILE C 169 -14.87 27.13 -31.97
N THR C 170 -13.75 26.71 -32.55
CA THR C 170 -13.04 25.49 -32.23
C THR C 170 -11.65 25.84 -31.72
N PRO C 171 -11.03 25.00 -30.89
CA PRO C 171 -9.62 25.25 -30.54
C PRO C 171 -8.70 25.34 -31.74
N ALA C 172 -8.96 24.56 -32.79
CA ALA C 172 -8.16 24.61 -34.00
C ALA C 172 -8.48 25.81 -34.87
N ALA C 173 -9.55 26.55 -34.57
CA ALA C 173 -9.91 27.76 -35.32
C ALA C 173 -10.63 28.71 -34.38
N PRO C 174 -9.91 29.29 -33.41
CA PRO C 174 -10.58 30.13 -32.40
C PRO C 174 -10.93 31.53 -32.90
N SER C 175 -10.49 31.91 -34.10
CA SER C 175 -10.73 33.24 -34.63
C SER C 175 -11.63 33.15 -35.86
N TYR C 176 -12.67 33.97 -35.89
CA TYR C 176 -13.59 34.01 -37.01
C TYR C 176 -13.80 35.46 -37.42
N THR C 177 -13.79 35.71 -38.73
CA THR C 177 -14.02 37.05 -39.28
C THR C 177 -15.36 37.00 -40.03
N LEU C 178 -16.41 37.40 -39.32
CA LEU C 178 -17.75 37.37 -39.91
C LEU C 178 -17.87 38.46 -40.98
N LYS C 179 -18.40 38.09 -42.14
CA LYS C 179 -18.54 39.02 -43.25
C LYS C 179 -19.94 39.63 -43.25
N LEU C 180 -19.99 40.95 -43.34
CA LEU C 180 -21.24 41.69 -43.37
C LEU C 180 -21.28 42.51 -44.65
N GLY C 181 -22.48 42.66 -45.22
CA GLY C 181 -22.64 43.31 -46.51
C GLY C 181 -22.05 44.70 -46.60
N GLU C 182 -22.62 45.65 -45.86
CA GLU C 182 -22.15 47.02 -45.87
C GLU C 182 -21.62 47.48 -44.52
N TYR C 183 -21.68 46.63 -43.50
CA TYR C 183 -21.17 46.97 -42.18
C TYR C 183 -19.72 46.57 -41.99
N GLY C 184 -19.10 45.97 -43.00
CA GLY C 184 -17.71 45.60 -42.92
C GLY C 184 -17.48 44.20 -42.39
N GLU C 185 -16.41 44.03 -41.62
CA GLU C 185 -16.04 42.75 -41.05
C GLU C 185 -15.94 42.89 -39.54
N VAL C 186 -16.43 41.88 -38.81
CA VAL C 186 -16.29 41.80 -37.36
C VAL C 186 -15.52 40.53 -37.04
N THR C 187 -14.44 40.67 -36.29
CA THR C 187 -13.57 39.56 -35.94
C THR C 187 -13.67 39.28 -34.45
N VAL C 188 -13.82 38.01 -34.09
CA VAL C 188 -13.90 37.59 -32.71
C VAL C 188 -12.98 36.39 -32.52
N ASP C 189 -12.02 36.51 -31.60
CA ASP C 189 -11.14 35.41 -31.24
C ASP C 189 -11.42 35.01 -29.81
N CYS C 190 -11.73 33.73 -29.61
CA CYS C 190 -12.18 33.22 -28.32
C CYS C 190 -11.15 32.28 -27.74
N GLU C 191 -11.50 31.69 -26.60
CA GLU C 191 -10.64 30.76 -25.89
C GLU C 191 -11.40 29.47 -25.61
N PRO C 192 -11.58 28.61 -26.61
CA PRO C 192 -12.37 27.38 -26.40
C PRO C 192 -11.78 26.44 -25.36
N ARG C 193 -10.45 26.38 -25.26
CA ARG C 193 -9.82 25.40 -24.39
C ARG C 193 -10.06 25.70 -22.92
N SER C 194 -10.17 26.98 -22.55
CA SER C 194 -10.39 27.36 -21.16
C SER C 194 -11.78 27.92 -20.90
N GLY C 195 -12.68 27.86 -21.88
CA GLY C 195 -14.03 28.37 -21.69
C GLY C 195 -14.81 27.56 -20.67
N ILE C 196 -15.10 26.31 -21.00
CA ILE C 196 -15.79 25.39 -20.10
C ILE C 196 -14.77 24.39 -19.59
N ASP C 197 -14.71 24.23 -18.27
CA ASP C 197 -13.73 23.34 -17.64
C ASP C 197 -14.18 21.89 -17.84
N THR C 198 -14.04 21.43 -19.08
CA THR C 198 -14.51 20.09 -19.44
C THR C 198 -13.68 19.01 -18.76
N SER C 199 -12.52 19.36 -18.22
CA SER C 199 -11.71 18.41 -17.48
C SER C 199 -12.19 18.20 -16.06
N ALA C 200 -13.30 18.82 -15.67
CA ALA C 200 -13.88 18.65 -14.36
C ALA C 200 -15.31 18.13 -14.40
N TYR C 201 -15.79 17.68 -15.55
CA TYR C 201 -17.16 17.20 -15.69
C TYR C 201 -17.19 15.88 -16.45
N TYR C 202 -18.25 15.12 -16.21
CA TYR C 202 -18.56 13.92 -16.96
C TYR C 202 -19.93 14.06 -17.58
N VAL C 203 -20.15 13.35 -18.68
CA VAL C 203 -21.44 13.33 -19.36
C VAL C 203 -22.11 12.02 -18.97
N MET C 204 -22.92 12.09 -17.91
CA MET C 204 -23.61 10.91 -17.39
C MET C 204 -24.97 10.77 -18.07
N THR C 205 -25.26 9.57 -18.56
CA THR C 205 -26.53 9.29 -19.25
C THR C 205 -27.31 8.28 -18.41
N VAL C 206 -28.33 8.75 -17.70
CA VAL C 206 -29.17 7.90 -16.89
C VAL C 206 -30.47 7.68 -17.64
N GLY C 207 -30.71 6.44 -18.09
CA GLY C 207 -31.88 6.14 -18.88
C GLY C 207 -31.89 6.88 -20.20
N THR C 208 -32.82 7.82 -20.35
CA THR C 208 -32.89 8.66 -21.53
C THR C 208 -32.55 10.11 -21.28
N LYS C 209 -32.29 10.49 -20.02
CA LYS C 209 -31.94 11.86 -19.67
C LYS C 209 -30.45 11.94 -19.38
N THR C 210 -29.78 12.90 -20.00
CA THR C 210 -28.33 13.06 -19.88
C THR C 210 -28.01 14.29 -19.07
N PHE C 211 -26.94 14.20 -18.27
CA PHE C 211 -26.53 15.25 -17.36
C PHE C 211 -25.05 15.54 -17.52
N LEU C 212 -24.63 16.67 -16.96
CA LEU C 212 -23.21 17.06 -16.88
C LEU C 212 -22.86 17.11 -15.41
N VAL C 213 -22.18 16.07 -14.93
CA VAL C 213 -21.93 15.88 -13.50
C VAL C 213 -20.46 16.14 -13.21
N HIS C 214 -20.17 16.46 -11.95
CA HIS C 214 -18.79 16.62 -11.51
C HIS C 214 -18.06 15.29 -11.55
N ARG C 215 -16.76 15.34 -11.83
CA ARG C 215 -15.96 14.13 -11.82
C ARG C 215 -15.87 13.54 -10.42
N GLU C 216 -15.71 14.40 -9.40
CA GLU C 216 -15.61 13.91 -8.04
C GLU C 216 -16.89 13.22 -7.59
N TRP C 217 -18.05 13.80 -7.90
CA TRP C 217 -19.32 13.18 -7.52
C TRP C 217 -19.53 11.85 -8.23
N PHE C 218 -19.18 11.79 -9.51
CA PHE C 218 -19.41 10.58 -10.29
C PHE C 218 -18.60 9.40 -9.78
N MET C 219 -17.35 9.63 -9.38
CA MET C 219 -16.50 8.55 -8.91
C MET C 219 -16.81 8.13 -7.47
N ASP C 220 -17.60 8.91 -6.74
CA ASP C 220 -17.94 8.61 -5.36
C ASP C 220 -19.26 7.85 -5.22
N LEU C 221 -19.89 7.48 -6.33
CA LEU C 221 -21.13 6.73 -6.28
C LEU C 221 -20.87 5.31 -5.81
N ASN C 222 -21.67 4.84 -4.86
CA ASN C 222 -21.52 3.48 -4.31
C ASN C 222 -22.50 2.56 -5.02
N LEU C 223 -22.23 2.32 -6.30
CA LEU C 223 -23.05 1.46 -7.14
C LEU C 223 -22.12 0.52 -7.91
N PRO C 224 -22.64 -0.63 -8.36
CA PRO C 224 -21.81 -1.53 -9.18
C PRO C 224 -21.36 -0.87 -10.47
N TRP C 225 -20.05 -0.70 -10.63
CA TRP C 225 -19.48 0.02 -11.75
C TRP C 225 -18.57 -0.89 -12.56
N SER C 226 -18.66 -0.77 -13.88
CA SER C 226 -17.79 -1.48 -14.81
C SER C 226 -16.87 -0.49 -15.50
N SER C 227 -15.88 -1.02 -16.20
CA SER C 227 -14.93 -0.19 -16.93
C SER C 227 -15.54 0.22 -18.27
N ALA C 228 -14.73 0.83 -19.13
CA ALA C 228 -15.25 1.38 -20.38
C ALA C 228 -15.68 0.28 -21.35
N GLU C 229 -14.87 -0.77 -21.47
CA GLU C 229 -15.04 -1.73 -22.57
C GLU C 229 -15.95 -2.90 -22.19
N SER C 230 -17.06 -2.60 -21.52
CA SER C 230 -18.09 -3.58 -21.18
C SER C 230 -17.48 -4.86 -20.59
N ASN C 231 -16.80 -4.68 -19.46
CA ASN C 231 -16.12 -5.77 -18.78
C ASN C 231 -16.97 -6.27 -17.61
N VAL C 232 -16.36 -7.12 -16.77
CA VAL C 232 -17.06 -7.62 -15.60
C VAL C 232 -17.34 -6.48 -14.62
N TRP C 233 -18.40 -6.63 -13.84
CA TRP C 233 -18.80 -5.61 -12.89
C TRP C 233 -18.00 -5.72 -11.60
N ARG C 234 -17.97 -4.62 -10.85
CA ARG C 234 -17.28 -4.54 -9.58
C ARG C 234 -18.16 -3.80 -8.58
N ASN C 235 -17.88 -4.03 -7.29
CA ASN C 235 -18.67 -3.45 -6.19
C ASN C 235 -20.14 -3.83 -6.32
N ARG C 236 -20.38 -5.12 -6.51
CA ARG C 236 -21.72 -5.65 -6.73
C ARG C 236 -22.49 -5.89 -5.44
N GLU C 237 -21.83 -5.78 -4.28
CA GLU C 237 -22.51 -6.05 -3.02
C GLU C 237 -23.50 -4.95 -2.65
N THR C 238 -23.42 -3.80 -3.33
CA THR C 238 -24.30 -2.69 -2.98
C THR C 238 -25.72 -2.89 -3.49
N LEU C 239 -25.88 -3.64 -4.59
CA LEU C 239 -27.18 -3.84 -5.21
C LEU C 239 -27.84 -5.14 -4.81
N MET C 240 -27.30 -5.86 -3.83
CA MET C 240 -27.85 -7.12 -3.38
C MET C 240 -28.01 -7.11 -1.87
N GLU C 241 -28.98 -7.89 -1.38
CA GLU C 241 -29.22 -8.03 0.05
C GLU C 241 -29.27 -9.52 0.37
N PHE C 242 -28.47 -9.93 1.35
CA PHE C 242 -28.46 -11.31 1.83
C PHE C 242 -29.45 -11.41 2.99
N GLU C 243 -30.56 -12.10 2.78
CA GLU C 243 -31.72 -12.02 3.65
C GLU C 243 -31.44 -12.49 5.08
N GLU C 244 -31.09 -13.76 5.24
CA GLU C 244 -30.92 -14.32 6.58
C GLU C 244 -30.09 -15.59 6.50
N PRO C 245 -29.04 -15.72 7.30
CA PRO C 245 -28.19 -16.92 7.22
C PRO C 245 -28.96 -18.19 7.54
N HIS C 246 -29.08 -19.07 6.56
CA HIS C 246 -29.72 -20.37 6.71
C HIS C 246 -28.76 -21.45 6.23
N ALA C 247 -28.67 -22.54 6.99
CA ALA C 247 -27.70 -23.59 6.67
C ALA C 247 -27.98 -24.23 5.32
N THR C 248 -29.26 -24.49 5.02
CA THR C 248 -29.60 -25.14 3.77
C THR C 248 -29.45 -24.19 2.58
N LYS C 249 -30.12 -23.03 2.65
CA LYS C 249 -30.08 -22.07 1.56
C LYS C 249 -30.41 -20.68 2.10
N GLN C 250 -29.50 -19.73 1.88
CA GLN C 250 -29.73 -18.34 2.25
C GLN C 250 -30.15 -17.57 0.99
N SER C 251 -31.39 -17.08 0.99
CA SER C 251 -31.91 -16.37 -0.17
C SER C 251 -31.24 -15.02 -0.32
N VAL C 252 -30.92 -14.66 -1.57
CA VAL C 252 -30.34 -13.37 -1.90
C VAL C 252 -31.30 -12.66 -2.84
N ILE C 253 -31.62 -11.41 -2.51
CA ILE C 253 -32.54 -10.62 -3.32
C ILE C 253 -31.78 -9.46 -3.93
N ALA C 254 -32.32 -8.93 -5.02
CA ALA C 254 -31.77 -7.77 -5.70
C ALA C 254 -32.57 -6.53 -5.31
N LEU C 255 -31.87 -5.46 -4.96
CA LEU C 255 -32.56 -4.24 -4.61
C LEU C 255 -33.27 -3.66 -5.82
N GLY C 256 -34.28 -2.85 -5.55
CA GLY C 256 -35.07 -2.25 -6.62
C GLY C 256 -34.27 -1.31 -7.49
N SER C 257 -34.86 -0.85 -8.59
CA SER C 257 -34.16 0.04 -9.50
C SER C 257 -33.73 1.29 -8.78
N GLN C 258 -32.44 1.62 -8.89
CA GLN C 258 -31.87 2.81 -8.29
C GLN C 258 -31.94 4.02 -9.22
N GLU C 259 -32.73 3.94 -10.29
CA GLU C 259 -32.86 5.07 -11.20
C GLU C 259 -33.45 6.28 -10.48
N GLY C 260 -34.48 6.08 -9.66
CA GLY C 260 -35.03 7.17 -8.88
C GLY C 260 -34.05 7.73 -7.87
N ALA C 261 -33.27 6.85 -7.23
CA ALA C 261 -32.24 7.32 -6.31
C ALA C 261 -31.17 8.11 -7.04
N LEU C 262 -30.80 7.69 -8.25
CA LEU C 262 -29.85 8.45 -9.04
C LEU C 262 -30.39 9.82 -9.39
N HIS C 263 -31.67 9.89 -9.79
CA HIS C 263 -32.28 11.17 -10.10
C HIS C 263 -32.34 12.08 -8.87
N GLN C 264 -32.59 11.49 -7.70
CA GLN C 264 -32.53 12.27 -6.47
C GLN C 264 -31.13 12.79 -6.21
N ALA C 265 -30.12 11.98 -6.46
CA ALA C 265 -28.73 12.38 -6.26
C ALA C 265 -28.24 13.36 -7.31
N LEU C 266 -28.85 13.37 -8.49
CA LEU C 266 -28.49 14.32 -9.55
C LEU C 266 -29.18 15.65 -9.32
N ALA C 267 -29.04 16.23 -8.13
CA ALA C 267 -29.79 17.43 -7.80
C ALA C 267 -29.29 18.63 -8.58
N GLY C 268 -28.04 19.02 -8.35
CA GLY C 268 -27.49 20.18 -9.02
C GLY C 268 -26.91 19.92 -10.39
N ALA C 269 -27.04 18.70 -10.90
CA ALA C 269 -26.51 18.39 -12.23
C ALA C 269 -27.23 19.19 -13.30
N ILE C 270 -26.52 19.52 -14.36
CA ILE C 270 -27.03 20.33 -15.45
C ILE C 270 -27.46 19.40 -16.56
N PRO C 271 -28.76 19.27 -16.85
CA PRO C 271 -29.20 18.42 -17.95
C PRO C 271 -28.70 18.94 -19.29
N VAL C 272 -28.24 18.01 -20.13
CA VAL C 272 -27.69 18.35 -21.44
C VAL C 272 -28.34 17.47 -22.49
N GLU C 273 -28.22 17.90 -23.75
CA GLU C 273 -28.73 17.13 -24.87
C GLU C 273 -27.65 16.19 -25.39
N PHE C 274 -28.01 14.92 -25.56
CA PHE C 274 -27.07 13.90 -26.00
C PHE C 274 -27.69 13.12 -27.15
N SER C 275 -26.92 12.96 -28.23
CA SER C 275 -27.38 12.23 -29.40
C SER C 275 -26.19 11.96 -30.30
N SER C 276 -26.13 10.74 -30.86
CA SER C 276 -25.08 10.35 -31.79
C SER C 276 -23.69 10.56 -31.21
N ASN C 277 -23.53 10.16 -29.94
CA ASN C 277 -22.28 10.31 -29.20
C ASN C 277 -21.81 11.75 -29.12
N THR C 278 -22.73 12.71 -29.24
CA THR C 278 -22.41 14.13 -29.23
C THR C 278 -23.22 14.81 -28.15
N VAL C 279 -22.57 15.63 -27.33
CA VAL C 279 -23.23 16.37 -26.26
C VAL C 279 -23.39 17.81 -26.69
N LYS C 280 -24.47 18.43 -26.25
CA LYS C 280 -24.73 19.84 -26.56
C LYS C 280 -25.34 20.49 -25.33
N LEU C 281 -24.66 21.51 -24.80
CA LEU C 281 -25.13 22.25 -23.64
C LEU C 281 -25.17 23.73 -23.96
N THR C 282 -26.24 24.39 -23.54
CA THR C 282 -26.41 25.82 -23.75
C THR C 282 -25.85 26.66 -22.60
N SER C 283 -25.31 26.01 -21.56
CA SER C 283 -24.75 26.71 -20.42
C SER C 283 -23.26 26.95 -20.64
N GLY C 284 -22.58 27.40 -19.59
CA GLY C 284 -21.17 27.68 -19.65
C GLY C 284 -20.88 29.07 -20.19
N HIS C 285 -19.59 29.35 -20.36
CA HIS C 285 -19.12 30.63 -20.87
C HIS C 285 -17.98 30.40 -21.86
N LEU C 286 -17.61 31.47 -22.56
CA LEU C 286 -16.53 31.42 -23.53
C LEU C 286 -15.93 32.81 -23.65
N LYS C 287 -14.76 33.02 -23.06
CA LYS C 287 -14.10 34.30 -23.14
C LYS C 287 -13.71 34.61 -24.58
N CYS C 288 -14.14 35.76 -25.08
CA CYS C 288 -13.87 36.15 -26.45
C CYS C 288 -13.42 37.60 -26.48
N ARG C 289 -12.69 37.95 -27.54
CA ARG C 289 -12.29 39.31 -27.81
C ARG C 289 -12.81 39.70 -29.19
N VAL C 290 -13.80 40.57 -29.23
CA VAL C 290 -14.39 41.00 -30.49
C VAL C 290 -13.66 42.25 -30.97
N LYS C 291 -13.21 42.22 -32.22
CA LYS C 291 -12.46 43.32 -32.81
C LYS C 291 -13.32 44.00 -33.87
N MET C 292 -13.48 45.32 -33.73
CA MET C 292 -14.40 46.09 -34.56
C MET C 292 -13.66 47.17 -35.34
N GLU C 293 -12.44 46.87 -35.79
CA GLU C 293 -11.70 47.83 -36.61
C GLU C 293 -12.40 48.07 -37.94
N LYS C 294 -12.92 47.02 -38.56
CA LYS C 294 -13.51 47.09 -39.88
C LYS C 294 -15.03 47.20 -39.85
N LEU C 295 -15.60 47.44 -38.67
CA LEU C 295 -17.04 47.63 -38.52
C LEU C 295 -17.39 49.06 -38.88
N GLN C 296 -18.38 49.23 -39.77
CA GLN C 296 -18.73 50.54 -40.30
C GLN C 296 -20.24 50.67 -40.41
N LEU C 297 -20.70 51.92 -40.52
CA LEU C 297 -22.10 52.23 -40.69
C LEU C 297 -22.55 51.90 -42.10
N LYS C 298 -23.85 51.63 -42.25
CA LYS C 298 -24.47 51.41 -43.53
C LYS C 298 -25.51 52.49 -43.78
N GLY C 299 -25.50 53.05 -44.99
CA GLY C 299 -26.49 54.04 -45.35
C GLY C 299 -26.28 55.41 -44.75
N THR C 300 -25.05 55.76 -44.42
CA THR C 300 -24.76 57.11 -43.93
C THR C 300 -24.80 58.16 -45.03
N THR C 301 -24.68 57.75 -46.29
CA THR C 301 -24.74 58.65 -47.42
C THR C 301 -26.15 58.84 -47.95
N TYR C 302 -27.17 58.51 -47.16
CA TYR C 302 -28.56 58.69 -47.55
C TYR C 302 -29.08 59.99 -46.99
N GLY C 303 -30.00 60.63 -47.72
CA GLY C 303 -30.63 61.85 -47.27
C GLY C 303 -31.90 61.55 -46.49
N VAL C 304 -32.17 62.38 -45.48
CA VAL C 304 -33.34 62.18 -44.65
C VAL C 304 -34.61 62.35 -45.48
N CYS C 305 -35.54 61.41 -45.33
CA CYS C 305 -36.79 61.46 -46.06
C CYS C 305 -37.67 62.62 -45.58
N SER C 306 -38.34 63.25 -46.52
CA SER C 306 -39.25 64.36 -46.22
C SER C 306 -40.67 63.91 -45.97
N LYS C 307 -40.98 62.63 -46.12
CA LYS C 307 -42.32 62.13 -45.88
C LYS C 307 -42.52 61.85 -44.39
N ALA C 308 -43.74 61.46 -44.05
CA ALA C 308 -44.14 61.28 -42.66
C ALA C 308 -44.12 59.82 -42.26
N PHE C 309 -43.89 59.59 -40.96
CA PHE C 309 -43.87 58.26 -40.38
C PHE C 309 -45.10 58.11 -39.50
N ARG C 310 -45.47 56.86 -39.21
CA ARG C 310 -46.56 56.57 -38.29
C ARG C 310 -46.13 55.45 -37.32
N PHE C 311 -46.58 55.55 -36.09
CA PHE C 311 -46.31 54.50 -35.09
C PHE C 311 -47.23 53.33 -35.34
N LEU C 312 -46.65 52.16 -35.66
CA LEU C 312 -47.45 50.97 -35.89
C LEU C 312 -48.14 50.53 -34.60
N GLY C 313 -47.35 50.20 -33.58
CA GLY C 313 -47.89 49.85 -32.28
C GLY C 313 -47.30 50.69 -31.19
N THR C 314 -47.42 50.24 -29.95
CA THR C 314 -46.81 50.98 -28.86
C THR C 314 -45.36 50.55 -28.67
N PRO C 315 -44.49 51.48 -28.26
CA PRO C 315 -43.15 51.08 -27.82
C PRO C 315 -43.23 50.20 -26.59
N ALA C 316 -42.29 49.27 -26.50
CA ALA C 316 -42.24 48.33 -25.40
C ALA C 316 -40.89 48.46 -24.69
N ASP C 317 -40.93 48.56 -23.37
CA ASP C 317 -39.71 48.55 -22.58
C ASP C 317 -39.17 47.13 -22.53
N THR C 318 -37.90 46.96 -22.89
CA THR C 318 -37.29 45.64 -22.93
C THR C 318 -36.87 45.14 -21.56
N GLY C 319 -36.98 45.96 -20.52
CA GLY C 319 -36.56 45.60 -19.19
C GLY C 319 -35.12 45.93 -18.87
N HIS C 320 -34.37 46.47 -19.82
CA HIS C 320 -32.97 46.82 -19.61
C HIS C 320 -32.70 48.30 -19.85
N GLY C 321 -33.74 49.14 -19.76
CA GLY C 321 -33.60 50.56 -19.97
C GLY C 321 -33.79 51.01 -21.40
N THR C 322 -33.92 50.09 -22.35
CA THR C 322 -34.12 50.41 -23.75
C THR C 322 -35.57 50.11 -24.16
N VAL C 323 -36.07 50.90 -25.10
CA VAL C 323 -37.42 50.74 -25.62
C VAL C 323 -37.35 50.46 -27.11
N VAL C 324 -38.22 49.57 -27.57
CA VAL C 324 -38.27 49.17 -28.97
C VAL C 324 -39.62 49.58 -29.55
N LEU C 325 -39.59 50.21 -30.71
CA LEU C 325 -40.80 50.65 -31.39
C LEU C 325 -40.66 50.32 -32.88
N GLU C 326 -41.78 50.35 -33.59
CA GLU C 326 -41.78 50.09 -35.01
C GLU C 326 -42.46 51.24 -35.73
N LEU C 327 -41.82 51.73 -36.78
CA LEU C 327 -42.33 52.83 -37.58
C LEU C 327 -42.66 52.35 -38.98
N GLN C 328 -43.81 52.77 -39.50
CA GLN C 328 -44.21 52.47 -40.87
C GLN C 328 -44.02 53.74 -41.70
N TYR C 329 -43.05 53.70 -42.62
CA TYR C 329 -42.77 54.84 -43.47
C TYR C 329 -43.78 54.88 -44.62
N THR C 330 -44.47 56.01 -44.76
CA THR C 330 -45.54 56.14 -45.73
C THR C 330 -45.08 56.60 -47.10
N GLY C 331 -43.81 56.98 -47.25
CA GLY C 331 -43.33 57.48 -48.52
C GLY C 331 -42.69 56.41 -49.38
N THR C 332 -42.43 56.78 -50.63
CA THR C 332 -41.75 55.92 -51.60
C THR C 332 -40.43 56.52 -52.06
N ASP C 333 -39.74 57.26 -51.18
CA ASP C 333 -38.53 57.99 -51.54
C ASP C 333 -37.27 57.12 -51.46
N GLY C 334 -37.41 55.81 -51.49
CA GLY C 334 -36.27 54.91 -51.48
C GLY C 334 -35.60 54.84 -50.13
N PRO C 335 -34.37 54.32 -50.10
CA PRO C 335 -33.63 54.22 -48.83
C PRO C 335 -33.28 55.59 -48.30
N CYS C 336 -33.59 55.81 -47.02
CA CYS C 336 -33.36 57.10 -46.38
C CYS C 336 -33.32 56.91 -44.87
N LYS C 337 -32.49 57.72 -44.22
CA LYS C 337 -32.30 57.60 -42.78
C LYS C 337 -33.49 58.15 -42.00
N ILE C 338 -33.78 57.51 -40.88
CA ILE C 338 -34.90 57.93 -40.04
C ILE C 338 -34.46 59.13 -39.19
N PRO C 339 -35.17 60.25 -39.23
CA PRO C 339 -34.87 61.37 -38.34
C PRO C 339 -35.51 61.20 -36.96
N ILE C 340 -35.11 60.15 -36.26
CA ILE C 340 -35.70 59.79 -34.97
C ILE C 340 -34.70 60.10 -33.86
N SER C 341 -35.19 60.69 -32.77
CA SER C 341 -34.35 61.03 -31.63
C SER C 341 -35.21 61.02 -30.38
N SER C 342 -34.55 60.95 -29.22
CA SER C 342 -35.20 60.98 -27.93
C SER C 342 -34.88 62.30 -27.24
N VAL C 343 -35.93 63.02 -26.85
CA VAL C 343 -35.78 64.35 -26.26
C VAL C 343 -36.54 64.40 -24.95
N ALA C 344 -36.11 65.32 -24.08
CA ALA C 344 -36.76 65.51 -22.79
C ALA C 344 -38.01 66.38 -22.87
N SER C 345 -38.10 67.26 -23.86
CA SER C 345 -39.25 68.13 -24.02
C SER C 345 -39.38 68.49 -25.50
N LEU C 346 -40.53 69.05 -25.86
CA LEU C 346 -40.83 69.39 -27.24
C LEU C 346 -40.62 70.86 -27.55
N ASN C 347 -40.08 71.63 -26.61
CA ASN C 347 -39.74 73.03 -26.85
C ASN C 347 -38.27 73.23 -27.20
N ASP C 348 -37.46 72.19 -27.16
CA ASP C 348 -36.05 72.27 -27.52
C ASP C 348 -35.64 71.26 -28.58
N LEU C 349 -36.16 70.04 -28.52
CA LEU C 349 -35.85 68.98 -29.49
C LEU C 349 -34.36 68.69 -29.57
N THR C 350 -33.68 68.78 -28.42
CA THR C 350 -32.26 68.44 -28.33
C THR C 350 -32.13 66.97 -27.96
N PRO C 351 -31.43 66.16 -28.76
CA PRO C 351 -31.33 64.73 -28.47
C PRO C 351 -30.61 64.47 -27.15
N VAL C 352 -31.30 63.79 -26.24
CA VAL C 352 -30.75 63.48 -24.93
C VAL C 352 -30.56 61.98 -24.72
N GLY C 353 -31.36 61.13 -25.36
CA GLY C 353 -31.23 59.69 -25.23
C GLY C 353 -30.44 59.11 -26.38
N ARG C 354 -29.73 58.01 -26.10
CA ARG C 354 -28.92 57.35 -27.10
C ARG C 354 -29.75 56.33 -27.87
N LEU C 355 -29.47 56.22 -29.17
CA LEU C 355 -30.15 55.24 -30.02
C LEU C 355 -29.31 53.98 -30.09
N VAL C 356 -29.92 52.85 -29.74
CA VAL C 356 -29.24 51.56 -29.88
C VAL C 356 -29.06 51.23 -31.36
N THR C 357 -30.12 51.39 -32.15
CA THR C 357 -30.03 51.22 -33.60
C THR C 357 -29.37 52.46 -34.16
N VAL C 358 -28.04 52.40 -34.28
CA VAL C 358 -27.27 53.56 -34.74
C VAL C 358 -27.53 53.79 -36.22
N ASN C 359 -27.88 55.02 -36.57
CA ASN C 359 -28.18 55.45 -37.93
C ASN C 359 -29.27 54.58 -38.55
N PRO C 360 -30.50 54.62 -38.04
CA PRO C 360 -31.57 53.84 -38.65
C PRO C 360 -31.98 54.41 -39.99
N PHE C 361 -32.46 53.52 -40.87
CA PHE C 361 -32.87 53.94 -42.19
C PHE C 361 -33.87 52.93 -42.76
N VAL C 362 -34.61 53.36 -43.77
CA VAL C 362 -35.51 52.47 -44.50
C VAL C 362 -34.70 51.73 -45.55
N SER C 363 -34.85 50.41 -45.60
CA SER C 363 -34.09 49.59 -46.55
C SER C 363 -34.80 49.49 -47.90
N VAL C 364 -36.02 48.99 -47.91
CA VAL C 364 -36.77 48.78 -49.15
C VAL C 364 -37.32 50.11 -49.65
N SER C 365 -37.80 50.14 -50.89
CA SER C 365 -38.39 51.32 -51.49
C SER C 365 -39.88 51.14 -51.76
N THR C 366 -40.55 50.30 -50.96
CA THR C 366 -41.96 50.02 -51.15
C THR C 366 -42.80 51.17 -50.59
N ALA C 367 -44.12 51.07 -50.75
CA ALA C 367 -45.01 52.13 -50.32
C ALA C 367 -45.01 52.27 -48.80
N ASN C 368 -45.14 51.16 -48.08
CA ASN C 368 -45.14 51.17 -46.62
C ASN C 368 -44.07 50.20 -46.14
N ALA C 369 -43.07 50.74 -45.44
CA ALA C 369 -41.94 49.95 -44.95
C ALA C 369 -41.91 50.03 -43.43
N LYS C 370 -41.82 48.87 -42.78
CA LYS C 370 -41.79 48.80 -41.33
C LYS C 370 -40.34 48.74 -40.85
N VAL C 371 -40.01 49.60 -39.90
CA VAL C 371 -38.65 49.71 -39.37
C VAL C 371 -38.72 49.59 -37.85
N LEU C 372 -37.97 48.65 -37.30
CA LEU C 372 -37.87 48.49 -35.86
C LEU C 372 -36.67 49.28 -35.35
N ILE C 373 -36.91 50.17 -34.39
CA ILE C 373 -35.87 51.04 -33.85
C ILE C 373 -35.84 50.88 -32.34
N GLU C 374 -34.64 50.70 -31.79
CA GLU C 374 -34.43 50.58 -30.36
C GLU C 374 -33.70 51.81 -29.86
N LEU C 375 -34.24 52.43 -28.81
CA LEU C 375 -33.69 53.63 -28.22
C LEU C 375 -33.46 53.42 -26.73
N GLU C 376 -32.62 54.26 -26.14
CA GLU C 376 -32.37 54.27 -24.70
C GLU C 376 -32.76 55.63 -24.16
N PRO C 377 -34.02 55.82 -23.78
CA PRO C 377 -34.47 57.13 -23.30
C PRO C 377 -33.85 57.45 -21.95
N PRO C 378 -33.80 58.73 -21.59
CA PRO C 378 -33.36 59.10 -20.24
C PRO C 378 -34.40 58.76 -19.20
N PHE C 379 -33.95 58.64 -17.96
CA PHE C 379 -34.85 58.38 -16.84
C PHE C 379 -35.82 59.54 -16.67
N GLY C 380 -37.09 59.21 -16.42
CA GLY C 380 -38.11 60.23 -16.29
C GLY C 380 -38.99 60.32 -17.50
N ASP C 381 -39.52 61.51 -17.77
CA ASP C 381 -40.40 61.73 -18.92
C ASP C 381 -39.57 62.17 -20.12
N SER C 382 -39.88 61.60 -21.28
CA SER C 382 -39.17 61.94 -22.50
C SER C 382 -40.09 61.65 -23.69
N TYR C 383 -39.74 62.21 -24.83
CA TYR C 383 -40.50 62.06 -26.06
C TYR C 383 -39.66 61.38 -27.12
N ILE C 384 -40.32 60.68 -28.02
CA ILE C 384 -39.68 60.01 -29.15
C ILE C 384 -40.18 60.69 -30.41
N VAL C 385 -39.41 61.67 -30.89
CA VAL C 385 -39.81 62.46 -32.05
C VAL C 385 -39.20 61.85 -33.31
N VAL C 386 -40.00 61.79 -34.37
CA VAL C 386 -39.56 61.26 -35.66
C VAL C 386 -39.87 62.35 -36.69
N GLY C 387 -38.84 63.07 -37.14
CA GLY C 387 -39.01 64.14 -38.09
C GLY C 387 -39.20 65.49 -37.47
N ARG C 388 -39.54 66.46 -38.33
CA ARG C 388 -39.77 67.82 -37.90
C ARG C 388 -40.82 68.48 -38.78
N GLY C 389 -41.43 69.55 -38.27
CA GLY C 389 -42.46 70.25 -39.01
C GLY C 389 -43.87 69.78 -38.73
N GLU C 390 -44.74 69.85 -39.74
CA GLU C 390 -46.11 69.39 -39.59
C GLU C 390 -46.24 67.88 -39.74
N GLN C 391 -45.19 67.19 -40.18
CA GLN C 391 -45.18 65.75 -40.27
C GLN C 391 -44.43 65.10 -39.11
N GLN C 392 -44.08 65.88 -38.09
CA GLN C 392 -43.43 65.33 -36.91
C GLN C 392 -44.43 64.54 -36.07
N ILE C 393 -44.01 63.35 -35.64
CA ILE C 393 -44.81 62.51 -34.75
C ILE C 393 -44.06 62.39 -33.44
N ASN C 394 -44.74 62.66 -32.33
CA ASN C 394 -44.16 62.52 -31.01
C ASN C 394 -44.77 61.34 -30.30
N HIS C 395 -44.02 60.75 -29.38
CA HIS C 395 -44.55 59.67 -28.54
C HIS C 395 -43.97 59.84 -27.15
N HIS C 396 -44.82 60.25 -26.21
CA HIS C 396 -44.36 60.41 -24.83
C HIS C 396 -44.02 59.05 -24.23
N TRP C 397 -42.88 59.00 -23.55
CA TRP C 397 -42.47 57.80 -22.85
C TRP C 397 -41.96 58.17 -21.47
N HIS C 398 -42.32 57.36 -20.49
CA HIS C 398 -41.86 57.53 -19.11
C HIS C 398 -40.99 56.34 -18.74
N LYS C 399 -39.76 56.61 -18.30
CA LYS C 399 -38.82 55.58 -17.90
C LYS C 399 -38.65 55.61 -16.40
N SER C 400 -39.15 54.58 -15.73
CA SER C 400 -39.08 54.51 -14.28
C SER C 400 -37.67 54.15 -13.83
N GLY C 401 -37.34 54.57 -12.61
CA GLY C 401 -36.04 54.32 -12.02
C GLY C 401 -35.22 55.58 -11.88
N SER C 402 -33.94 55.37 -11.59
CA SER C 402 -33.00 56.47 -11.40
C SER C 402 -31.59 55.94 -11.65
N SER C 403 -30.65 56.88 -11.84
CA SER C 403 -29.27 56.49 -12.04
C SER C 403 -28.66 55.85 -10.79
N ILE C 404 -29.10 56.25 -9.60
CA ILE C 404 -28.64 55.60 -8.38
C ILE C 404 -29.12 54.15 -8.32
N GLY C 405 -30.40 53.93 -8.63
CA GLY C 405 -30.90 52.56 -8.71
C GLY C 405 -30.25 51.78 -9.83
N LYS C 406 -29.98 52.44 -10.95
CA LYS C 406 -29.25 51.80 -12.04
C LYS C 406 -27.85 51.38 -11.58
N ALA C 407 -27.18 52.25 -10.82
CA ALA C 407 -25.86 51.90 -10.28
C ALA C 407 -25.94 50.73 -9.32
N PHE C 408 -26.96 50.71 -8.45
CA PHE C 408 -27.12 49.59 -7.53
C PHE C 408 -27.37 48.29 -8.27
N THR C 409 -28.23 48.32 -9.29
CA THR C 409 -28.47 47.12 -10.07
C THR C 409 -27.23 46.67 -10.82
N ALA C 410 -26.45 47.61 -11.36
CA ALA C 410 -25.20 47.25 -12.04
C ALA C 410 -24.22 46.62 -11.06
N THR C 411 -24.12 47.16 -9.85
CA THR C 411 -23.24 46.57 -8.84
C THR C 411 -23.69 45.17 -8.47
N LEU C 412 -25.00 44.98 -8.30
CA LEU C 412 -25.52 43.65 -7.96
C LEU C 412 -25.23 42.66 -9.07
N LYS C 413 -25.46 43.06 -10.32
CA LYS C 413 -25.21 42.16 -11.45
C LYS C 413 -23.73 41.85 -11.58
N GLY C 414 -22.86 42.84 -11.33
CA GLY C 414 -21.43 42.58 -11.37
C GLY C 414 -20.99 41.62 -10.28
N ALA C 415 -21.55 41.77 -9.07
CA ALA C 415 -21.24 40.84 -7.99
C ALA C 415 -21.71 39.43 -8.33
N GLN C 416 -22.90 39.30 -8.90
CA GLN C 416 -23.41 37.99 -9.29
C GLN C 416 -22.53 37.37 -10.38
N ARG C 417 -22.10 38.18 -11.35
CA ARG C 417 -21.22 37.69 -12.39
C ARG C 417 -19.88 37.24 -11.82
N LEU C 418 -19.35 38.00 -10.86
CA LEU C 418 -18.10 37.61 -10.21
C LEU C 418 -18.25 36.31 -9.44
N ALA C 419 -19.38 36.13 -8.76
CA ALA C 419 -19.62 34.87 -8.05
C ALA C 419 -19.80 33.70 -9.00
N ALA C 420 -20.44 33.92 -10.15
CA ALA C 420 -20.70 32.82 -11.07
C ALA C 420 -19.50 32.47 -11.92
N LEU C 421 -18.69 33.46 -12.31
CA LEU C 421 -17.56 33.23 -13.21
C LEU C 421 -16.21 33.23 -12.50
N GLY C 422 -16.15 33.68 -11.26
CA GLY C 422 -14.89 33.73 -10.54
C GLY C 422 -13.92 34.76 -11.09
N ASP C 423 -12.74 34.30 -11.53
CA ASP C 423 -11.74 35.20 -12.08
C ASP C 423 -12.00 35.57 -13.53
N THR C 424 -12.81 34.79 -14.24
CA THR C 424 -13.14 35.11 -15.62
C THR C 424 -13.99 36.37 -15.73
N ALA C 425 -14.72 36.72 -14.67
CA ALA C 425 -15.59 37.90 -14.71
C ALA C 425 -14.80 39.20 -14.81
N TRP C 426 -13.53 39.20 -14.43
CA TRP C 426 -12.72 40.41 -14.53
C TRP C 426 -12.38 40.76 -15.98
N ASP C 427 -12.47 39.80 -16.89
CA ASP C 427 -12.23 40.02 -18.31
C ASP C 427 -13.51 40.29 -19.08
N PHE C 428 -14.52 40.86 -18.44
CA PHE C 428 -15.77 41.23 -19.09
C PHE C 428 -15.78 42.74 -19.31
N GLY C 429 -15.78 43.15 -20.58
CA GLY C 429 -15.77 44.56 -20.91
C GLY C 429 -14.45 45.24 -20.70
N SER C 430 -13.37 44.49 -20.44
CA SER C 430 -12.07 45.07 -20.17
C SER C 430 -11.33 45.28 -21.48
N VAL C 431 -10.86 46.50 -21.71
CA VAL C 431 -10.08 46.83 -22.90
C VAL C 431 -8.60 46.76 -22.55
N GLY C 432 -8.29 46.18 -21.40
CA GLY C 432 -6.93 46.11 -20.92
C GLY C 432 -6.79 46.77 -19.55
N GLY C 433 -5.92 47.76 -19.45
CA GLY C 433 -5.75 48.49 -18.22
C GLY C 433 -5.02 47.72 -17.14
N VAL C 434 -4.36 48.44 -16.23
CA VAL C 434 -3.63 47.78 -15.15
C VAL C 434 -4.51 47.42 -13.97
N PHE C 435 -5.62 48.14 -13.76
CA PHE C 435 -6.52 47.81 -12.66
C PHE C 435 -7.17 46.44 -12.89
N THR C 436 -7.60 46.15 -14.12
CA THR C 436 -8.22 44.87 -14.41
C THR C 436 -7.26 43.72 -14.18
N SER C 437 -6.01 43.86 -14.63
CA SER C 437 -5.04 42.79 -14.51
C SER C 437 -4.72 42.48 -13.05
N VAL C 438 -4.43 43.51 -12.26
CA VAL C 438 -4.12 43.28 -10.86
C VAL C 438 -5.34 42.78 -10.10
N GLY C 439 -6.52 43.27 -10.46
CA GLY C 439 -7.73 42.77 -9.83
C GLY C 439 -7.96 41.30 -10.10
N LYS C 440 -7.76 40.88 -11.36
CA LYS C 440 -7.90 39.48 -11.70
C LYS C 440 -6.85 38.63 -10.99
N ALA C 441 -5.62 39.14 -10.89
CA ALA C 441 -4.56 38.38 -10.22
C ALA C 441 -4.88 38.18 -8.75
N VAL C 442 -5.25 39.25 -8.04
CA VAL C 442 -5.57 39.11 -6.62
C VAL C 442 -6.83 38.28 -6.44
N HIS C 443 -7.78 38.35 -7.38
CA HIS C 443 -8.97 37.52 -7.28
C HIS C 443 -8.62 36.04 -7.44
N GLN C 444 -7.72 35.71 -8.36
CA GLN C 444 -7.26 34.33 -8.47
C GLN C 444 -6.59 33.87 -7.19
N VAL C 445 -5.71 34.72 -6.64
CA VAL C 445 -4.98 34.36 -5.43
C VAL C 445 -5.94 34.09 -4.27
N PHE C 446 -6.93 34.96 -4.09
CA PHE C 446 -7.88 34.77 -3.00
C PHE C 446 -8.85 33.61 -3.29
N GLY C 447 -9.25 33.45 -4.54
CA GLY C 447 -10.25 32.45 -4.87
C GLY C 447 -9.73 31.03 -4.82
N GLY C 448 -8.44 30.83 -5.11
CA GLY C 448 -7.87 29.51 -4.92
C GLY C 448 -7.99 29.04 -3.49
N ALA C 449 -7.59 29.89 -2.54
CA ALA C 449 -7.72 29.55 -1.13
C ALA C 449 -9.19 29.44 -0.72
N PHE C 450 -10.04 30.32 -1.24
CA PHE C 450 -11.46 30.28 -0.87
C PHE C 450 -12.09 28.97 -1.32
N ARG C 451 -11.79 28.53 -2.54
CA ARG C 451 -12.31 27.25 -3.00
C ARG C 451 -11.73 26.09 -2.20
N SER C 452 -10.43 26.13 -1.92
CA SER C 452 -9.82 25.06 -1.14
C SER C 452 -10.42 24.96 0.26
N LEU C 453 -10.90 26.08 0.79
CA LEU C 453 -11.44 26.10 2.15
C LEU C 453 -12.94 25.82 2.20
N PHE C 454 -13.70 26.26 1.20
CA PHE C 454 -15.16 26.12 1.21
C PHE C 454 -15.66 25.64 -0.14
N GLY C 455 -15.05 24.57 -0.66
CA GLY C 455 -15.45 24.03 -1.94
C GLY C 455 -16.80 23.36 -1.98
N GLY C 456 -16.94 22.22 -1.29
CA GLY C 456 -18.14 21.41 -1.37
C GLY C 456 -19.28 21.83 -0.47
N MET C 457 -19.13 22.90 0.29
CA MET C 457 -20.18 23.33 1.20
C MET C 457 -21.41 23.80 0.42
N SER C 458 -22.58 23.41 0.91
CA SER C 458 -23.84 23.84 0.32
C SER C 458 -24.21 25.24 0.83
N TRP C 459 -25.30 25.79 0.31
CA TRP C 459 -25.68 27.14 0.68
C TRP C 459 -26.10 27.24 2.15
N ILE C 460 -26.65 26.17 2.72
CA ILE C 460 -27.03 26.19 4.13
C ILE C 460 -25.79 26.26 5.00
N THR C 461 -24.82 25.39 4.74
CA THR C 461 -23.57 25.45 5.49
C THR C 461 -22.81 26.74 5.24
N GLN C 462 -22.81 27.22 4.00
CA GLN C 462 -22.16 28.50 3.70
C GLN C 462 -22.83 29.63 4.47
N GLY C 463 -24.16 29.66 4.50
CA GLY C 463 -24.85 30.71 5.22
C GLY C 463 -24.61 30.65 6.72
N LEU C 464 -24.68 29.44 7.30
CA LEU C 464 -24.44 29.31 8.73
C LEU C 464 -23.01 29.69 9.09
N LEU C 465 -22.04 29.27 8.29
CA LEU C 465 -20.65 29.62 8.56
C LEU C 465 -20.40 31.11 8.38
N GLY C 466 -21.04 31.74 7.39
CA GLY C 466 -20.92 33.18 7.24
C GLY C 466 -21.51 33.94 8.41
N ALA C 467 -22.67 33.49 8.90
CA ALA C 467 -23.24 34.12 10.08
C ALA C 467 -22.34 33.94 11.30
N LEU C 468 -21.78 32.75 11.48
CA LEU C 468 -20.87 32.52 12.60
C LEU C 468 -19.63 33.39 12.50
N LEU C 469 -19.08 33.52 11.29
CA LEU C 469 -17.88 34.34 11.10
C LEU C 469 -18.18 35.82 11.33
N LEU C 470 -19.35 36.28 10.89
CA LEU C 470 -19.74 37.66 11.19
C LEU C 470 -19.88 37.88 12.69
N TRP C 471 -20.49 36.92 13.39
CA TRP C 471 -20.63 37.05 14.83
C TRP C 471 -19.28 37.07 15.53
N MET C 472 -18.35 36.23 15.07
CA MET C 472 -17.00 36.24 15.65
C MET C 472 -16.27 37.54 15.36
N GLY C 473 -16.40 38.06 14.14
CA GLY C 473 -15.74 39.31 13.79
C GLY C 473 -16.28 40.51 14.54
N ILE C 474 -17.60 40.55 14.76
CA ILE C 474 -18.18 41.65 15.53
C ILE C 474 -17.65 41.64 16.95
N ASN C 475 -17.58 40.46 17.57
CA ASN C 475 -17.08 40.32 18.93
C ASN C 475 -15.57 40.20 19.00
N ALA C 476 -14.88 40.21 17.87
CA ALA C 476 -13.43 40.08 17.87
C ALA C 476 -12.78 41.30 18.50
N ARG C 477 -11.64 41.08 19.15
CA ARG C 477 -10.90 42.15 19.81
C ARG C 477 -9.92 42.83 18.85
N ASP C 478 -9.03 42.06 18.24
CA ASP C 478 -8.07 42.63 17.30
C ASP C 478 -8.77 43.03 16.01
N ARG C 479 -8.48 44.24 15.53
CA ARG C 479 -9.10 44.72 14.30
C ARG C 479 -8.56 44.02 13.07
N SER C 480 -7.37 43.42 13.15
CA SER C 480 -6.79 42.74 12.00
C SER C 480 -7.58 41.49 11.64
N ILE C 481 -7.94 40.68 12.65
CA ILE C 481 -8.71 39.48 12.38
C ILE C 481 -10.19 39.79 12.17
N ALA C 482 -10.68 40.88 12.77
CA ALA C 482 -12.08 41.24 12.59
C ALA C 482 -12.39 41.57 11.14
N PHE C 483 -11.47 42.28 10.47
CA PHE C 483 -11.69 42.66 9.07
C PHE C 483 -11.82 41.42 8.19
N THR C 484 -10.89 40.47 8.31
CA THR C 484 -10.94 39.29 7.47
C THR C 484 -12.12 38.39 7.83
N PHE C 485 -12.47 38.30 9.12
CA PHE C 485 -13.64 37.51 9.50
C PHE C 485 -14.91 38.11 8.91
N LEU C 486 -15.06 39.42 8.98
CA LEU C 486 -16.23 40.07 8.39
C LEU C 486 -16.26 39.89 6.88
N ALA C 487 -15.10 40.00 6.23
CA ALA C 487 -15.05 39.83 4.77
C ALA C 487 -15.47 38.43 4.37
N VAL C 488 -14.90 37.42 5.02
CA VAL C 488 -15.22 36.04 4.64
C VAL C 488 -16.67 35.71 4.97
N GLY C 489 -17.17 36.20 6.11
CA GLY C 489 -18.56 35.97 6.44
C GLY C 489 -19.51 36.62 5.46
N GLY C 490 -19.19 37.85 5.02
CA GLY C 490 -20.02 38.50 4.03
C GLY C 490 -20.01 37.78 2.70
N VAL C 491 -18.83 37.31 2.28
CA VAL C 491 -18.75 36.57 1.02
C VAL C 491 -19.55 35.28 1.10
N LEU C 492 -19.45 34.56 2.23
CA LEU C 492 -20.21 33.33 2.39
C LEU C 492 -21.71 33.59 2.41
N LEU C 493 -22.14 34.65 3.10
CA LEU C 493 -23.56 34.99 3.13
C LEU C 493 -24.06 35.37 1.74
N PHE C 494 -23.28 36.14 0.99
CA PHE C 494 -23.68 36.49 -0.37
C PHE C 494 -23.80 35.25 -1.23
N LEU C 495 -22.84 34.33 -1.13
CA LEU C 495 -22.90 33.10 -1.91
C LEU C 495 -24.11 32.26 -1.55
N SER C 496 -24.44 32.19 -0.26
CA SER C 496 -25.64 31.45 0.15
C SER C 496 -26.90 32.11 -0.38
N VAL C 497 -27.00 33.43 -0.28
CA VAL C 497 -28.19 34.14 -0.75
C VAL C 497 -28.27 34.10 -2.27
N ASN C 498 -27.13 34.18 -2.97
CA ASN C 498 -27.13 34.29 -4.43
C ASN C 498 -27.81 33.10 -5.10
N VAL C 499 -27.86 31.93 -4.44
CA VAL C 499 -28.58 30.79 -4.98
C VAL C 499 -30.09 30.96 -4.92
N HIS C 500 -30.56 31.97 -4.20
CA HIS C 500 -32.00 32.21 -4.01
C HIS C 500 -32.68 30.99 -3.40
N ALA C 501 -32.01 30.34 -2.47
CA ALA C 501 -32.54 29.15 -1.82
C ALA C 501 -32.67 29.37 -0.31
N GLN D 5 7.03 -14.47 9.75
CA GLN D 5 7.10 -14.61 11.20
C GLN D 5 7.47 -16.03 11.60
N THR D 6 8.45 -16.16 12.49
CA THR D 6 8.88 -17.46 12.98
C THR D 6 7.85 -18.01 13.97
N HIS D 7 7.84 -19.34 14.10
CA HIS D 7 6.84 -19.98 14.94
C HIS D 7 7.06 -19.66 16.42
N GLY D 8 8.30 -19.80 16.89
CA GLY D 8 8.62 -19.57 18.28
C GLY D 8 8.40 -20.81 19.13
N GLU D 9 8.78 -20.69 20.39
CA GLU D 9 8.68 -21.81 21.31
C GLU D 9 7.24 -22.28 21.45
N SER D 10 7.03 -23.58 21.36
CA SER D 10 5.69 -24.14 21.48
C SER D 10 5.29 -24.24 22.95
N THR D 11 4.01 -24.50 23.18
CA THR D 11 3.44 -24.56 24.52
C THR D 11 2.96 -25.97 24.86
N LEU D 12 3.62 -26.99 24.31
CA LEU D 12 3.20 -28.37 24.48
C LEU D 12 3.95 -29.09 25.59
N SER D 13 4.80 -28.39 26.32
CA SER D 13 5.65 -29.00 27.36
C SER D 13 6.46 -30.14 26.78
N ASN D 14 7.23 -29.81 25.75
CA ASN D 14 8.07 -30.79 25.06
C ASN D 14 9.38 -30.98 25.80
N LYS D 15 9.81 -32.23 25.94
CA LYS D 15 11.09 -32.55 26.55
C LYS D 15 12.18 -32.88 25.54
N LYS D 16 11.80 -33.24 24.32
CA LYS D 16 12.76 -33.46 23.25
C LYS D 16 13.05 -32.13 22.56
N GLY D 17 13.74 -32.19 21.43
CA GLY D 17 14.06 -30.99 20.69
C GLY D 17 12.98 -30.61 19.69
N ALA D 18 12.88 -29.31 19.43
CA ALA D 18 11.94 -28.79 18.45
C ALA D 18 12.52 -28.94 17.05
N TRP D 19 11.91 -28.29 16.06
CA TRP D 19 12.40 -28.41 14.69
C TRP D 19 13.80 -27.84 14.55
N MET D 20 14.06 -26.68 15.12
CA MET D 20 15.36 -26.02 15.04
C MET D 20 15.77 -25.56 16.44
N ASP D 21 16.38 -26.46 17.22
CA ASP D 21 16.92 -26.09 18.52
C ASP D 21 18.39 -25.71 18.46
N SER D 22 19.09 -26.09 17.39
CA SER D 22 20.48 -25.67 17.22
C SER D 22 20.58 -24.16 17.07
N THR D 23 19.64 -23.57 16.35
CA THR D 23 19.62 -22.13 16.11
C THR D 23 18.73 -21.38 17.09
N LYS D 24 18.29 -22.03 18.17
CA LYS D 24 17.36 -21.41 19.10
C LYS D 24 17.94 -20.13 19.70
N ALA D 25 19.26 -20.10 19.93
CA ALA D 25 19.90 -18.92 20.49
C ALA D 25 20.21 -17.87 19.44
N THR D 26 20.68 -18.28 18.27
CA THR D 26 21.06 -17.36 17.20
C THR D 26 19.92 -17.05 16.26
N ARG D 27 18.70 -17.54 16.54
CA ARG D 27 17.57 -17.32 15.65
C ARG D 27 17.26 -15.83 15.50
N TYR D 28 17.28 -15.10 16.61
CA TYR D 28 16.90 -13.69 16.61
C TYR D 28 18.09 -12.74 16.56
N LEU D 29 19.28 -13.21 16.93
CA LEU D 29 20.45 -12.33 17.06
C LEU D 29 21.27 -12.22 15.78
N VAL D 30 20.99 -13.05 14.76
CA VAL D 30 21.81 -13.02 13.55
C VAL D 30 21.64 -11.68 12.82
N LYS D 31 20.41 -11.21 12.69
CA LYS D 31 20.17 -9.98 11.94
C LYS D 31 20.81 -8.78 12.63
N THR D 32 20.69 -8.68 13.94
CA THR D 32 21.19 -7.51 14.65
C THR D 32 22.71 -7.43 14.60
N GLU D 33 23.40 -8.54 14.85
CA GLU D 33 24.86 -8.51 14.83
C GLU D 33 25.38 -8.23 13.43
N SER D 34 24.76 -8.81 12.41
CA SER D 34 25.18 -8.54 11.04
C SER D 34 24.94 -7.09 10.65
N TRP D 35 23.81 -6.52 11.04
CA TRP D 35 23.53 -5.12 10.73
C TRP D 35 24.49 -4.20 11.44
N ILE D 36 24.78 -4.47 12.72
CA ILE D 36 25.73 -3.63 13.46
C ILE D 36 27.13 -3.73 12.88
N LEU D 37 27.57 -4.94 12.53
CA LEU D 37 28.90 -5.09 11.94
C LEU D 37 29.00 -4.42 10.58
N ARG D 38 27.93 -4.45 9.79
CA ARG D 38 27.98 -3.85 8.46
C ARG D 38 28.00 -2.33 8.65
N ASN D 39 27.11 -1.84 9.52
CA ASN D 39 27.00 -0.37 9.75
C ASN D 39 27.34 -0.04 11.21
N PRO D 40 28.63 0.05 11.61
CA PRO D 40 28.99 0.28 13.00
C PRO D 40 28.86 1.75 13.42
N GLY D 41 28.83 2.66 12.43
CA GLY D 41 28.69 4.08 12.72
C GLY D 41 27.43 4.44 13.47
N TYR D 42 26.40 3.60 13.40
CA TYR D 42 25.17 3.86 14.12
C TYR D 42 25.35 3.78 15.63
N ALA D 43 26.29 2.97 16.11
CA ALA D 43 26.50 2.82 17.55
C ALA D 43 26.77 4.15 18.22
N LEU D 44 27.49 5.05 17.54
CA LEU D 44 27.71 6.39 18.08
C LEU D 44 26.41 7.18 18.13
N VAL D 45 25.60 7.08 17.07
CA VAL D 45 24.35 7.83 17.03
C VAL D 45 23.41 7.39 18.14
N ALA D 46 23.24 6.08 18.30
CA ALA D 46 22.35 5.57 19.33
C ALA D 46 22.82 5.98 20.71
N ALA D 47 24.13 5.87 20.96
CA ALA D 47 24.67 6.25 22.27
C ALA D 47 24.46 7.73 22.55
N VAL D 48 24.73 8.58 21.55
CA VAL D 48 24.57 10.02 21.75
C VAL D 48 23.11 10.38 22.00
N ILE D 49 22.20 9.82 21.20
CA ILE D 49 20.79 10.14 21.37
C ILE D 49 20.28 9.64 22.72
N GLY D 50 20.68 8.43 23.12
CA GLY D 50 20.28 7.93 24.42
C GLY D 50 20.83 8.77 25.56
N TRP D 51 22.07 9.24 25.43
CA TRP D 51 22.65 10.10 26.44
C TRP D 51 21.91 11.43 26.53
N MET D 52 21.50 11.98 25.39
CA MET D 52 20.81 13.26 25.38
C MET D 52 19.31 13.14 25.63
N LEU D 53 18.76 11.94 25.66
CA LEU D 53 17.34 11.77 25.94
C LEU D 53 17.04 11.49 27.40
N GLY D 54 17.93 10.79 28.10
CA GLY D 54 17.71 10.43 29.48
C GLY D 54 18.47 11.36 30.43
N SER D 55 17.82 11.70 31.54
CA SER D 55 18.44 12.49 32.59
C SER D 55 19.15 11.65 33.63
N ASN D 56 18.86 10.35 33.69
CA ASN D 56 19.49 9.43 34.62
C ASN D 56 20.29 8.39 33.84
N THR D 57 21.26 7.77 34.53
CA THR D 57 22.09 6.76 33.88
C THR D 57 21.26 5.57 33.41
N MET D 58 20.29 5.14 34.22
CA MET D 58 19.43 4.04 33.82
C MET D 58 18.62 4.39 32.58
N GLN D 59 18.05 5.59 32.54
CA GLN D 59 17.27 6.01 31.37
C GLN D 59 18.16 6.09 30.14
N ARG D 60 19.38 6.62 30.29
CA ARG D 60 20.29 6.75 29.15
C ARG D 60 20.68 5.38 28.61
N VAL D 61 21.01 4.43 29.49
CA VAL D 61 21.42 3.12 29.00
C VAL D 61 20.24 2.37 28.40
N VAL D 62 19.05 2.51 28.97
CA VAL D 62 17.88 1.86 28.39
C VAL D 62 17.58 2.44 27.01
N PHE D 63 17.68 3.77 26.87
CA PHE D 63 17.50 4.40 25.56
C PHE D 63 18.54 3.88 24.57
N THR D 64 19.79 3.78 24.99
CA THR D 64 20.85 3.30 24.10
C THR D 64 20.58 1.88 23.64
N VAL D 65 20.19 1.00 24.57
CA VAL D 65 19.92 -0.39 24.22
C VAL D 65 18.73 -0.48 23.28
N LEU D 66 17.65 0.26 23.56
CA LEU D 66 16.47 0.20 22.72
C LEU D 66 16.77 0.72 21.32
N LEU D 67 17.55 1.81 21.22
CA LEU D 67 17.92 2.32 19.91
C LEU D 67 18.82 1.34 19.15
N LEU D 68 19.75 0.69 19.85
CA LEU D 68 20.62 -0.29 19.21
C LEU D 68 19.85 -1.53 18.76
N LEU D 69 18.72 -1.82 19.40
CA LEU D 69 17.92 -2.98 19.04
C LEU D 69 16.88 -2.68 17.97
N VAL D 70 16.36 -1.45 17.93
CA VAL D 70 15.28 -1.15 16.99
C VAL D 70 15.82 -0.88 15.58
N ALA D 71 17.02 -0.31 15.46
CA ALA D 71 17.54 0.00 14.13
C ALA D 71 17.74 -1.23 13.26
N PRO D 72 18.40 -2.32 13.73
CA PRO D 72 18.55 -3.49 12.85
C PRO D 72 17.22 -4.12 12.48
N ALA D 73 16.43 -4.48 13.49
CA ALA D 73 15.08 -5.00 13.29
C ALA D 73 14.15 -3.80 13.22
N TYR D 74 13.90 -3.31 12.00
CA TYR D 74 13.39 -1.95 11.79
C TYR D 74 12.07 -1.71 12.52
N SER D 75 11.31 -2.77 12.78
CA SER D 75 10.05 -2.62 13.50
C SER D 75 9.65 -3.92 14.19
N GLN E 5 18.95 -11.18 6.10
CA GLN E 5 17.94 -10.14 6.10
C GLN E 5 17.55 -9.75 4.67
N THR E 6 16.69 -8.75 4.56
CA THR E 6 16.27 -8.23 3.27
C THR E 6 17.34 -7.30 2.71
N HIS E 7 17.33 -7.14 1.39
CA HIS E 7 18.37 -6.37 0.72
C HIS E 7 18.28 -4.89 1.09
N GLY E 8 17.10 -4.32 1.01
CA GLY E 8 16.90 -2.90 1.26
C GLY E 8 17.11 -2.08 0.00
N GLU E 9 16.79 -0.80 0.11
CA GLU E 9 16.84 0.09 -1.04
C GLU E 9 18.25 0.17 -1.60
N SER E 10 18.37 0.03 -2.92
CA SER E 10 19.66 0.09 -3.58
C SER E 10 20.16 1.52 -3.66
N THR E 11 21.46 1.65 -3.86
CA THR E 11 22.12 2.95 -3.95
C THR E 11 22.52 3.31 -5.39
N LEU E 12 21.99 2.61 -6.37
CA LEU E 12 22.37 2.80 -7.76
C LEU E 12 21.62 3.97 -8.42
N SER E 13 20.76 4.66 -7.67
CA SER E 13 19.92 5.73 -8.21
C SER E 13 19.04 5.20 -9.34
N ASN E 14 18.20 4.24 -8.98
CA ASN E 14 17.27 3.64 -9.92
C ASN E 14 16.01 4.50 -10.05
N LYS E 15 15.54 4.66 -11.29
CA LYS E 15 14.31 5.39 -11.54
C LYS E 15 13.11 4.49 -11.80
N LYS E 16 13.33 3.24 -12.17
CA LYS E 16 12.24 2.28 -12.27
C LYS E 16 11.99 1.66 -10.90
N GLY E 17 11.15 0.63 -10.84
CA GLY E 17 10.89 -0.06 -9.60
C GLY E 17 11.98 -1.07 -9.26
N ALA E 18 12.11 -1.36 -7.97
CA ALA E 18 13.05 -2.36 -7.50
C ALA E 18 12.44 -3.75 -7.71
N TRP E 19 13.06 -4.77 -7.14
CA TRP E 19 12.58 -6.13 -7.35
C TRP E 19 11.19 -6.32 -6.75
N MET E 20 10.98 -5.82 -5.53
CA MET E 20 9.68 -5.91 -4.86
C MET E 20 9.31 -4.52 -4.37
N ASP E 21 8.64 -3.74 -5.22
CA ASP E 21 8.23 -2.39 -4.88
C ASP E 21 6.84 -2.35 -4.26
N SER E 22 5.96 -3.29 -4.63
CA SER E 22 4.60 -3.27 -4.11
C SER E 22 4.56 -3.57 -2.61
N THR E 23 5.56 -4.27 -2.09
CA THR E 23 5.63 -4.61 -0.68
C THR E 23 6.55 -3.70 0.11
N LYS E 24 7.00 -2.60 -0.49
CA LYS E 24 7.98 -1.73 0.17
C LYS E 24 7.41 -1.14 1.47
N ALA E 25 6.15 -0.72 1.43
CA ALA E 25 5.55 -0.11 2.62
C ALA E 25 5.28 -1.15 3.71
N THR E 26 4.82 -2.34 3.32
CA THR E 26 4.42 -3.37 4.26
C THR E 26 5.53 -4.38 4.57
N ARG E 27 6.73 -4.17 4.05
CA ARG E 27 7.79 -5.17 4.21
C ARG E 27 8.20 -5.31 5.67
N TYR E 28 8.38 -4.20 6.37
CA TYR E 28 8.90 -4.24 7.74
C TYR E 28 7.81 -4.15 8.80
N LEU E 29 6.61 -3.68 8.44
CA LEU E 29 5.51 -3.58 9.39
C LEU E 29 4.59 -4.79 9.38
N VAL E 30 4.83 -5.76 8.50
CA VAL E 30 3.94 -6.92 8.42
C VAL E 30 4.00 -7.73 9.70
N LYS E 31 5.21 -7.94 10.22
CA LYS E 31 5.35 -8.72 11.45
C LYS E 31 4.84 -7.95 12.66
N THR E 32 5.06 -6.64 12.70
CA THR E 32 4.70 -5.86 13.88
C THR E 32 3.20 -5.80 14.07
N GLU E 33 2.45 -5.50 13.01
CA GLU E 33 1.00 -5.42 13.14
C GLU E 33 0.40 -6.78 13.47
N SER E 34 0.92 -7.85 12.85
CA SER E 34 0.42 -9.19 13.15
C SER E 34 0.70 -9.58 14.59
N TRP E 35 1.88 -9.24 15.10
CA TRP E 35 2.21 -9.54 16.48
C TRP E 35 1.34 -8.75 17.44
N ILE E 36 1.13 -7.46 17.16
CA ILE E 36 0.31 -6.64 18.04
C ILE E 36 -1.13 -7.12 18.07
N LEU E 37 -1.69 -7.45 16.91
CA LEU E 37 -3.05 -7.95 16.87
C LEU E 37 -3.18 -9.35 17.45
N ARG E 38 -2.08 -10.11 17.51
CA ARG E 38 -2.13 -11.46 18.06
C ARG E 38 -2.24 -11.46 19.58
N ASN E 39 -1.53 -10.55 20.25
CA ASN E 39 -1.58 -10.46 21.71
C ASN E 39 -1.46 -9.00 22.12
N PRO E 40 -2.58 -8.29 22.22
CA PRO E 40 -2.55 -6.88 22.60
C PRO E 40 -2.29 -6.63 24.07
N GLY E 41 -2.10 -7.69 24.87
CA GLY E 41 -1.83 -7.49 26.28
C GLY E 41 -0.50 -6.83 26.55
N TYR E 42 0.46 -6.96 25.62
CA TYR E 42 1.75 -6.33 25.81
C TYR E 42 1.67 -4.82 25.73
N ALA E 43 0.73 -4.29 24.94
CA ALA E 43 0.61 -2.84 24.81
C ALA E 43 0.38 -2.16 26.14
N LEU E 44 -0.35 -2.82 27.05
CA LEU E 44 -0.48 -2.31 28.41
C LEU E 44 0.87 -2.33 29.13
N VAL E 45 1.64 -3.41 28.96
CA VAL E 45 2.93 -3.53 29.62
C VAL E 45 3.88 -2.43 29.15
N ALA E 46 3.94 -2.22 27.83
CA ALA E 46 4.83 -1.20 27.29
C ALA E 46 4.44 0.18 27.78
N ALA E 47 3.15 0.49 27.80
CA ALA E 47 2.69 1.79 28.27
C ALA E 47 3.03 1.99 29.74
N VAL E 48 2.78 0.97 30.57
CA VAL E 48 3.05 1.10 32.00
C VAL E 48 4.55 1.27 32.25
N ILE E 49 5.38 0.48 31.57
CA ILE E 49 6.82 0.59 31.77
C ILE E 49 7.33 1.94 31.31
N GLY E 50 6.87 2.42 30.15
CA GLY E 50 7.28 3.72 29.68
C GLY E 50 6.85 4.85 30.60
N TRP E 51 5.64 4.73 31.17
CA TRP E 51 5.17 5.73 32.11
C TRP E 51 5.99 5.73 33.40
N MET E 52 6.37 4.55 33.87
CA MET E 52 7.11 4.43 35.13
C MET E 52 8.62 4.55 34.95
N LEU E 53 9.11 4.69 33.71
CA LEU E 53 10.54 4.81 33.47
C LEU E 53 10.97 6.20 33.02
N GLY E 54 10.07 6.96 32.40
CA GLY E 54 10.40 8.29 31.93
C GLY E 54 9.90 9.37 32.90
N SER E 55 10.65 10.46 32.98
CA SER E 55 10.30 11.58 33.84
C SER E 55 9.50 12.67 33.12
N ASN E 56 9.70 12.82 31.81
CA ASN E 56 8.97 13.79 31.01
C ASN E 56 8.02 13.05 30.07
N THR E 57 7.04 13.78 29.55
CA THR E 57 6.09 13.16 28.63
C THR E 57 6.77 12.69 27.36
N MET E 58 7.74 13.44 26.86
CA MET E 58 8.49 13.02 25.67
C MET E 58 9.25 11.73 25.95
N GLN E 59 9.90 11.64 27.12
CA GLN E 59 10.61 10.43 27.47
C GLN E 59 9.66 9.24 27.59
N ARG E 60 8.50 9.47 28.20
CA ARG E 60 7.52 8.38 28.37
C ARG E 60 7.03 7.87 27.02
N VAL E 61 6.69 8.78 26.11
CA VAL E 61 6.16 8.34 24.82
C VAL E 61 7.24 7.68 23.98
N VAL E 62 8.48 8.19 24.05
CA VAL E 62 9.57 7.55 23.31
C VAL E 62 9.83 6.16 23.86
N PHE E 63 9.82 6.00 25.19
CA PHE E 63 9.98 4.68 25.79
C PHE E 63 8.88 3.74 25.34
N THR E 64 7.63 4.21 25.34
CA THR E 64 6.51 3.36 24.93
C THR E 64 6.66 2.92 23.48
N VAL E 65 7.01 3.85 22.59
CA VAL E 65 7.16 3.51 21.18
C VAL E 65 8.32 2.53 20.99
N LEU E 66 9.45 2.78 21.65
CA LEU E 66 10.61 1.91 21.49
C LEU E 66 10.31 0.51 21.99
N LEU E 67 9.60 0.39 23.13
CA LEU E 67 9.23 -0.94 23.62
C LEU E 67 8.24 -1.63 22.69
N LEU E 68 7.22 -0.91 22.20
CA LEU E 68 6.26 -1.49 21.29
C LEU E 68 6.87 -1.88 19.95
N LEU E 69 8.02 -1.30 19.61
CA LEU E 69 8.72 -1.72 18.40
C LEU E 69 9.74 -2.82 18.63
N VAL E 70 10.28 -2.91 19.86
CA VAL E 70 11.32 -3.89 20.12
C VAL E 70 10.78 -5.23 20.59
N ALA E 71 9.52 -5.29 21.02
CA ALA E 71 9.00 -6.60 21.42
C ALA E 71 8.59 -7.45 20.23
N PRO E 72 7.83 -6.94 19.24
CA PRO E 72 7.48 -7.80 18.10
C PRO E 72 8.69 -8.31 17.34
N ALA E 73 9.57 -7.41 16.92
CA ALA E 73 10.87 -7.79 16.37
C ALA E 73 11.80 -8.02 17.55
N TYR E 74 12.01 -9.29 17.91
CA TYR E 74 12.55 -9.63 19.22
C TYR E 74 13.95 -9.07 19.42
N SER E 75 14.66 -8.76 18.34
CA SER E 75 15.97 -8.15 18.45
C SER E 75 15.98 -6.75 17.86
N GLN F 5 -25.21 10.72 -0.95
CA GLN F 5 -24.55 11.96 -1.34
C GLN F 5 -25.20 12.58 -2.56
N THR F 6 -25.69 13.80 -2.41
CA THR F 6 -26.29 14.53 -3.52
C THR F 6 -25.21 15.22 -4.35
N HIS F 7 -25.64 15.78 -5.48
CA HIS F 7 -24.68 16.41 -6.38
C HIS F 7 -24.25 17.78 -5.86
N GLY F 8 -25.20 18.68 -5.67
CA GLY F 8 -24.91 20.04 -5.24
C GLY F 8 -24.76 20.98 -6.42
N GLU F 9 -24.66 22.26 -6.10
CA GLU F 9 -24.57 23.29 -7.14
C GLU F 9 -23.33 23.07 -8.00
N SER F 10 -23.52 23.12 -9.31
CA SER F 10 -22.42 22.93 -10.25
C SER F 10 -21.69 24.23 -10.48
N THR F 11 -20.41 24.13 -10.81
CA THR F 11 -19.54 25.29 -11.02
C THR F 11 -19.44 25.69 -12.49
N LEU F 12 -20.47 25.42 -13.28
CA LEU F 12 -20.47 25.73 -14.70
C LEU F 12 -21.00 27.12 -15.01
N SER F 13 -21.42 27.88 -13.99
CA SER F 13 -22.01 29.20 -14.17
C SER F 13 -23.25 29.11 -15.08
N ASN F 14 -24.21 28.33 -14.62
CA ASN F 14 -25.46 28.14 -15.35
C ASN F 14 -26.43 29.27 -15.03
N LYS F 15 -27.09 29.78 -16.05
CA LYS F 15 -28.10 30.82 -15.88
C LYS F 15 -29.52 30.28 -15.91
N LYS F 16 -29.72 29.05 -16.36
CA LYS F 16 -31.00 28.38 -16.28
C LYS F 16 -31.07 27.59 -14.97
N GLY F 17 -32.06 26.72 -14.84
CA GLY F 17 -32.19 25.89 -13.67
C GLY F 17 -31.43 24.58 -13.80
N ALA F 18 -31.07 24.01 -12.65
CA ALA F 18 -30.41 22.72 -12.60
C ALA F 18 -31.47 21.62 -12.72
N TRP F 19 -31.09 20.37 -12.46
CA TRP F 19 -32.02 19.26 -12.64
C TRP F 19 -33.21 19.39 -11.70
N MET F 20 -32.96 19.60 -10.41
CA MET F 20 -34.02 19.76 -9.41
C MET F 20 -33.82 21.11 -8.72
N ASP F 21 -34.36 22.16 -9.32
CA ASP F 21 -34.24 23.50 -8.76
C ASP F 21 -35.39 23.83 -7.79
N SER F 22 -36.52 23.15 -7.92
CA SER F 22 -37.64 23.40 -7.00
C SER F 22 -37.32 22.95 -5.58
N THR F 23 -36.56 21.87 -5.44
CA THR F 23 -36.19 21.34 -4.13
C THR F 23 -34.89 21.94 -3.61
N LYS F 24 -34.35 22.96 -4.30
CA LYS F 24 -33.04 23.50 -3.93
C LYS F 24 -33.03 24.08 -2.53
N ALA F 25 -34.17 24.49 -2.00
CA ALA F 25 -34.24 25.06 -0.66
C ALA F 25 -34.58 24.05 0.42
N THR F 26 -35.38 23.03 0.12
CA THR F 26 -35.81 22.07 1.11
C THR F 26 -34.99 20.78 1.12
N ARG F 27 -34.06 20.61 0.17
CA ARG F 27 -33.33 19.36 0.04
C ARG F 27 -32.52 19.06 1.30
N TYR F 28 -31.89 20.08 1.87
CA TYR F 28 -31.06 19.90 3.06
C TYR F 28 -31.80 20.26 4.35
N LEU F 29 -33.11 20.43 4.29
CA LEU F 29 -33.90 20.78 5.48
C LEU F 29 -35.06 19.85 5.75
N VAL F 30 -35.54 19.07 4.78
CA VAL F 30 -36.69 18.21 5.02
C VAL F 30 -36.39 17.19 6.10
N LYS F 31 -35.20 16.56 6.04
CA LYS F 31 -34.84 15.54 7.02
C LYS F 31 -34.76 16.13 8.42
N THR F 32 -34.11 17.29 8.55
CA THR F 32 -33.98 17.93 9.86
C THR F 32 -35.34 18.33 10.42
N GLU F 33 -36.21 18.91 9.58
CA GLU F 33 -37.53 19.32 10.05
C GLU F 33 -38.34 18.11 10.50
N SER F 34 -38.33 17.04 9.69
CA SER F 34 -39.08 15.85 10.03
C SER F 34 -38.55 15.19 11.30
N TRP F 35 -37.24 15.17 11.49
CA TRP F 35 -36.67 14.57 12.70
C TRP F 35 -37.01 15.40 13.92
N ILE F 36 -36.86 16.73 13.83
CA ILE F 36 -37.14 17.59 14.98
C ILE F 36 -38.62 17.51 15.37
N LEU F 37 -39.52 17.54 14.37
CA LEU F 37 -40.93 17.41 14.69
C LEU F 37 -41.28 16.04 15.26
N ARG F 38 -40.57 14.99 14.84
CA ARG F 38 -40.87 13.65 15.31
C ARG F 38 -40.64 13.49 16.80
N ASN F 39 -39.55 14.04 17.33
CA ASN F 39 -39.23 13.93 18.75
C ASN F 39 -38.73 15.28 19.26
N PRO F 40 -39.63 16.14 19.72
CA PRO F 40 -39.20 17.44 20.25
C PRO F 40 -38.49 17.34 21.60
N GLY F 41 -38.47 16.17 22.23
CA GLY F 41 -37.83 16.04 23.52
C GLY F 41 -36.32 16.20 23.45
N TYR F 42 -35.73 15.94 22.28
CA TYR F 42 -34.29 16.11 22.13
C TYR F 42 -33.89 17.58 22.18
N ALA F 43 -34.79 18.48 21.75
CA ALA F 43 -34.46 19.91 21.75
C ALA F 43 -34.13 20.41 23.15
N LEU F 44 -34.75 19.81 24.19
CA LEU F 44 -34.37 20.15 25.55
C LEU F 44 -32.95 19.67 25.87
N VAL F 45 -32.59 18.48 25.40
CA VAL F 45 -31.25 17.94 25.66
C VAL F 45 -30.19 18.83 25.03
N ALA F 46 -30.40 19.21 23.77
CA ALA F 46 -29.41 20.04 23.08
C ALA F 46 -29.25 21.39 23.77
N ALA F 47 -30.37 22.03 24.13
CA ALA F 47 -30.30 23.33 24.78
C ALA F 47 -29.61 23.23 26.14
N VAL F 48 -29.95 22.21 26.92
CA VAL F 48 -29.34 22.07 28.25
C VAL F 48 -27.85 21.80 28.13
N ILE F 49 -27.45 20.90 27.22
CA ILE F 49 -26.04 20.58 27.07
C ILE F 49 -25.26 21.78 26.57
N GLY F 50 -25.83 22.54 25.61
CA GLY F 50 -25.17 23.75 25.17
C GLY F 50 -25.03 24.78 26.27
N TRP F 51 -26.07 24.96 27.08
CA TRP F 51 -26.01 25.91 28.19
C TRP F 51 -24.98 25.52 29.23
N MET F 52 -24.87 24.22 29.54
CA MET F 52 -23.93 23.75 30.54
C MET F 52 -22.53 23.56 29.97
N LEU F 53 -22.37 23.61 28.65
CA LEU F 53 -21.07 23.45 28.02
C LEU F 53 -20.44 24.77 27.59
N GLY F 54 -21.23 25.80 27.32
CA GLY F 54 -20.70 27.10 26.94
C GLY F 54 -20.69 28.04 28.12
N SER F 55 -19.58 28.76 28.27
CA SER F 55 -19.42 29.73 29.34
C SER F 55 -19.71 31.16 28.89
N ASN F 56 -20.18 31.33 27.65
CA ASN F 56 -20.49 32.64 27.12
C ASN F 56 -21.83 32.56 26.39
N THR F 57 -22.53 33.69 26.34
CA THR F 57 -23.86 33.72 25.73
C THR F 57 -23.83 33.37 24.25
N MET F 58 -22.69 33.53 23.59
CA MET F 58 -22.57 33.14 22.18
C MET F 58 -22.19 31.67 22.05
N GLN F 59 -21.30 31.19 22.92
CA GLN F 59 -20.90 29.79 22.89
C GLN F 59 -22.08 28.87 23.16
N ARG F 60 -22.96 29.25 24.10
CA ARG F 60 -24.15 28.44 24.36
C ARG F 60 -25.03 28.33 23.13
N VAL F 61 -25.24 29.45 22.44
CA VAL F 61 -26.09 29.44 21.25
C VAL F 61 -25.46 28.58 20.15
N VAL F 62 -24.15 28.73 19.93
CA VAL F 62 -23.50 27.93 18.89
C VAL F 62 -23.55 26.45 19.24
N PHE F 63 -23.31 26.11 20.50
CA PHE F 63 -23.38 24.70 20.91
C PHE F 63 -24.79 24.16 20.72
N THR F 64 -25.81 24.93 21.09
CA THR F 64 -27.19 24.46 20.93
C THR F 64 -27.52 24.25 19.46
N VAL F 65 -27.11 25.19 18.59
CA VAL F 65 -27.39 25.05 17.16
C VAL F 65 -26.69 23.82 16.60
N LEU F 66 -25.42 23.64 16.95
CA LEU F 66 -24.67 22.50 16.42
C LEU F 66 -25.25 21.18 16.91
N LEU F 67 -25.66 21.11 18.18
CA LEU F 67 -26.28 19.89 18.69
C LEU F 67 -27.63 19.62 18.04
N LEU F 68 -28.42 20.67 17.79
CA LEU F 68 -29.70 20.50 17.12
C LEU F 68 -29.55 20.17 15.64
N LEU F 69 -28.39 20.44 15.05
CA LEU F 69 -28.15 20.07 13.66
C LEU F 69 -27.52 18.70 13.51
N VAL F 70 -26.69 18.27 14.47
CA VAL F 70 -25.98 17.01 14.33
C VAL F 70 -26.94 15.83 14.46
N ALA F 71 -27.86 15.87 15.42
CA ALA F 71 -28.71 14.71 15.67
C ALA F 71 -29.60 14.35 14.49
N PRO F 72 -30.34 15.29 13.86
CA PRO F 72 -31.19 14.88 12.73
C PRO F 72 -30.42 14.26 11.59
N ALA F 73 -29.22 14.75 11.30
CA ALA F 73 -28.35 14.20 10.26
C ALA F 73 -27.19 13.52 10.97
N TYR F 74 -27.37 12.24 11.29
CA TYR F 74 -26.45 11.52 12.17
C TYR F 74 -25.02 11.51 11.66
N SER F 75 -24.83 11.71 10.36
CA SER F 75 -23.50 11.72 9.76
C SER F 75 -22.64 12.85 10.33
#